data_8R2D
#
_entry.id   8R2D
#
_cell.length_a   1.00
_cell.length_b   1.00
_cell.length_c   1.00
_cell.angle_alpha   90.00
_cell.angle_beta   90.00
_cell.angle_gamma   90.00
#
_symmetry.space_group_name_H-M   'P 1'
#
loop_
_entity.id
_entity.type
_entity.pdbx_description
1 polymer 'BRCA1-associated ATM activator 1'
2 polymer 'Integrator complex subunit 9'
3 polymer 'Integrator complex subunit 11'
4 polymer 'Integrator complex subunit 4'
5 non-polymer 'ZINC ION'
#
loop_
_entity_poly.entity_id
_entity_poly.type
_entity_poly.pdbx_seq_one_letter_code
_entity_poly.pdbx_strand_id
1 'polypeptide(L)'
;GPSQSNMDPECAQLLPALCAVLVDPRQPVADDTCLEKLLDWFKTVTEGESSVVLLQEHPCLVELLSHVLKVQDLSSGVLS
FSLRLAGTFAAQENCFQYLQQGELLPGLFGEPGPLGRATWAVPTVRSGWIQGLRSLAQHPSALRFLADHGAVDTIFSLQG
DSSLFVASAASQLLVHVLALSMRGGAEGQPCLPGGDWPACAQKIMDHVEESLCSAATPKVTQALNVLTTTFGRCQSPWTE
ALWVRLSPRVACLLERDPIPAAHSFVDLLLCVARSPVFSSSDGSLWETVARALSCLGPTHMGPLALGILKLEHCPQALRT
QAFQVLLQPLACVLKATVQAPGPPGLLDGTADDATTVDTLLASKSSCAGLLCRTLAHLEELQPLPQRPSPWPQASLLGAT
VTVLRLCDGSAAPASSVGGHLCGTLAGCVRVQRAALDFLGTLSQGTGPQELVTQALAVLLECLESPGSSPTVLKKAFQAT
LRWLLSSPKTPGCSDLGPLIPQFLRELFPVLQKRLCHPCWEVRDSALEFLTQLSRHWGGQADFRCALLASEVPQLALQLL
QDPESYVRASAVTAMGQLSSQGLHAPTSPEHAEARQSLFLELLHILSVDSEGFPRRAVMQVFTEWLRDGHADAAQDTEQF
VATVLQAASRDLDWEVRAQGLELALVFLGQTLGPPRTHCPYAVALPEVAPAQPLTEALRALCHVGLFDFAFCALFDCDRP
VAQKSCDLLLFLRDKIASYSSLREARGSPNTASAEATLPRWRAGEQAQPPGDQEPEAVLAMLRSLDLEGLRSTLAESSDH
VEKSPQSLLQDMLATGGFLQGDEADCY
;
A
2 'polypeptide(L)'
;MKLYCLSGHPTLPCNVLKFKSTTIMLDCGLDMTSTLNFLPLPLVQSPRLSNLPGWSLKDGNAFLDKELKECSGHVFVDSV
PEFCLPETELIDLSTVDVILISNYHCMMALPYITEHTGFTGTVYATEPTVQIGRLLMEELVNFIERVPKAQSASLWKNKD
IQRLLPSPLKDAVEVSTWRRCYTMQEVNSALSKIQLVGYSQKIELFGAVQVTPLSSGYALGSSNWIIQSHYEKVSYVSGS
SLLTTHPQPMDQASLKNSDVLVLTGLTQIPTANPDGMVGEFCSNLALTVRNGGNVLVPCYPSGVIYDLLECLYQYIDSAG
LSSVPLYFISPVANSSLEFSQIFAEWLCHNKQSKVYLPEPPFPHAELIQTNKLKHYPSIHGDFSNDFRQPCVVFTGHPSL
RFGDVVHFMELWGKSSLNTVIFTEPDFSYLEALAPYQPLAMKCIYCPIDTRLNFIQVSKLLKEVQPLHVVCPEQYTQPPP
AQSHRMDLMIDCQPPAMSYRRAEVLALPFKRRYEKIEIMPELADSLVPMEIKPGISLATVSAVLHTKDNKHLLQPPPRPA
QPTSGKKRKRVSDDVPDCKVLKPLLSGSIPVEQFVQTLEKHGFSDIKVEDTAKGHIVLLQEAETLIQIEEDSTHIICDND
EMLRVRLRDLVLKFLQKF
;
B
3 'polypeptide(L)'
;GPSDPGPKRAEFMPEIRVTPLGAGQDVGRSCILVSIAGKNVMLDCGMHMGFNDDRRFPDFSYITQNGRLTDFLDCVIISH
FHLDHCGALPYFSEMVGYDGPIYMTHPTQAICPILLEDYRKIAVDKKGEANFFTSQMIKDCMKKVVAVHLHQTVQVDDEL
EIKAYYAGHVLGAAMFQIKVGSESVVYTGDYNMTPDRHLGAAWIDKCRPNLLITESTYATTIRDSKRCRERDFLKKVHET
VERGGKVLIPVFALGRAQELCILLETFWERMNLKVPIYFSTGLTEKANHYYKLFIPWTNQKIRKTFVQRNMFEFKHIKAF
DRAFADNPGPMVVFATPGMLHAGQSLQIFRKWAGNEKNMVIMPGYCVQGTVGHKILSGQRKLEMEGRQVLEVKMQVEYMS
FSAHADAKGIMQLVGQAEPESVLLVHGEAKKMEFLKQKIEQELRVNCYMPANGETVTLPTSPSIPVGISLGLLKREMAQG
LLPEAKKPRLLHGTLIMKDSNFRLVSSEQALKELGLAEHQLRFTCRVHLHDTRKEQETALRVYSHLKSVLKDHCVQHLPD
GSVTVESVLLQAAAPSEDPGTKVLLVSWTYQDEELGSFLTSLLKKGLPQAPS
;
C
4 'polypeptide(L)'
;GPSDPGPKRAMAAHLKKRVYEEFTKVVQPQEEIATKKLRLTKPSKSAALHIDLCKATSPADALQYLLQFARKPVEAESVE
GVVRILLEHYYKENDPSVRLKIASLLGLLSKTAGFSPDCIMDDAINILQNEKSHQVLAQLLDTLLAIGTKLPENQAIQMR
LVDVACKHLTDTSHGVRNKCLQLLGNLGSLEKSVTKDAEGLAARDVQKIIGDYFSDQDPRVRTAAIKAMLQLHERGLKLH
QTIYNQACKLLSDDYEQVRSAAVQLIWVVSQLYPESIVPIPSSNEEIRLVDDAFGKICHMVSDGSWVVRVQAAKLLGSME
QVSSHFLEQTLDKKLMSDLRRKRTAHERAKELYSSGEFSSGRKWGDDAPKEEVDTGAVNLIESGACGAFVHGLEDEMYEV
RIAAVEALCMLAQSSPSFAEKCLDFLVDMFNDEIEEVRLQSIHTMRKISNNITLREDQLDTVLAVLEDSSRDIREALHEL
LCCTNVSTKEGIHLALVELLKNLTKYPTDRDSIWKCLKFLGSRHPTLVLPLVPELLSTHPFFDTAEPDMDDPAYIAVLVL
IFNAAKTCPTMPALFSDHTFRHYAYLRDSLSHLVPALRLPGRKLVSSAVSPSIIPQEDPSQQFLQQSLERVYSLQHLDPQ
GAQELLEFTIRDLQRLGELQSELAGVADFSATYLRCQLLLIKALQEKLWNVAAPLYLKQSDLASAAAKQIMEETYKMEFM
YSGVENKQVVIIHHMRLQAKALQLIVTARTTRGLDPLFGMCEKFLQEVDFFQRYFIADLPHLQDSFVDKLLDLMPRLMTS
KPAEVVKILQTMLRQSAFLHLPLPEQIHKASATIIEPAGESDNPLRFTSGLVVALDVDATLEHVQDPQNTVKVQVLYPDG
QAQMIHPKPADFRNPGPGRHRLITQVYLSHTAWTEACQVEVRLLLAYNSSARIPKCPWMEGGEMSPQVETSIEGTIPFSK
PVKVYIMPKPARR
;
D
#
loop_
_chem_comp.id
_chem_comp.type
_chem_comp.name
_chem_comp.formula
ZN non-polymer 'ZINC ION' 'Zn 2'
#
# COMPACT_ATOMS: atom_id res chain seq x y z
N MET A 7 22.91 29.38 62.82
CA MET A 7 22.98 29.00 61.41
C MET A 7 24.12 29.72 60.70
N ASP A 8 23.84 30.92 60.22
CA ASP A 8 24.83 31.75 59.53
C ASP A 8 24.33 33.19 59.47
N PRO A 9 25.18 34.16 59.78
CA PRO A 9 24.73 35.56 59.84
C PRO A 9 24.40 36.14 58.47
N GLU A 10 25.19 35.81 57.46
CA GLU A 10 25.05 36.37 56.12
C GLU A 10 23.63 36.17 55.58
N CYS A 11 23.00 35.05 55.95
CA CYS A 11 21.60 34.84 55.65
C CYS A 11 20.67 35.23 56.78
N ALA A 12 21.20 35.31 58.01
CA ALA A 12 20.36 35.67 59.16
C ALA A 12 19.80 37.08 59.01
N GLN A 13 20.59 37.99 58.45
CA GLN A 13 20.11 39.36 58.27
C GLN A 13 18.93 39.45 57.31
N LEU A 14 18.76 38.46 56.43
CA LEU A 14 17.64 38.43 55.51
C LEU A 14 16.39 37.83 56.11
N LEU A 15 16.51 37.12 57.24
CA LEU A 15 15.36 36.40 57.80
C LEU A 15 14.18 37.32 58.12
N PRO A 16 14.35 38.48 58.75
CA PRO A 16 13.16 39.28 59.11
C PRO A 16 12.34 39.72 57.92
N ALA A 17 12.98 40.23 56.87
CA ALA A 17 12.23 40.73 55.72
C ALA A 17 11.50 39.59 55.00
N LEU A 18 12.15 38.45 54.84
CA LEU A 18 11.48 37.32 54.18
C LEU A 18 10.36 36.77 55.04
N CYS A 19 10.54 36.74 56.36
CA CYS A 19 9.45 36.34 57.25
C CYS A 19 8.26 37.29 57.09
N ALA A 20 8.53 38.59 57.00
CA ALA A 20 7.47 39.57 56.84
C ALA A 20 6.73 39.37 55.52
N VAL A 21 7.47 39.17 54.42
CA VAL A 21 6.81 38.99 53.13
C VAL A 21 6.06 37.65 53.09
N LEU A 22 6.51 36.67 53.88
CA LEU A 22 5.77 35.42 53.97
C LEU A 22 4.45 35.62 54.69
N VAL A 23 4.48 36.24 55.88
CA VAL A 23 3.26 36.43 56.64
C VAL A 23 2.34 37.48 56.05
N ASP A 24 2.80 38.22 55.05
CA ASP A 24 1.97 39.24 54.40
C ASP A 24 1.54 38.74 53.03
N PRO A 25 0.25 38.74 52.73
CA PRO A 25 -0.23 38.26 51.43
C PRO A 25 -0.42 39.34 50.37
N ARG A 26 -0.18 40.60 50.70
CA ARG A 26 -0.37 41.66 49.71
C ARG A 26 0.68 41.56 48.60
N GLN A 27 1.90 41.16 48.95
CA GLN A 27 2.85 40.76 47.94
C GLN A 27 2.38 39.47 47.29
N PRO A 28 2.69 39.26 46.01
CA PRO A 28 2.16 38.09 45.30
C PRO A 28 2.57 36.78 45.97
N VAL A 29 1.90 35.71 45.54
CA VAL A 29 2.06 34.42 46.18
C VAL A 29 3.48 33.89 46.00
N ALA A 30 3.88 33.00 46.90
CA ALA A 30 5.21 32.39 46.87
C ALA A 30 5.27 31.33 45.79
N ASP A 31 6.37 30.57 45.75
CA ASP A 31 6.54 29.52 44.76
C ASP A 31 6.93 28.22 45.46
N ASP A 32 6.53 27.09 44.85
CA ASP A 32 6.63 25.81 45.54
C ASP A 32 8.08 25.39 45.77
N THR A 33 8.87 25.32 44.70
CA THR A 33 10.25 24.86 44.83
C THR A 33 11.04 25.73 45.79
N CYS A 34 10.71 27.02 45.86
CA CYS A 34 11.33 27.90 46.86
C CYS A 34 11.10 27.36 48.26
N LEU A 35 9.83 27.17 48.63
CA LEU A 35 9.50 26.62 49.94
C LEU A 35 10.20 25.28 50.17
N GLU A 36 10.23 24.43 49.14
CA GLU A 36 10.79 23.09 49.32
C GLU A 36 12.27 23.14 49.64
N LYS A 37 13.04 23.85 48.81
CA LYS A 37 14.47 23.96 49.07
C LYS A 37 14.78 24.72 50.35
N LEU A 38 13.94 25.69 50.72
CA LEU A 38 14.16 26.42 51.96
C LEU A 38 13.92 25.53 53.17
N LEU A 39 12.84 24.75 53.15
CA LEU A 39 12.59 23.79 54.21
C LEU A 39 13.70 22.74 54.26
N ASP A 40 14.24 22.35 53.10
CA ASP A 40 15.37 21.42 53.09
C ASP A 40 16.57 22.04 53.81
N TRP A 41 16.84 23.31 53.52
CA TRP A 41 17.94 23.99 54.21
C TRP A 41 17.70 24.04 55.72
N PHE A 42 16.46 24.29 56.13
CA PHE A 42 16.15 24.23 57.56
C PHE A 42 16.39 22.84 58.13
N LYS A 43 15.93 21.81 57.43
CA LYS A 43 16.15 20.44 57.88
C LYS A 43 17.62 20.15 58.09
N THR A 44 18.47 20.59 57.16
CA THR A 44 19.89 20.28 57.29
C THR A 44 20.63 21.20 58.24
N VAL A 45 20.07 22.36 58.58
CA VAL A 45 20.77 23.27 59.48
C VAL A 45 20.37 22.98 60.94
N THR A 46 19.13 22.60 61.17
CA THR A 46 18.64 22.41 62.53
C THR A 46 18.99 21.03 63.09
N GLU A 47 18.56 19.96 62.41
CA GLU A 47 18.74 18.61 62.90
C GLU A 47 20.22 18.23 63.06
N GLY A 48 21.14 19.02 62.54
CA GLY A 48 22.55 18.76 62.71
C GLY A 48 23.19 19.41 63.91
N GLU A 49 22.41 20.14 64.70
CA GLU A 49 22.93 20.83 65.88
C GLU A 49 21.75 21.09 66.82
N SER A 50 21.97 21.92 67.83
CA SER A 50 20.89 22.30 68.72
C SER A 50 19.83 23.10 67.97
N SER A 51 18.58 22.91 68.37
CA SER A 51 17.45 23.58 67.75
C SER A 51 16.76 24.56 68.70
N VAL A 52 17.31 24.79 69.89
CA VAL A 52 16.76 25.76 70.82
C VAL A 52 17.50 27.09 70.76
N VAL A 53 18.83 27.03 70.64
CA VAL A 53 19.63 28.26 70.61
C VAL A 53 19.31 29.08 69.36
N LEU A 54 18.94 28.41 68.26
CA LEU A 54 18.56 29.12 67.05
C LEU A 54 17.24 29.85 67.25
N LEU A 55 16.33 29.26 68.04
CA LEU A 55 15.09 29.95 68.37
C LEU A 55 15.35 31.13 69.30
N GLN A 56 16.33 30.98 70.21
CA GLN A 56 16.63 32.05 71.16
C GLN A 56 17.26 33.24 70.45
N GLU A 57 18.24 32.98 69.57
CA GLU A 57 18.93 34.07 68.90
C GLU A 57 18.03 34.78 67.89
N HIS A 58 17.09 34.06 67.29
CA HIS A 58 16.25 34.58 66.22
C HIS A 58 14.78 34.46 66.62
N PRO A 59 14.27 35.42 67.39
CA PRO A 59 12.84 35.40 67.73
C PRO A 59 11.98 35.92 66.59
N CYS A 60 12.26 35.45 65.38
CA CYS A 60 11.53 35.84 64.18
C CYS A 60 10.73 34.71 63.55
N LEU A 61 11.25 33.49 63.57
CA LEU A 61 10.49 32.35 63.10
C LEU A 61 9.25 32.13 63.95
N VAL A 62 9.37 32.35 65.26
CA VAL A 62 8.24 32.23 66.18
C VAL A 62 7.16 33.22 65.78
N GLU A 63 7.56 34.37 65.24
CA GLU A 63 6.57 35.33 64.76
C GLU A 63 5.73 34.73 63.64
N LEU A 64 6.38 34.09 62.67
CA LEU A 64 5.70 33.41 61.58
C LEU A 64 4.76 32.32 62.12
N LEU A 65 5.30 31.48 63.01
CA LEU A 65 4.53 30.37 63.56
C LEU A 65 3.40 30.82 64.47
N SER A 66 3.42 32.07 64.92
CA SER A 66 2.29 32.61 65.67
C SER A 66 1.28 33.28 64.75
N HIS A 67 1.74 33.97 63.71
CA HIS A 67 0.86 34.62 62.76
C HIS A 67 0.10 33.63 61.89
N VAL A 68 0.65 32.43 61.66
CA VAL A 68 0.00 31.48 60.75
C VAL A 68 -1.40 31.14 61.24
N LEU A 69 -1.58 31.04 62.55
CA LEU A 69 -2.89 30.75 63.11
C LEU A 69 -3.68 32.00 63.46
N LYS A 70 -3.26 33.16 62.98
CA LYS A 70 -3.95 34.40 63.32
C LYS A 70 -4.39 35.20 62.10
N VAL A 71 -3.57 35.23 61.04
CA VAL A 71 -3.92 36.06 59.89
C VAL A 71 -5.13 35.51 59.16
N GLN A 72 -5.38 34.20 59.27
CA GLN A 72 -6.60 33.56 58.79
C GLN A 72 -6.76 33.63 57.27
N ASP A 73 -5.79 34.21 56.57
CA ASP A 73 -5.86 34.32 55.12
C ASP A 73 -4.52 33.95 54.48
N LEU A 74 -3.92 32.86 54.94
CA LEU A 74 -2.71 32.37 54.32
C LEU A 74 -3.02 31.71 52.99
N SER A 75 -2.16 31.94 52.01
CA SER A 75 -2.35 31.33 50.69
C SER A 75 -2.08 29.84 50.75
N SER A 76 -2.54 29.14 49.72
CA SER A 76 -2.41 27.69 49.65
C SER A 76 -0.96 27.32 49.38
N GLY A 77 -0.22 27.01 50.43
CA GLY A 77 1.16 26.60 50.28
C GLY A 77 2.11 27.21 51.29
N VAL A 78 1.85 28.46 51.69
CA VAL A 78 2.69 29.08 52.72
C VAL A 78 2.48 28.40 54.07
N LEU A 79 1.22 28.13 54.41
CA LEU A 79 0.93 27.44 55.66
C LEU A 79 1.46 26.01 55.65
N SER A 80 1.56 25.40 54.46
CA SER A 80 2.17 24.07 54.37
C SER A 80 3.63 24.11 54.76
N PHE A 81 4.38 25.07 54.22
CA PHE A 81 5.76 25.26 54.61
C PHE A 81 5.87 25.54 56.10
N SER A 82 4.98 26.38 56.63
CA SER A 82 5.02 26.69 58.06
C SER A 82 4.76 25.44 58.91
N LEU A 83 3.82 24.60 58.47
CA LEU A 83 3.50 23.38 59.23
C LEU A 83 4.68 22.41 59.21
N ARG A 84 5.26 22.18 58.03
CA ARG A 84 6.44 21.33 57.97
C ARG A 84 7.59 21.91 58.78
N LEU A 85 7.67 23.24 58.88
CA LEU A 85 8.70 23.87 59.68
C LEU A 85 8.48 23.62 61.16
N ALA A 86 7.25 23.80 61.63
CA ALA A 86 6.93 23.49 63.02
C ALA A 86 7.13 22.01 63.31
N GLY A 87 6.99 21.16 62.29
CA GLY A 87 7.22 19.74 62.48
C GLY A 87 8.70 19.40 62.61
N THR A 88 9.53 20.00 61.77
CA THR A 88 10.96 19.74 61.83
C THR A 88 11.65 20.47 62.98
N PHE A 89 11.05 21.53 63.50
CA PHE A 89 11.62 22.20 64.66
C PHE A 89 11.43 21.36 65.92
N ALA A 90 10.20 20.93 66.18
CA ALA A 90 9.91 20.17 67.39
C ALA A 90 10.47 18.75 67.27
N ALA A 91 11.79 18.64 67.19
CA ALA A 91 12.47 17.35 67.18
C ALA A 91 12.92 16.94 68.57
N GLN A 92 13.71 17.78 69.23
CA GLN A 92 14.18 17.50 70.57
C GLN A 92 13.18 18.01 71.62
N GLU A 93 13.19 17.36 72.78
CA GLU A 93 12.24 17.70 73.83
C GLU A 93 12.41 19.15 74.29
N ASN A 94 13.65 19.62 74.36
CA ASN A 94 13.87 21.03 74.70
C ASN A 94 13.19 21.95 73.69
N CYS A 95 13.32 21.64 72.40
CA CYS A 95 12.66 22.45 71.38
C CYS A 95 11.15 22.29 71.45
N PHE A 96 10.68 21.09 71.81
CA PHE A 96 9.25 20.88 72.01
C PHE A 96 8.72 21.82 73.08
N GLN A 97 9.41 21.91 74.22
CA GLN A 97 8.98 22.79 75.30
C GLN A 97 9.10 24.26 74.89
N TYR A 98 10.17 24.62 74.18
CA TYR A 98 10.35 26.01 73.77
C TYR A 98 9.24 26.44 72.83
N LEU A 99 8.93 25.62 71.82
CA LEU A 99 7.81 25.92 70.94
C LEU A 99 6.47 25.83 71.64
N GLN A 100 6.40 25.11 72.77
CA GLN A 100 5.19 25.04 73.56
C GLN A 100 4.90 26.32 74.35
N GLN A 101 5.73 27.36 74.19
CA GLN A 101 5.48 28.64 74.85
C GLN A 101 4.27 29.29 74.19
N GLY A 102 3.12 29.17 74.83
CA GLY A 102 1.87 29.66 74.27
C GLY A 102 1.02 28.60 73.59
N GLU A 103 1.32 27.33 73.80
CA GLU A 103 0.58 26.22 73.19
C GLU A 103 0.55 26.36 71.66
N LEU A 104 1.68 26.79 71.11
CA LEU A 104 1.77 27.00 69.67
C LEU A 104 1.62 25.69 68.92
N LEU A 105 2.29 24.63 69.39
CA LEU A 105 2.15 23.33 68.74
C LEU A 105 0.74 22.78 68.83
N PRO A 106 0.08 22.74 70.00
CA PRO A 106 -1.36 22.40 70.00
C PRO A 106 -2.21 23.41 69.28
N GLY A 107 -1.67 24.59 68.99
CA GLY A 107 -2.41 25.60 68.26
C GLY A 107 -2.51 25.32 66.78
N LEU A 108 -1.35 25.27 66.10
CA LEU A 108 -1.36 25.06 64.66
C LEU A 108 -1.57 23.60 64.28
N PHE A 109 -1.12 22.66 65.09
CA PHE A 109 -1.46 21.26 64.91
C PHE A 109 -2.76 20.90 65.61
N GLY A 110 -3.54 21.91 66.01
CA GLY A 110 -4.86 21.71 66.57
C GLY A 110 -5.88 22.58 65.87
N GLU A 111 -7.08 22.65 66.44
CA GLU A 111 -8.16 23.46 65.86
C GLU A 111 -7.77 24.91 65.56
N PRO A 112 -6.99 25.61 66.40
CA PRO A 112 -6.59 26.98 66.02
C PRO A 112 -5.89 27.06 64.67
N GLY A 113 -5.15 26.02 64.28
CA GLY A 113 -4.47 26.02 63.01
C GLY A 113 -5.38 25.70 61.85
N PRO A 114 -4.82 25.07 60.81
CA PRO A 114 -5.60 24.73 59.62
C PRO A 114 -6.45 23.47 59.76
N LEU A 115 -6.43 22.82 60.92
CA LEU A 115 -7.15 21.56 61.08
C LEU A 115 -8.64 21.72 60.81
N GLY A 116 -9.23 22.83 61.27
CA GLY A 116 -10.66 23.04 61.14
C GLY A 116 -11.04 24.10 60.13
N ARG A 117 -10.18 25.10 59.95
CA ARG A 117 -10.46 26.18 59.03
C ARG A 117 -10.63 25.65 57.61
N ALA A 118 -11.31 26.44 56.78
CA ALA A 118 -11.67 26.00 55.44
C ALA A 118 -10.49 26.08 54.48
N THR A 119 -9.38 25.46 54.87
CA THR A 119 -8.27 25.19 53.96
C THR A 119 -8.05 23.70 53.80
N TRP A 120 -9.02 22.89 54.23
CA TRP A 120 -8.93 21.43 54.15
C TRP A 120 -9.34 20.97 52.77
N ALA A 121 -8.78 21.58 51.74
CA ALA A 121 -9.16 21.28 50.37
C ALA A 121 -7.99 20.89 49.48
N VAL A 122 -6.85 21.57 49.62
CA VAL A 122 -5.68 21.29 48.80
C VAL A 122 -4.88 20.17 49.45
N PRO A 123 -4.65 19.06 48.77
CA PRO A 123 -3.90 17.95 49.39
C PRO A 123 -2.51 18.33 49.86
N THR A 124 -1.94 19.43 49.36
CA THR A 124 -0.59 19.80 49.75
C THR A 124 -0.52 20.16 51.22
N VAL A 125 -1.52 20.90 51.73
CA VAL A 125 -1.48 21.30 53.13
C VAL A 125 -1.63 20.08 54.04
N ARG A 126 -2.50 19.14 53.67
CA ARG A 126 -2.66 17.94 54.48
C ARG A 126 -1.40 17.09 54.45
N SER A 127 -0.79 16.93 53.27
CA SER A 127 0.45 16.18 53.19
C SER A 127 1.54 16.82 54.04
N GLY A 128 1.63 18.16 54.00
CA GLY A 128 2.59 18.84 54.85
C GLY A 128 2.31 18.61 56.32
N TRP A 129 1.03 18.65 56.70
CA TRP A 129 0.66 18.37 58.09
C TRP A 129 1.13 16.99 58.52
N ILE A 130 0.88 15.98 57.69
CA ILE A 130 1.25 14.61 58.06
C ILE A 130 2.76 14.47 58.13
N GLN A 131 3.47 15.00 57.13
CA GLN A 131 4.92 14.94 57.15
C GLN A 131 5.49 15.62 58.39
N GLY A 132 4.91 16.76 58.78
CA GLY A 132 5.36 17.43 59.98
C GLY A 132 5.16 16.59 61.22
N LEU A 133 3.94 16.05 61.38
CA LEU A 133 3.66 15.18 62.52
C LEU A 133 4.65 14.03 62.59
N ARG A 134 4.93 13.39 61.44
CA ARG A 134 5.89 12.29 61.46
C ARG A 134 7.30 12.79 61.75
N SER A 135 7.60 14.04 61.39
CA SER A 135 8.93 14.59 61.63
C SER A 135 9.14 15.04 63.06
N LEU A 136 8.06 15.25 63.82
CA LEU A 136 8.21 15.68 65.21
C LEU A 136 8.15 14.54 66.21
N ALA A 137 7.39 13.49 65.92
CA ALA A 137 7.16 12.40 66.87
C ALA A 137 8.41 11.53 66.95
N GLN A 138 9.40 12.01 67.71
CA GLN A 138 10.61 11.26 67.96
C GLN A 138 10.98 11.22 69.44
N HIS A 139 10.06 11.61 70.32
CA HIS A 139 10.29 11.58 71.76
C HIS A 139 8.98 11.28 72.46
N PRO A 140 9.03 10.64 73.64
CA PRO A 140 7.78 10.24 74.31
C PRO A 140 6.88 11.41 74.66
N SER A 141 7.43 12.61 74.83
CA SER A 141 6.58 13.77 75.10
C SER A 141 5.67 14.06 73.91
N ALA A 142 6.20 13.95 72.69
CA ALA A 142 5.37 14.18 71.51
C ALA A 142 4.31 13.09 71.37
N LEU A 143 4.65 11.86 71.73
CA LEU A 143 3.65 10.79 71.69
C LEU A 143 2.55 11.04 72.71
N ARG A 144 2.93 11.50 73.90
CA ARG A 144 1.91 11.88 74.88
C ARG A 144 1.05 13.02 74.37
N PHE A 145 1.65 13.95 73.64
CA PHE A 145 0.89 15.02 72.99
C PHE A 145 -0.15 14.43 72.04
N LEU A 146 0.30 13.59 71.10
CA LEU A 146 -0.61 12.94 70.18
C LEU A 146 -1.72 12.19 70.91
N ALA A 147 -1.39 11.58 72.04
CA ALA A 147 -2.37 10.78 72.77
C ALA A 147 -3.43 11.67 73.43
N ASP A 148 -3.00 12.56 74.33
CA ASP A 148 -3.96 13.32 75.12
C ASP A 148 -4.63 14.40 74.29
N HIS A 149 -3.85 15.19 73.56
CA HIS A 149 -4.43 16.23 72.71
C HIS A 149 -5.36 15.62 71.67
N GLY A 150 -4.95 14.51 71.06
CA GLY A 150 -5.78 13.82 70.10
C GLY A 150 -5.37 14.11 68.67
N ALA A 151 -4.60 13.20 68.08
CA ALA A 151 -4.20 13.30 66.69
C ALA A 151 -4.58 12.07 65.88
N VAL A 152 -4.40 10.87 66.44
CA VAL A 152 -4.74 9.64 65.74
C VAL A 152 -6.22 9.59 65.41
N ASP A 153 -7.05 10.22 66.25
CA ASP A 153 -8.48 10.29 65.97
C ASP A 153 -8.75 10.90 64.60
N THR A 154 -8.10 12.01 64.29
CA THR A 154 -8.30 12.64 62.99
C THR A 154 -7.56 11.90 61.89
N ILE A 155 -6.42 11.29 62.22
CA ILE A 155 -5.64 10.56 61.22
C ILE A 155 -6.41 9.37 60.68
N PHE A 156 -7.11 8.65 61.56
CA PHE A 156 -7.98 7.57 61.12
C PHE A 156 -8.87 8.00 59.97
N SER A 157 -9.61 9.09 60.16
CA SER A 157 -10.42 9.65 59.09
C SER A 157 -9.56 10.04 57.90
N LEU A 158 -8.37 10.59 58.16
CA LEU A 158 -7.53 11.08 57.08
C LEU A 158 -7.08 9.95 56.16
N GLN A 159 -6.81 8.76 56.70
CA GLN A 159 -6.30 7.68 55.86
C GLN A 159 -7.43 6.98 55.10
N GLY A 160 -8.30 7.77 54.50
CA GLY A 160 -9.34 7.25 53.64
C GLY A 160 -9.64 8.16 52.48
N ASP A 161 -8.85 9.21 52.31
CA ASP A 161 -9.16 10.24 51.34
C ASP A 161 -8.84 9.75 49.93
N SER A 162 -8.96 10.66 48.96
CA SER A 162 -8.90 10.32 47.55
C SER A 162 -7.50 10.48 46.95
N SER A 163 -6.52 10.90 47.74
CA SER A 163 -5.19 11.17 47.22
C SER A 163 -4.19 10.20 47.85
N LEU A 164 -3.70 9.27 47.04
CA LEU A 164 -2.75 8.27 47.51
C LEU A 164 -1.55 8.90 48.19
N PHE A 165 -1.13 10.08 47.73
CA PHE A 165 -0.03 10.80 48.36
C PHE A 165 -0.30 11.11 49.83
N VAL A 166 -1.54 10.92 50.29
CA VAL A 166 -1.89 11.15 51.68
C VAL A 166 -2.14 9.82 52.37
N ALA A 167 -2.73 8.87 51.65
CA ALA A 167 -2.99 7.56 52.25
C ALA A 167 -1.69 6.84 52.59
N SER A 168 -0.74 6.82 51.66
CA SER A 168 0.55 6.19 51.94
C SER A 168 1.24 6.84 53.12
N ALA A 169 1.29 8.18 53.14
CA ALA A 169 1.93 8.88 54.24
C ALA A 169 1.22 8.61 55.56
N ALA A 170 -0.11 8.47 55.53
CA ALA A 170 -0.85 8.17 56.74
C ALA A 170 -0.49 6.78 57.28
N SER A 171 -0.40 5.80 56.38
CA SER A 171 0.00 4.46 56.82
C SER A 171 1.39 4.48 57.41
N GLN A 172 2.32 5.20 56.76
CA GLN A 172 3.66 5.31 57.30
C GLN A 172 3.66 6.01 58.66
N LEU A 173 2.78 7.00 58.84
CA LEU A 173 2.71 7.69 60.12
C LEU A 173 2.20 6.76 61.21
N LEU A 174 1.17 5.97 60.89
CA LEU A 174 0.70 4.97 61.84
C LEU A 174 1.82 4.02 62.24
N VAL A 175 2.56 3.50 61.27
CA VAL A 175 3.58 2.52 61.63
C VAL A 175 4.70 3.18 62.41
N HIS A 176 5.00 4.46 62.14
CA HIS A 176 6.06 5.11 62.89
C HIS A 176 5.65 5.38 64.32
N VAL A 177 4.44 5.92 64.53
CA VAL A 177 3.98 6.17 65.90
C VAL A 177 3.84 4.85 66.66
N LEU A 178 3.49 3.77 65.96
CA LEU A 178 3.44 2.47 66.61
C LEU A 178 4.83 2.01 67.02
N ALA A 179 5.77 1.95 66.07
CA ALA A 179 7.12 1.49 66.34
C ALA A 179 7.84 2.36 67.36
N LEU A 180 7.37 3.59 67.58
CA LEU A 180 7.93 4.41 68.64
C LEU A 180 7.21 4.21 69.97
N SER A 181 5.92 3.89 69.93
CA SER A 181 5.13 3.67 71.13
C SER A 181 5.74 2.62 72.05
N MET A 182 5.90 1.40 71.53
CA MET A 182 6.40 0.29 72.33
C MET A 182 7.94 0.27 72.29
N ARG A 183 8.52 1.35 72.79
CA ARG A 183 9.97 1.45 72.89
C ARG A 183 10.40 1.59 74.34
N TRP A 197 0.73 -2.71 77.11
CA TRP A 197 0.45 -1.98 75.87
C TRP A 197 -0.02 -0.57 76.15
N PRO A 198 0.76 0.42 75.73
CA PRO A 198 0.35 1.82 75.89
C PRO A 198 -0.99 2.12 75.24
N ALA A 199 -1.60 3.25 75.61
CA ALA A 199 -2.91 3.60 75.09
C ALA A 199 -2.90 3.71 73.57
N CYS A 200 -1.91 4.43 73.03
CA CYS A 200 -1.85 4.64 71.58
C CYS A 200 -1.60 3.32 70.85
N ALA A 201 -0.64 2.53 71.33
CA ALA A 201 -0.34 1.26 70.68
C ALA A 201 -1.52 0.32 70.75
N GLN A 202 -2.18 0.23 71.91
CA GLN A 202 -3.33 -0.65 72.04
C GLN A 202 -4.46 -0.20 71.15
N LYS A 203 -4.66 1.12 71.01
CA LYS A 203 -5.71 1.61 70.14
C LYS A 203 -5.40 1.32 68.67
N ILE A 204 -4.14 1.46 68.27
CA ILE A 204 -3.74 1.10 66.92
C ILE A 204 -4.01 -0.37 66.66
N MET A 205 -3.62 -1.23 67.61
CA MET A 205 -3.82 -2.67 67.44
C MET A 205 -5.31 -3.01 67.33
N ASP A 206 -6.13 -2.44 68.22
CA ASP A 206 -7.56 -2.71 68.17
C ASP A 206 -8.18 -2.20 66.88
N HIS A 207 -7.74 -1.04 66.40
CA HIS A 207 -8.25 -0.52 65.14
C HIS A 207 -7.88 -1.43 63.98
N VAL A 208 -6.63 -1.87 63.93
CA VAL A 208 -6.19 -2.80 62.88
C VAL A 208 -7.03 -4.06 62.90
N GLU A 209 -7.23 -4.64 64.09
CA GLU A 209 -8.02 -5.86 64.21
C GLU A 209 -9.46 -5.62 63.74
N GLU A 210 -10.13 -4.63 64.32
CA GLU A 210 -11.53 -4.37 63.98
C GLU A 210 -11.71 -3.90 62.55
N SER A 211 -10.63 -3.50 61.88
CA SER A 211 -10.71 -3.18 60.46
C SER A 211 -10.54 -4.43 59.60
N LEU A 212 -9.64 -5.34 60.00
CA LEU A 212 -9.42 -6.55 59.23
C LEU A 212 -10.66 -7.42 59.15
N CYS A 213 -11.51 -7.38 60.18
CA CYS A 213 -12.74 -8.17 60.19
C CYS A 213 -13.89 -7.46 59.49
N SER A 214 -13.64 -6.32 58.86
CA SER A 214 -14.70 -5.56 58.20
C SER A 214 -14.88 -6.06 56.77
N ALA A 215 -15.66 -5.31 55.98
CA ALA A 215 -15.94 -5.71 54.60
C ALA A 215 -15.84 -4.55 53.63
N ALA A 216 -15.06 -3.51 53.95
CA ALA A 216 -14.83 -2.39 53.06
C ALA A 216 -13.43 -2.54 52.45
N THR A 217 -13.38 -2.79 51.14
CA THR A 217 -12.11 -3.12 50.51
C THR A 217 -11.01 -2.07 50.72
N PRO A 218 -11.26 -0.76 50.64
CA PRO A 218 -10.15 0.17 50.92
C PRO A 218 -9.70 0.13 52.36
N LYS A 219 -10.64 0.07 53.30
CA LYS A 219 -10.27 0.01 54.72
C LYS A 219 -9.42 -1.22 55.01
N VAL A 220 -9.83 -2.37 54.50
CA VAL A 220 -9.07 -3.59 54.78
C VAL A 220 -7.74 -3.57 54.04
N THR A 221 -7.70 -2.94 52.86
CA THR A 221 -6.42 -2.78 52.19
C THR A 221 -5.47 -1.94 53.02
N GLN A 222 -5.97 -0.87 53.63
CA GLN A 222 -5.14 -0.07 54.53
C GLN A 222 -4.68 -0.90 55.73
N ALA A 223 -5.57 -1.71 56.29
CA ALA A 223 -5.19 -2.58 57.40
C ALA A 223 -4.06 -3.52 56.98
N LEU A 224 -4.20 -4.16 55.83
CA LEU A 224 -3.17 -5.09 55.38
C LEU A 224 -1.84 -4.38 55.13
N ASN A 225 -1.85 -3.19 54.52
CA ASN A 225 -0.57 -2.57 54.22
C ASN A 225 0.09 -2.03 55.48
N VAL A 226 -0.69 -1.50 56.42
CA VAL A 226 -0.08 -1.09 57.69
C VAL A 226 0.49 -2.30 58.41
N LEU A 227 -0.17 -3.45 58.30
CA LEU A 227 0.35 -4.67 58.92
C LEU A 227 1.64 -5.13 58.26
N THR A 228 1.69 -5.12 56.93
CA THR A 228 2.87 -5.63 56.24
C THR A 228 4.04 -4.66 56.29
N THR A 229 3.79 -3.40 56.64
CA THR A 229 4.90 -2.52 57.00
C THR A 229 5.37 -2.79 58.42
N THR A 230 4.43 -2.81 59.38
CA THR A 230 4.77 -3.09 60.77
C THR A 230 5.62 -4.34 60.89
N PHE A 231 5.11 -5.47 60.37
CA PHE A 231 5.95 -6.63 60.18
C PHE A 231 6.94 -6.34 59.05
N GLY A 232 8.14 -6.89 59.18
CA GLY A 232 9.18 -6.61 58.20
C GLY A 232 9.96 -5.35 58.49
N ARG A 233 9.29 -4.26 58.89
CA ARG A 233 10.06 -3.10 59.33
C ARG A 233 10.42 -3.15 60.81
N CYS A 234 9.88 -4.10 61.55
CA CYS A 234 10.23 -4.31 62.95
C CYS A 234 10.05 -5.78 63.30
N GLN A 235 10.91 -6.29 64.19
CA GLN A 235 10.91 -7.70 64.53
C GLN A 235 11.08 -7.93 66.03
N SER A 236 10.68 -6.97 66.85
CA SER A 236 10.74 -7.13 68.29
C SER A 236 9.84 -8.28 68.73
N PRO A 237 10.05 -8.81 69.94
CA PRO A 237 9.21 -9.94 70.40
C PRO A 237 7.72 -9.66 70.32
N TRP A 238 7.28 -8.42 70.51
CA TRP A 238 5.87 -8.12 70.38
C TRP A 238 5.37 -8.32 68.97
N THR A 239 6.25 -8.30 67.97
CA THR A 239 5.81 -8.55 66.60
C THR A 239 5.21 -9.94 66.47
N GLU A 240 5.95 -10.97 66.87
CA GLU A 240 5.39 -12.32 66.82
C GLU A 240 4.33 -12.54 67.89
N ALA A 241 4.47 -11.90 69.06
CA ALA A 241 3.43 -11.98 70.08
C ALA A 241 2.11 -11.41 69.58
N LEU A 242 2.15 -10.54 68.57
CA LEU A 242 0.97 -9.98 67.94
C LEU A 242 0.54 -10.76 66.72
N TRP A 243 1.49 -11.33 65.98
CA TRP A 243 1.13 -12.14 64.83
C TRP A 243 0.48 -13.45 65.24
N VAL A 244 0.84 -14.00 66.40
CA VAL A 244 0.14 -15.19 66.87
C VAL A 244 -1.30 -14.85 67.17
N ARG A 245 -1.59 -13.58 67.49
CA ARG A 245 -2.97 -13.15 67.68
C ARG A 245 -3.67 -12.96 66.34
N LEU A 246 -3.01 -12.31 65.39
CA LEU A 246 -3.64 -12.00 64.11
C LEU A 246 -3.82 -13.23 63.22
N SER A 247 -2.93 -14.22 63.31
CA SER A 247 -2.94 -15.32 62.35
C SER A 247 -4.31 -15.94 62.14
N PRO A 248 -5.14 -16.16 63.16
CA PRO A 248 -6.53 -16.54 62.87
C PRO A 248 -7.27 -15.50 62.05
N ARG A 249 -7.21 -14.23 62.46
CA ARG A 249 -7.98 -13.19 61.77
C ARG A 249 -7.48 -12.99 60.35
N VAL A 250 -6.18 -13.05 60.13
CA VAL A 250 -5.65 -12.90 58.76
C VAL A 250 -5.99 -14.12 57.93
N ALA A 251 -5.73 -15.32 58.46
CA ALA A 251 -5.96 -16.54 57.70
C ALA A 251 -7.42 -16.68 57.29
N CYS A 252 -8.35 -16.38 58.19
CA CYS A 252 -9.75 -16.59 57.85
C CYS A 252 -10.25 -15.66 56.76
N LEU A 253 -9.46 -14.65 56.38
CA LEU A 253 -9.86 -13.78 55.28
C LEU A 253 -10.07 -14.56 53.99
N LEU A 254 -9.39 -15.70 53.85
CA LEU A 254 -9.58 -16.57 52.69
C LEU A 254 -10.83 -17.42 52.87
N GLU A 255 -11.96 -16.73 53.02
CA GLU A 255 -13.25 -17.41 53.08
C GLU A 255 -14.21 -16.77 52.09
N ARG A 256 -14.01 -15.49 51.81
CA ARG A 256 -14.83 -14.81 50.81
C ARG A 256 -14.45 -15.30 49.42
N ASP A 257 -15.47 -15.46 48.57
CA ASP A 257 -15.23 -15.97 47.22
C ASP A 257 -14.25 -15.09 46.44
N PRO A 258 -14.41 -13.76 46.38
CA PRO A 258 -13.30 -12.93 45.88
C PRO A 258 -12.37 -12.53 47.02
N ILE A 259 -11.09 -12.81 46.90
CA ILE A 259 -10.14 -12.40 47.93
C ILE A 259 -10.13 -10.88 48.03
N PRO A 260 -10.30 -10.31 49.23
CA PRO A 260 -10.53 -8.86 49.33
C PRO A 260 -9.44 -7.99 48.72
N ALA A 261 -8.20 -8.13 49.18
CA ALA A 261 -7.07 -7.34 48.68
C ALA A 261 -5.99 -8.33 48.26
N ALA A 262 -6.08 -8.78 47.01
CA ALA A 262 -5.24 -9.88 46.55
C ALA A 262 -3.75 -9.56 46.70
N HIS A 263 -3.28 -8.53 45.99
CA HIS A 263 -1.85 -8.25 45.97
C HIS A 263 -1.33 -7.93 47.37
N SER A 264 -2.09 -7.14 48.13
CA SER A 264 -1.62 -6.80 49.47
C SER A 264 -1.60 -8.03 50.38
N PHE A 265 -2.53 -8.96 50.17
CA PHE A 265 -2.49 -10.22 50.91
C PHE A 265 -1.23 -11.01 50.56
N VAL A 266 -0.92 -11.11 49.27
CA VAL A 266 0.31 -11.78 48.86
C VAL A 266 1.52 -11.13 49.52
N ASP A 267 1.56 -9.80 49.55
CA ASP A 267 2.71 -9.12 50.12
C ASP A 267 2.80 -9.35 51.63
N LEU A 268 1.68 -9.32 52.32
CA LEU A 268 1.67 -9.59 53.76
C LEU A 268 2.20 -10.99 54.04
N LEU A 269 1.73 -11.98 53.29
CA LEU A 269 2.23 -13.33 53.49
C LEU A 269 3.72 -13.42 53.19
N LEU A 270 4.16 -12.79 52.11
CA LEU A 270 5.56 -12.89 51.71
C LEU A 270 6.46 -12.21 52.73
N CYS A 271 5.97 -11.19 53.43
CA CYS A 271 6.84 -10.52 54.40
C CYS A 271 6.82 -11.23 55.74
N VAL A 272 5.65 -11.71 56.17
CA VAL A 272 5.61 -12.45 57.44
C VAL A 272 6.38 -13.76 57.32
N ALA A 273 6.35 -14.38 56.14
CA ALA A 273 6.95 -15.70 55.98
C ALA A 273 8.47 -15.65 56.02
N ARG A 274 9.09 -14.57 55.53
CA ARG A 274 10.54 -14.56 55.38
C ARG A 274 11.22 -14.24 56.71
N SER A 275 10.83 -14.96 57.76
CA SER A 275 11.40 -14.74 59.08
C SER A 275 11.42 -16.06 59.82
N PRO A 276 12.55 -16.44 60.42
CA PRO A 276 12.57 -17.67 61.22
C PRO A 276 11.69 -17.59 62.47
N VAL A 277 11.25 -16.40 62.84
CA VAL A 277 10.47 -16.25 64.08
C VAL A 277 9.05 -16.75 63.87
N PHE A 278 8.32 -16.14 62.94
CA PHE A 278 6.93 -16.51 62.72
C PHE A 278 6.77 -17.94 62.22
N SER A 279 7.79 -18.49 61.56
CA SER A 279 7.73 -19.88 61.13
C SER A 279 7.61 -20.84 62.31
N SER A 280 7.96 -20.39 63.51
CA SER A 280 7.82 -21.22 64.71
C SER A 280 6.44 -21.06 65.33
N GLY A 283 3.54 -22.83 63.16
CA GLY A 283 2.89 -23.97 62.57
C GLY A 283 1.77 -23.61 61.60
N SER A 284 0.96 -22.62 61.97
CA SER A 284 -0.15 -22.22 61.12
C SER A 284 0.29 -21.44 59.90
N LEU A 285 1.51 -20.90 59.90
CA LEU A 285 1.98 -20.10 58.78
C LEU A 285 2.00 -20.90 57.49
N TRP A 286 2.79 -21.98 57.47
CA TRP A 286 2.88 -22.78 56.25
C TRP A 286 1.55 -23.40 55.87
N GLU A 287 0.73 -23.75 56.87
CA GLU A 287 -0.55 -24.38 56.56
C GLU A 287 -1.50 -23.40 55.89
N THR A 288 -1.55 -22.16 56.37
CA THR A 288 -2.40 -21.18 55.72
C THR A 288 -1.82 -20.75 54.36
N VAL A 289 -0.50 -20.77 54.22
CA VAL A 289 0.09 -20.52 52.90
C VAL A 289 -0.31 -21.62 51.93
N ALA A 290 -0.37 -22.86 52.40
CA ALA A 290 -0.80 -23.96 51.54
C ALA A 290 -2.27 -23.83 51.18
N ARG A 291 -3.10 -23.48 52.16
CA ARG A 291 -4.51 -23.21 51.85
C ARG A 291 -4.65 -22.13 50.79
N ALA A 292 -3.84 -21.06 50.91
CA ALA A 292 -3.86 -20.00 49.91
C ALA A 292 -3.47 -20.54 48.54
N LEU A 293 -2.32 -21.21 48.45
CA LEU A 293 -1.87 -21.78 47.18
C LEU A 293 -2.95 -22.65 46.56
N SER A 294 -3.71 -23.37 47.38
CA SER A 294 -4.82 -24.15 46.86
C SER A 294 -6.03 -23.31 46.53
N CYS A 295 -6.10 -22.06 47.02
CA CYS A 295 -7.28 -21.24 46.86
C CYS A 295 -7.10 -20.07 45.91
N LEU A 296 -5.96 -19.38 45.95
CA LEU A 296 -5.79 -18.15 45.18
C LEU A 296 -5.92 -18.40 43.68
N GLY A 297 -6.64 -17.52 43.00
CA GLY A 297 -6.81 -17.60 41.57
C GLY A 297 -5.50 -17.46 40.83
N PRO A 298 -5.51 -17.82 39.55
CA PRO A 298 -4.29 -17.82 38.73
C PRO A 298 -3.88 -16.44 38.21
N THR A 299 -3.98 -15.43 39.08
CA THR A 299 -3.50 -14.10 38.75
C THR A 299 -2.65 -13.56 39.89
N HIS A 300 -2.85 -14.09 41.09
CA HIS A 300 -2.07 -13.70 42.25
C HIS A 300 -1.36 -14.85 42.94
N MET A 301 -1.72 -16.09 42.63
CA MET A 301 -1.01 -17.24 43.19
C MET A 301 0.42 -17.32 42.65
N GLY A 302 0.63 -16.88 41.41
CA GLY A 302 1.93 -16.93 40.78
C GLY A 302 3.02 -16.25 41.59
N PRO A 303 2.91 -14.93 41.78
CA PRO A 303 3.93 -14.23 42.58
C PRO A 303 4.08 -14.77 43.98
N LEU A 304 2.99 -15.22 44.60
CA LEU A 304 3.10 -15.79 45.94
C LEU A 304 3.97 -17.04 45.93
N ALA A 305 3.69 -17.96 45.01
CA ALA A 305 4.48 -19.18 44.93
C ALA A 305 5.93 -18.87 44.58
N LEU A 306 6.15 -17.85 43.75
CA LEU A 306 7.52 -17.46 43.43
C LEU A 306 8.24 -16.98 44.68
N GLY A 307 7.64 -16.03 45.41
CA GLY A 307 8.24 -15.56 46.65
C GLY A 307 8.50 -16.69 47.62
N ILE A 308 7.63 -17.69 47.64
CA ILE A 308 7.85 -18.85 48.49
C ILE A 308 9.12 -19.58 48.06
N LEU A 309 9.22 -19.94 46.78
CA LEU A 309 10.40 -20.63 46.29
C LEU A 309 11.67 -19.80 46.45
N LYS A 310 11.55 -18.48 46.57
CA LYS A 310 12.74 -17.66 46.87
C LYS A 310 13.32 -18.02 48.23
N LEU A 311 12.46 -18.38 49.18
CA LEU A 311 12.89 -18.58 50.56
C LEU A 311 13.77 -19.81 50.68
N GLU A 312 14.89 -19.66 51.38
CA GLU A 312 15.82 -20.77 51.54
C GLU A 312 15.21 -21.89 52.36
N HIS A 313 14.47 -21.56 53.41
CA HIS A 313 13.89 -22.55 54.30
C HIS A 313 12.41 -22.73 54.00
N CYS A 314 11.99 -23.99 53.80
CA CYS A 314 10.60 -24.32 53.57
C CYS A 314 10.41 -25.84 53.65
N PRO A 315 9.35 -26.32 54.29
CA PRO A 315 9.04 -27.75 54.23
C PRO A 315 8.89 -28.21 52.79
N GLN A 316 9.78 -29.12 52.38
CA GLN A 316 10.01 -29.37 50.96
C GLN A 316 8.74 -29.78 50.22
N ALA A 317 7.79 -30.41 50.90
CA ALA A 317 6.52 -30.74 50.24
C ALA A 317 5.81 -29.50 49.76
N LEU A 318 5.85 -28.43 50.56
CA LEU A 318 5.25 -27.17 50.14
C LEU A 318 5.96 -26.59 48.93
N ARG A 319 7.29 -26.77 48.85
CA ARG A 319 8.02 -26.32 47.68
C ARG A 319 7.66 -27.15 46.45
N THR A 320 7.43 -28.44 46.61
CA THR A 320 6.91 -29.24 45.50
C THR A 320 5.59 -28.67 45.02
N GLN A 321 4.65 -28.45 45.94
CA GLN A 321 3.35 -27.89 45.57
C GLN A 321 3.54 -26.57 44.82
N ALA A 322 4.38 -25.68 45.35
CA ALA A 322 4.58 -24.38 44.74
C ALA A 322 5.16 -24.50 43.34
N PHE A 323 6.32 -25.17 43.22
CA PHE A 323 6.96 -25.26 41.92
C PHE A 323 6.08 -25.97 40.90
N GLN A 324 5.23 -26.91 41.34
CA GLN A 324 4.35 -27.58 40.39
C GLN A 324 3.24 -26.66 39.93
N VAL A 325 2.61 -25.94 40.88
CA VAL A 325 1.57 -25.01 40.47
C VAL A 325 2.16 -23.84 39.69
N LEU A 326 3.48 -23.65 39.76
CA LEU A 326 4.15 -22.70 38.89
C LEU A 326 4.32 -23.27 37.50
N LEU A 327 4.84 -24.50 37.40
CA LEU A 327 5.06 -25.18 36.13
C LEU A 327 3.77 -25.58 35.43
N GLN A 328 2.63 -25.38 36.07
CA GLN A 328 1.36 -25.79 35.47
C GLN A 328 1.17 -25.36 34.01
N PRO A 329 1.46 -24.12 33.61
CA PRO A 329 1.13 -23.73 32.22
C PRO A 329 1.95 -24.44 31.15
N LEU A 330 3.26 -24.59 31.33
CA LEU A 330 4.07 -25.21 30.28
C LEU A 330 3.83 -26.70 30.18
N ALA A 331 3.85 -27.40 31.32
CA ALA A 331 3.48 -28.82 31.32
C ALA A 331 2.02 -29.03 30.99
N CYS A 332 1.22 -27.97 30.92
CA CYS A 332 -0.15 -28.09 30.44
C CYS A 332 -0.21 -27.93 28.92
N VAL A 333 0.46 -26.90 28.39
CA VAL A 333 0.52 -26.70 26.95
C VAL A 333 1.10 -27.93 26.26
N LEU A 334 2.14 -28.51 26.84
CA LEU A 334 2.77 -29.67 26.19
C LEU A 334 1.95 -30.95 26.32
N LYS A 335 0.72 -30.86 26.80
CA LYS A 335 -0.27 -31.90 26.57
C LYS A 335 -1.29 -31.47 25.53
N ALA A 336 -0.96 -30.45 24.72
CA ALA A 336 -1.82 -29.96 23.66
C ALA A 336 -1.05 -29.77 22.35
N THR A 337 0.00 -30.56 22.13
CA THR A 337 0.80 -30.50 20.92
C THR A 337 1.26 -31.92 20.59
N VAL A 338 2.17 -32.02 19.64
CA VAL A 338 2.86 -33.27 19.33
C VAL A 338 4.32 -33.13 19.73
N GLN A 339 4.78 -34.00 20.62
CA GLN A 339 6.12 -33.91 21.18
C GLN A 339 7.20 -33.95 20.10
N ASP A 353 -5.95 -31.84 36.72
CA ASP A 353 -6.24 -30.44 36.96
C ASP A 353 -6.59 -29.72 35.67
N ALA A 354 -7.53 -28.79 35.76
CA ALA A 354 -7.96 -28.01 34.61
C ALA A 354 -8.14 -26.53 34.94
N THR A 355 -7.75 -26.11 36.16
CA THR A 355 -7.90 -24.70 36.54
C THR A 355 -7.14 -23.79 35.60
N THR A 356 -5.86 -24.08 35.38
CA THR A 356 -5.05 -23.20 34.54
C THR A 356 -5.46 -23.28 33.08
N VAL A 357 -5.82 -24.47 32.60
CA VAL A 357 -6.19 -24.60 31.19
C VAL A 357 -7.52 -23.92 30.93
N ASP A 358 -8.32 -23.69 31.97
CA ASP A 358 -9.53 -22.88 31.82
C ASP A 358 -9.18 -21.46 31.40
N THR A 359 -8.38 -20.76 32.21
CA THR A 359 -7.93 -19.42 31.84
C THR A 359 -7.07 -19.44 30.59
N LEU A 360 -6.50 -20.58 30.24
CA LEU A 360 -5.74 -20.67 29.00
C LEU A 360 -6.64 -20.56 27.78
N LEU A 361 -7.93 -20.86 27.92
CA LEU A 361 -8.88 -20.80 26.83
C LEU A 361 -9.96 -19.73 27.03
N ALA A 362 -9.67 -18.69 27.82
CA ALA A 362 -10.70 -17.69 28.09
C ALA A 362 -10.72 -16.60 27.03
N SER A 363 -9.56 -16.10 26.64
CA SER A 363 -9.48 -14.98 25.69
C SER A 363 -8.04 -14.88 25.21
N LYS A 364 -7.72 -13.78 24.52
CA LYS A 364 -6.36 -13.49 24.10
C LYS A 364 -5.62 -12.63 25.11
N SER A 365 -6.35 -11.77 25.82
CA SER A 365 -5.73 -10.97 26.87
C SER A 365 -5.32 -11.84 28.06
N SER A 366 -6.25 -12.61 28.61
CA SER A 366 -5.99 -13.35 29.83
C SER A 366 -4.95 -14.44 29.61
N CYS A 367 -5.03 -15.15 28.48
CA CYS A 367 -4.06 -16.21 28.21
C CYS A 367 -2.66 -15.64 28.03
N ALA A 368 -2.52 -14.58 27.25
CA ALA A 368 -1.22 -13.94 27.08
C ALA A 368 -0.68 -13.43 28.40
N GLY A 369 -1.54 -12.84 29.23
CA GLY A 369 -1.11 -12.38 30.54
C GLY A 369 -0.62 -13.50 31.42
N LEU A 370 -1.37 -14.61 31.45
CA LEU A 370 -0.99 -15.75 32.28
C LEU A 370 0.34 -16.33 31.83
N LEU A 371 0.50 -16.54 30.52
CA LEU A 371 1.74 -17.14 30.05
C LEU A 371 2.92 -16.19 30.25
N CYS A 372 2.70 -14.89 30.08
CA CYS A 372 3.79 -13.95 30.29
C CYS A 372 4.19 -13.89 31.75
N ARG A 373 3.21 -13.91 32.66
CA ARG A 373 3.54 -13.92 34.08
C ARG A 373 4.26 -15.21 34.47
N THR A 374 3.84 -16.34 33.90
CA THR A 374 4.48 -17.60 34.25
C THR A 374 5.91 -17.66 33.73
N LEU A 375 6.15 -17.17 32.51
CA LEU A 375 7.51 -17.17 32.00
C LEU A 375 8.38 -16.17 32.75
N ALA A 376 7.83 -15.00 33.10
CA ALA A 376 8.58 -14.03 33.89
C ALA A 376 8.99 -14.63 35.23
N HIS A 377 8.03 -15.20 35.96
CA HIS A 377 8.34 -15.86 37.22
C HIS A 377 9.39 -16.96 37.01
N LEU A 378 9.05 -17.96 36.19
CA LEU A 378 9.89 -19.12 35.98
C LEU A 378 11.29 -18.77 35.49
N GLU A 379 11.51 -17.57 34.95
CA GLU A 379 12.87 -17.18 34.66
C GLU A 379 13.50 -16.43 35.82
N GLU A 380 12.70 -15.64 36.55
CA GLU A 380 13.21 -14.99 37.75
C GLU A 380 13.72 -16.00 38.77
N LEU A 381 13.31 -17.26 38.65
CA LEU A 381 13.71 -18.27 39.61
C LEU A 381 15.04 -18.91 39.27
N GLN A 382 15.40 -18.96 37.99
CA GLN A 382 16.54 -19.78 37.56
C GLN A 382 17.86 -19.41 38.20
N PRO A 383 18.34 -18.16 38.13
CA PRO A 383 19.70 -17.88 38.64
C PRO A 383 19.86 -18.05 40.14
N LEU A 384 18.84 -18.50 40.86
CA LEU A 384 18.91 -18.59 42.31
C LEU A 384 19.56 -19.90 42.74
N PRO A 385 20.35 -19.88 43.82
CA PRO A 385 20.93 -21.12 44.35
C PRO A 385 19.92 -21.98 45.09
N GLN A 386 18.87 -21.39 45.66
CA GLN A 386 17.83 -22.14 46.35
C GLN A 386 16.82 -22.76 45.40
N ARG A 387 17.17 -22.81 44.12
CA ARG A 387 16.41 -23.44 43.05
C ARG A 387 16.04 -24.86 43.47
N PRO A 388 14.91 -25.41 43.02
CA PRO A 388 14.56 -26.78 43.41
C PRO A 388 15.56 -27.80 42.85
N SER A 389 15.32 -29.07 43.18
CA SER A 389 16.21 -30.15 42.78
C SER A 389 15.39 -31.40 42.48
N PRO A 390 15.53 -31.98 41.29
CA PRO A 390 16.42 -31.50 40.23
C PRO A 390 15.75 -30.51 39.28
N TRP A 391 16.39 -29.36 39.07
CA TRP A 391 15.89 -28.33 38.16
C TRP A 391 15.69 -28.91 36.77
N PRO A 392 14.45 -29.07 36.31
CA PRO A 392 14.24 -29.63 34.98
C PRO A 392 14.78 -28.71 33.90
N GLN A 393 15.37 -29.30 32.87
CA GLN A 393 15.93 -28.54 31.75
C GLN A 393 15.41 -29.03 30.41
N ALA A 394 15.23 -30.35 30.25
CA ALA A 394 14.69 -30.86 28.99
C ALA A 394 13.25 -30.41 28.80
N SER A 395 12.39 -30.66 29.79
CA SER A 395 10.98 -30.30 29.68
C SER A 395 10.80 -28.80 29.53
N LEU A 396 11.53 -28.02 30.33
CA LEU A 396 11.40 -26.57 30.25
C LEU A 396 11.72 -26.06 28.85
N LEU A 397 12.87 -26.45 28.31
CA LEU A 397 13.26 -25.99 26.99
C LEU A 397 12.28 -26.47 25.92
N GLY A 398 11.85 -27.73 26.01
CA GLY A 398 10.89 -28.23 25.04
C GLY A 398 9.60 -27.42 25.05
N ALA A 399 9.07 -27.18 26.24
CA ALA A 399 7.85 -26.37 26.35
C ALA A 399 8.08 -24.97 25.80
N THR A 400 9.26 -24.38 26.08
CA THR A 400 9.49 -23.01 25.65
C THR A 400 9.60 -22.92 24.14
N VAL A 401 10.33 -23.83 23.51
CA VAL A 401 10.44 -23.78 22.06
C VAL A 401 9.08 -24.06 21.42
N THR A 402 8.28 -24.95 22.04
CA THR A 402 6.93 -25.17 21.53
C THR A 402 6.13 -23.88 21.59
N VAL A 403 6.21 -23.15 22.70
CA VAL A 403 5.43 -21.92 22.84
C VAL A 403 5.89 -20.89 21.80
N LEU A 404 7.21 -20.75 21.64
CA LEU A 404 7.71 -19.76 20.68
C LEU A 404 7.28 -20.10 19.26
N ARG A 405 7.48 -21.35 18.84
CA ARG A 405 7.09 -21.74 17.49
C ARG A 405 5.59 -21.61 17.28
N LEU A 406 4.80 -22.09 18.24
CA LEU A 406 3.36 -21.90 18.19
C LEU A 406 3.01 -20.43 17.97
N CYS A 407 3.66 -19.52 18.71
CA CYS A 407 3.33 -18.12 18.55
C CYS A 407 3.76 -17.59 17.18
N ASP A 408 4.86 -18.11 16.64
CA ASP A 408 5.22 -17.78 15.27
C ASP A 408 4.13 -18.22 14.30
N GLY A 409 3.56 -19.41 14.52
CA GLY A 409 2.42 -19.86 13.73
C GLY A 409 2.66 -21.08 12.88
N SER A 410 3.52 -22.00 13.35
CA SER A 410 3.82 -23.20 12.56
C SER A 410 3.90 -24.46 13.43
N ALA A 411 3.17 -24.49 14.53
CA ALA A 411 3.19 -25.66 15.40
C ALA A 411 2.27 -26.73 14.83
N ALA A 412 2.00 -27.78 15.61
CA ALA A 412 1.11 -28.86 15.18
C ALA A 412 0.27 -29.32 16.35
N PRO A 413 -0.93 -28.76 16.50
CA PRO A 413 -1.79 -29.16 17.61
C PRO A 413 -2.18 -30.62 17.54
N ALA A 414 -2.67 -31.14 18.67
CA ALA A 414 -3.09 -32.54 18.76
C ALA A 414 -4.39 -32.71 19.54
N SER A 415 -5.11 -31.62 19.81
CA SER A 415 -6.38 -31.71 20.53
C SER A 415 -7.11 -30.38 20.37
N SER A 416 -8.35 -30.36 20.84
CA SER A 416 -9.16 -29.15 20.76
C SER A 416 -8.48 -27.98 21.46
N VAL A 417 -7.92 -28.23 22.64
CA VAL A 417 -7.25 -27.16 23.38
C VAL A 417 -6.01 -26.69 22.63
N GLY A 418 -5.27 -27.62 22.02
CA GLY A 418 -4.14 -27.23 21.21
C GLY A 418 -4.55 -26.40 20.00
N GLY A 419 -5.64 -26.80 19.36
CA GLY A 419 -6.14 -26.02 18.22
C GLY A 419 -6.53 -24.61 18.62
N HIS A 420 -7.38 -24.47 19.63
CA HIS A 420 -7.83 -23.15 20.04
C HIS A 420 -6.67 -22.31 20.56
N LEU A 421 -5.70 -22.93 21.22
CA LEU A 421 -4.54 -22.20 21.69
C LEU A 421 -3.71 -21.68 20.52
N CYS A 422 -3.41 -22.54 19.55
CA CYS A 422 -2.73 -22.10 18.34
C CYS A 422 -3.52 -21.02 17.62
N GLY A 423 -4.84 -21.02 17.74
CA GLY A 423 -5.68 -20.03 17.12
C GLY A 423 -5.84 -18.74 17.89
N THR A 424 -5.43 -18.72 19.17
CA THR A 424 -5.50 -17.50 19.97
C THR A 424 -4.14 -16.84 20.15
N LEU A 425 -3.08 -17.62 20.37
CA LEU A 425 -1.76 -17.05 20.60
C LEU A 425 -1.02 -16.65 19.33
N ALA A 426 -1.51 -17.07 18.16
CA ALA A 426 -0.79 -16.84 16.92
C ALA A 426 -0.56 -15.35 16.69
N GLY A 427 0.66 -15.00 16.31
CA GLY A 427 0.99 -13.62 15.99
C GLY A 427 0.82 -12.63 17.12
N CYS A 428 1.32 -12.96 18.31
CA CYS A 428 1.31 -12.04 19.44
C CYS A 428 2.69 -11.44 19.62
N VAL A 429 2.84 -10.62 20.67
CA VAL A 429 4.14 -10.04 20.97
C VAL A 429 4.54 -10.35 22.42
N ARG A 430 3.71 -9.92 23.37
CA ARG A 430 4.03 -10.10 24.78
C ARG A 430 4.47 -11.52 25.08
N VAL A 431 3.63 -12.49 24.70
CA VAL A 431 4.00 -13.89 24.82
C VAL A 431 5.34 -14.14 24.15
N GLN A 432 5.47 -13.73 22.89
CA GLN A 432 6.68 -14.03 22.14
C GLN A 432 7.89 -13.33 22.76
N ARG A 433 7.73 -12.08 23.19
CA ARG A 433 8.85 -11.36 23.77
C ARG A 433 9.33 -12.04 25.05
N ALA A 434 8.43 -12.22 26.03
CA ALA A 434 8.83 -12.84 27.28
C ALA A 434 9.33 -14.27 27.04
N ALA A 435 8.82 -14.94 26.01
CA ALA A 435 9.30 -16.26 25.70
C ALA A 435 10.75 -16.22 25.22
N LEU A 436 11.08 -15.25 24.39
CA LEU A 436 12.48 -15.07 24.01
C LEU A 436 13.33 -14.75 25.24
N ASP A 437 12.78 -13.98 26.17
CA ASP A 437 13.54 -13.63 27.36
C ASP A 437 13.85 -14.88 28.18
N PHE A 438 12.86 -15.74 28.38
CA PHE A 438 13.14 -17.00 29.08
C PHE A 438 14.12 -17.84 28.28
N LEU A 439 13.77 -18.16 27.04
CA LEU A 439 14.58 -19.08 26.25
C LEU A 439 16.02 -18.60 26.12
N GLY A 440 16.26 -17.30 26.34
CA GLY A 440 17.62 -16.82 26.46
C GLY A 440 18.16 -16.85 27.87
N THR A 441 17.28 -16.85 28.87
CA THR A 441 17.72 -17.04 30.24
C THR A 441 18.32 -18.43 30.44
N LEU A 442 18.00 -19.37 29.58
CA LEU A 442 18.46 -20.74 29.72
C LEU A 442 19.87 -20.91 29.17
N SER A 443 20.81 -20.11 29.67
CA SER A 443 22.21 -20.27 29.33
C SER A 443 23.03 -20.87 30.44
N GLN A 444 22.74 -20.51 31.70
CA GLN A 444 23.42 -21.12 32.83
C GLN A 444 23.11 -22.61 32.98
N GLY A 445 22.17 -23.13 32.20
CA GLY A 445 21.79 -24.53 32.30
C GLY A 445 22.67 -25.43 31.49
N THR A 446 23.49 -26.23 32.16
CA THR A 446 24.45 -27.07 31.48
C THR A 446 23.78 -28.31 30.89
N GLY A 447 24.32 -28.78 29.77
CA GLY A 447 23.79 -29.93 29.08
C GLY A 447 24.44 -30.12 27.72
N PRO A 448 24.13 -31.24 27.07
CA PRO A 448 24.77 -31.55 25.79
C PRO A 448 24.33 -30.58 24.70
N GLN A 449 25.09 -30.60 23.59
CA GLN A 449 24.81 -29.72 22.46
C GLN A 449 23.44 -29.97 21.84
N GLU A 450 22.82 -31.11 22.15
CA GLU A 450 21.49 -31.41 21.63
C GLU A 450 20.51 -30.28 21.96
N LEU A 451 20.51 -29.83 23.21
CA LEU A 451 19.62 -28.74 23.60
C LEU A 451 19.95 -27.46 22.87
N VAL A 452 21.24 -27.15 22.73
CA VAL A 452 21.67 -25.95 22.03
C VAL A 452 21.10 -25.92 20.62
N THR A 453 21.24 -27.04 19.90
CA THR A 453 20.75 -27.08 18.53
C THR A 453 19.24 -27.07 18.49
N GLN A 454 18.59 -27.70 19.46
CA GLN A 454 17.12 -27.63 19.54
C GLN A 454 16.66 -26.18 19.64
N ALA A 455 17.33 -25.38 20.46
CA ALA A 455 16.89 -24.00 20.66
C ALA A 455 17.26 -23.11 19.48
N LEU A 456 18.44 -23.32 18.90
CA LEU A 456 18.79 -22.55 17.71
C LEU A 456 17.84 -22.86 16.56
N ALA A 457 17.33 -24.10 16.48
CA ALA A 457 16.46 -24.48 15.38
C ALA A 457 15.12 -23.77 15.43
N VAL A 458 14.80 -23.09 16.54
CA VAL A 458 13.63 -22.24 16.59
C VAL A 458 14.00 -20.76 16.57
N LEU A 459 15.15 -20.38 17.14
CA LEU A 459 15.52 -18.97 17.07
C LEU A 459 15.83 -18.53 15.65
N LEU A 460 16.57 -19.35 14.89
CA LEU A 460 16.77 -19.07 13.48
C LEU A 460 15.45 -18.87 12.77
N GLU A 461 14.43 -19.65 13.12
CA GLU A 461 13.13 -19.51 12.50
C GLU A 461 12.46 -18.20 12.91
N CYS A 462 12.65 -17.80 14.17
CA CYS A 462 11.99 -16.60 14.67
C CYS A 462 12.64 -15.32 14.13
N LEU A 463 13.91 -15.40 13.72
CA LEU A 463 14.54 -14.23 13.12
C LEU A 463 13.98 -13.92 11.75
N GLU A 464 14.04 -14.89 10.84
CA GLU A 464 13.55 -14.68 9.47
C GLU A 464 12.09 -15.06 9.34
N SER A 465 11.26 -14.54 10.24
CA SER A 465 9.83 -14.77 10.17
C SER A 465 9.15 -13.50 9.76
N PRO A 466 8.67 -13.40 8.51
CA PRO A 466 7.94 -12.21 8.10
C PRO A 466 6.76 -11.94 9.03
N GLY A 467 6.57 -10.67 9.36
CA GLY A 467 5.61 -10.32 10.38
C GLY A 467 6.22 -10.49 11.76
N SER A 468 7.29 -9.75 12.03
CA SER A 468 7.97 -9.79 13.32
C SER A 468 8.35 -8.36 13.68
N SER A 469 7.74 -7.84 14.74
CA SER A 469 7.88 -6.43 15.09
C SER A 469 9.32 -6.11 15.48
N PRO A 470 9.72 -4.84 15.41
CA PRO A 470 11.07 -4.47 15.85
C PRO A 470 11.28 -4.61 17.34
N THR A 471 10.22 -4.65 18.13
CA THR A 471 10.39 -4.94 19.55
C THR A 471 10.50 -6.43 19.84
N VAL A 472 10.64 -7.26 18.81
CA VAL A 472 10.82 -8.68 18.97
C VAL A 472 12.21 -9.12 18.53
N LEU A 473 12.67 -8.62 17.39
CA LEU A 473 13.97 -9.04 16.86
C LEU A 473 15.11 -8.70 17.82
N LYS A 474 14.97 -7.63 18.59
CA LYS A 474 16.03 -7.29 19.54
C LYS A 474 16.21 -8.38 20.59
N LYS A 475 15.15 -8.68 21.34
CA LYS A 475 15.21 -9.77 22.30
C LYS A 475 15.60 -11.07 21.64
N ALA A 476 15.14 -11.29 20.40
CA ALA A 476 15.52 -12.50 19.69
C ALA A 476 17.03 -12.57 19.48
N PHE A 477 17.65 -11.45 19.12
CA PHE A 477 19.09 -11.43 18.89
C PHE A 477 19.84 -11.63 20.20
N GLN A 478 19.42 -10.94 21.26
CA GLN A 478 20.02 -11.17 22.58
C GLN A 478 20.00 -12.65 22.94
N ALA A 479 18.83 -13.29 22.80
CA ALA A 479 18.71 -14.69 23.20
C ALA A 479 19.56 -15.59 22.31
N THR A 480 19.56 -15.34 21.01
CA THR A 480 20.39 -16.13 20.11
C THR A 480 21.86 -16.02 20.48
N LEU A 481 22.28 -14.83 20.91
CA LEU A 481 23.68 -14.65 21.33
C LEU A 481 24.00 -15.45 22.59
N ARG A 482 23.17 -15.31 23.62
CA ARG A 482 23.42 -16.06 24.86
C ARG A 482 23.43 -17.56 24.59
N TRP A 483 22.60 -18.02 23.66
CA TRP A 483 22.60 -19.44 23.33
C TRP A 483 23.86 -19.83 22.60
N LEU A 484 24.27 -19.05 21.59
CA LEU A 484 25.43 -19.41 20.80
C LEU A 484 26.73 -19.29 21.60
N LEU A 485 26.71 -18.59 22.73
CA LEU A 485 27.92 -18.45 23.52
C LEU A 485 27.95 -19.36 24.75
N SER A 486 27.23 -20.48 24.71
CA SER A 486 27.22 -21.40 25.85
C SER A 486 27.22 -22.85 25.40
N SER A 487 27.87 -23.15 24.28
CA SER A 487 27.84 -24.48 23.72
C SER A 487 29.09 -25.24 24.12
N PRO A 488 29.00 -26.27 24.97
CA PRO A 488 30.16 -27.08 25.34
C PRO A 488 30.54 -28.06 24.24
N ASP A 495 37.83 -27.25 18.10
CA ASP A 495 37.81 -25.81 17.87
C ASP A 495 36.48 -25.21 18.30
N LEU A 496 35.49 -25.27 17.41
CA LEU A 496 34.16 -24.73 17.67
C LEU A 496 33.14 -25.82 17.95
N GLY A 497 33.00 -26.79 17.05
CA GLY A 497 32.02 -27.83 17.19
C GLY A 497 31.55 -28.36 15.85
N PRO A 498 30.61 -29.31 15.88
CA PRO A 498 30.13 -29.92 14.64
C PRO A 498 28.94 -29.22 14.01
N LEU A 499 28.32 -28.26 14.70
CA LEU A 499 27.13 -27.60 14.19
C LEU A 499 27.27 -26.09 14.04
N ILE A 500 28.24 -25.47 14.72
CA ILE A 500 28.40 -24.02 14.62
C ILE A 500 28.46 -23.54 13.18
N PRO A 501 29.30 -24.09 12.29
CA PRO A 501 29.35 -23.54 10.92
C PRO A 501 28.06 -23.73 10.16
N GLN A 502 27.39 -24.87 10.35
CA GLN A 502 26.11 -25.11 9.68
C GLN A 502 25.10 -24.04 10.07
N PHE A 503 24.95 -23.79 11.38
CA PHE A 503 24.02 -22.78 11.83
C PHE A 503 24.41 -21.39 11.35
N LEU A 504 25.72 -21.10 11.31
CA LEU A 504 26.14 -19.78 10.85
C LEU A 504 25.80 -19.59 9.37
N ARG A 505 26.05 -20.61 8.56
CA ARG A 505 25.64 -20.54 7.16
C ARG A 505 24.15 -20.32 7.02
N GLU A 506 23.35 -20.98 7.86
CA GLU A 506 21.91 -20.78 7.76
C GLU A 506 21.47 -19.45 8.36
N LEU A 507 22.33 -18.80 9.14
CA LEU A 507 21.90 -17.61 9.86
C LEU A 507 22.29 -16.31 9.17
N PHE A 508 23.51 -16.21 8.65
CA PHE A 508 23.93 -14.94 8.03
C PHE A 508 23.04 -14.50 6.88
N PRO A 509 22.48 -15.37 6.06
CA PRO A 509 21.45 -14.90 5.13
C PRO A 509 20.18 -14.40 5.82
N VAL A 510 20.19 -14.33 7.14
CA VAL A 510 19.11 -13.66 7.87
C VAL A 510 19.68 -12.38 8.48
N LEU A 511 20.97 -12.40 8.81
CA LEU A 511 21.64 -11.17 9.24
C LEU A 511 21.94 -10.26 8.07
N GLN A 512 21.66 -10.70 6.86
CA GLN A 512 21.83 -9.87 5.68
C GLN A 512 20.52 -9.25 5.22
N LYS A 513 19.40 -9.82 5.63
CA LYS A 513 18.08 -9.25 5.35
C LYS A 513 17.62 -8.30 6.44
N ARG A 514 17.62 -8.76 7.70
CA ARG A 514 17.21 -7.90 8.80
C ARG A 514 18.17 -6.76 9.06
N LEU A 515 19.23 -6.64 8.29
CA LEU A 515 20.12 -5.50 8.37
C LEU A 515 19.71 -4.39 7.41
N CYS A 516 18.61 -4.59 6.67
CA CYS A 516 18.07 -3.56 5.79
C CYS A 516 16.56 -3.44 5.96
N HIS A 517 16.02 -3.97 7.05
CA HIS A 517 14.63 -3.77 7.41
C HIS A 517 14.29 -2.28 7.37
N PRO A 518 13.09 -1.92 6.95
CA PRO A 518 12.73 -0.50 6.82
C PRO A 518 12.22 0.15 8.10
N CYS A 519 12.93 -0.05 9.19
CA CYS A 519 12.57 0.59 10.45
C CYS A 519 13.80 0.56 11.35
N TRP A 520 14.36 1.74 11.62
CA TRP A 520 15.74 1.82 12.12
C TRP A 520 15.99 1.01 13.39
N GLU A 521 14.95 0.63 14.13
CA GLU A 521 15.15 -0.24 15.29
C GLU A 521 15.84 -1.53 14.88
N VAL A 522 15.39 -2.15 13.80
CA VAL A 522 16.03 -3.39 13.36
C VAL A 522 17.42 -3.09 12.82
N ARG A 523 17.54 -2.01 12.02
CA ARG A 523 18.85 -1.64 11.48
C ARG A 523 19.87 -1.37 12.57
N ASP A 524 19.42 -1.15 13.81
CA ASP A 524 20.35 -0.99 14.92
C ASP A 524 20.57 -2.29 15.68
N SER A 525 19.51 -3.03 15.97
CA SER A 525 19.65 -4.27 16.72
C SER A 525 20.54 -5.27 15.97
N ALA A 526 20.37 -5.36 14.65
CA ALA A 526 21.18 -6.29 13.88
C ALA A 526 22.66 -5.94 13.99
N LEU A 527 22.99 -4.66 13.84
CA LEU A 527 24.37 -4.25 13.97
C LEU A 527 24.92 -4.54 15.37
N GLU A 528 24.09 -4.35 16.39
CA GLU A 528 24.55 -4.61 17.74
C GLU A 528 24.86 -6.10 17.93
N PHE A 529 24.01 -6.97 17.39
CA PHE A 529 24.29 -8.40 17.48
C PHE A 529 25.56 -8.76 16.74
N LEU A 530 25.75 -8.21 15.54
CA LEU A 530 26.99 -8.44 14.81
C LEU A 530 28.20 -7.99 15.63
N THR A 531 28.05 -6.91 16.39
CA THR A 531 29.15 -6.45 17.23
C THR A 531 29.43 -7.43 18.37
N GLN A 532 28.37 -7.92 19.02
CA GLN A 532 28.57 -8.91 20.07
C GLN A 532 29.35 -10.11 19.55
N LEU A 533 28.97 -10.62 18.38
CA LEU A 533 29.79 -11.67 17.77
C LEU A 533 31.23 -11.21 17.55
N SER A 534 31.41 -10.09 16.84
CA SER A 534 32.76 -9.64 16.53
C SER A 534 33.60 -9.39 17.77
N ARG A 535 32.97 -9.37 18.94
CA ARG A 535 33.75 -9.28 20.17
C ARG A 535 33.98 -10.64 20.82
N HIS A 536 33.06 -11.60 20.60
CA HIS A 536 33.18 -12.90 21.24
C HIS A 536 33.81 -13.98 20.35
N TRP A 537 33.88 -13.77 19.04
CA TRP A 537 34.29 -14.80 18.11
C TRP A 537 35.26 -14.24 17.08
N GLY A 538 36.26 -13.51 17.54
CA GLY A 538 37.23 -12.94 16.62
C GLY A 538 38.40 -13.81 16.29
N GLY A 539 38.61 -14.89 17.02
CA GLY A 539 39.75 -15.77 16.79
C GLY A 539 39.35 -17.19 16.42
N GLN A 540 38.31 -17.32 15.59
CA GLN A 540 37.81 -18.63 15.17
C GLN A 540 37.72 -18.64 13.65
N ALA A 541 38.78 -19.12 13.00
CA ALA A 541 38.87 -19.01 11.54
C ALA A 541 37.69 -19.66 10.83
N ASP A 542 36.99 -20.58 11.49
CA ASP A 542 35.81 -21.16 10.87
C ASP A 542 34.63 -20.18 10.90
N PHE A 543 34.44 -19.49 12.03
CA PHE A 543 33.45 -18.42 12.05
C PHE A 543 33.80 -17.34 11.02
N ARG A 544 35.09 -17.06 10.86
CA ARG A 544 35.49 -16.08 9.86
C ARG A 544 35.22 -16.58 8.46
N CYS A 545 35.39 -17.88 8.21
CA CYS A 545 34.96 -18.46 6.95
C CYS A 545 33.48 -18.19 6.73
N ALA A 546 32.66 -18.47 7.75
CA ALA A 546 31.22 -18.23 7.63
C ALA A 546 30.93 -16.78 7.30
N LEU A 547 31.62 -15.85 7.97
CA LEU A 547 31.25 -14.44 7.82
C LEU A 547 31.76 -13.86 6.50
N LEU A 548 33.05 -14.01 6.21
CA LEU A 548 33.58 -13.53 4.94
C LEU A 548 32.87 -14.18 3.76
N ALA A 549 32.47 -15.45 3.89
CA ALA A 549 31.73 -16.09 2.81
C ALA A 549 30.36 -15.44 2.63
N SER A 550 29.80 -14.89 3.70
CA SER A 550 28.54 -14.19 3.59
C SER A 550 28.79 -12.79 3.05
N GLU A 551 27.75 -11.96 3.05
CA GLU A 551 27.83 -10.59 2.56
C GLU A 551 27.28 -9.63 3.61
N VAL A 552 27.72 -9.80 4.85
CA VAL A 552 27.37 -8.87 5.93
C VAL A 552 28.21 -7.60 5.85
N PRO A 553 29.55 -7.66 5.83
CA PRO A 553 30.32 -6.42 5.93
C PRO A 553 30.12 -5.49 4.75
N GLN A 554 29.87 -6.01 3.56
CA GLN A 554 29.59 -5.15 2.42
C GLN A 554 28.29 -4.37 2.54
N LEU A 555 27.50 -4.64 3.59
CA LEU A 555 26.31 -3.86 3.91
C LEU A 555 26.53 -2.89 5.06
N ALA A 556 27.21 -3.34 6.12
CA ALA A 556 27.58 -2.42 7.18
C ALA A 556 28.43 -1.27 6.64
N LEU A 557 29.41 -1.57 5.78
CA LEU A 557 30.22 -0.50 5.22
C LEU A 557 29.37 0.54 4.49
N GLN A 558 28.22 0.14 3.96
CA GLN A 558 27.36 1.09 3.28
C GLN A 558 26.40 1.80 4.21
N LEU A 559 26.05 1.19 5.36
CA LEU A 559 25.09 1.82 6.25
C LEU A 559 25.56 3.16 6.81
N LEU A 560 26.86 3.44 6.82
CA LEU A 560 27.33 4.68 7.45
C LEU A 560 26.79 5.93 6.78
N GLN A 561 25.99 5.79 5.71
CA GLN A 561 25.32 6.92 5.08
C GLN A 561 23.81 6.87 5.28
N ASP A 562 23.34 6.00 6.17
CA ASP A 562 21.91 5.94 6.48
C ASP A 562 21.45 7.29 7.03
N PRO A 563 20.22 7.71 6.74
CA PRO A 563 19.75 9.00 7.27
C PRO A 563 19.69 9.08 8.79
N GLU A 564 19.00 8.15 9.44
CA GLU A 564 18.73 8.29 10.87
C GLU A 564 19.99 8.08 11.69
N SER A 565 20.27 9.02 12.59
CA SER A 565 21.59 9.13 13.22
C SER A 565 21.99 7.86 13.95
N TYR A 566 21.14 7.38 14.87
CA TYR A 566 21.48 6.21 15.67
C TYR A 566 21.99 5.07 14.79
N VAL A 567 21.42 4.92 13.59
CA VAL A 567 21.92 3.92 12.66
C VAL A 567 23.39 4.17 12.36
N ARG A 568 23.74 5.41 12.03
CA ARG A 568 25.13 5.74 11.77
C ARG A 568 26.02 5.44 12.96
N ALA A 569 25.53 5.76 14.16
CA ALA A 569 26.32 5.53 15.36
C ALA A 569 26.62 4.06 15.55
N SER A 570 25.58 3.24 15.63
CA SER A 570 25.79 1.81 15.80
C SER A 570 26.58 1.21 14.65
N ALA A 571 26.43 1.78 13.45
CA ALA A 571 27.21 1.26 12.33
C ALA A 571 28.69 1.56 12.51
N VAL A 572 29.02 2.76 13.00
CA VAL A 572 30.42 3.10 13.24
C VAL A 572 31.00 2.21 14.33
N THR A 573 30.27 2.01 15.43
CA THR A 573 30.82 1.17 16.48
C THR A 573 30.94 -0.28 16.04
N ALA A 574 30.02 -0.74 15.18
CA ALA A 574 30.12 -2.09 14.65
C ALA A 574 31.36 -2.23 13.78
N MET A 575 31.55 -1.30 12.83
CA MET A 575 32.72 -1.38 11.97
C MET A 575 34.00 -1.20 12.76
N GLY A 576 33.95 -0.50 13.90
CA GLY A 576 35.12 -0.41 14.74
C GLY A 576 35.46 -1.73 15.40
N GLN A 577 34.52 -2.30 16.16
CA GLN A 577 34.76 -3.59 16.79
C GLN A 577 35.02 -4.68 15.77
N LEU A 578 34.66 -4.46 14.50
CA LEU A 578 35.01 -5.40 13.45
C LEU A 578 36.46 -5.23 13.02
N SER A 579 36.83 -4.03 12.57
CA SER A 579 38.16 -3.83 12.00
C SER A 579 39.27 -3.92 13.03
N SER A 580 38.97 -4.20 14.29
CA SER A 580 39.99 -4.62 15.23
C SER A 580 40.29 -6.10 15.14
N GLN A 581 39.77 -6.77 14.11
CA GLN A 581 39.98 -8.19 13.88
C GLN A 581 40.56 -8.51 12.51
N GLY A 582 40.30 -7.67 11.52
CA GLY A 582 40.74 -7.93 10.16
C GLY A 582 39.68 -8.62 9.34
N LEU A 583 38.46 -8.09 9.37
CA LEU A 583 37.31 -8.66 8.68
C LEU A 583 36.69 -7.66 7.72
N HIS A 584 37.52 -6.92 7.00
CA HIS A 584 37.02 -5.84 6.16
C HIS A 584 36.36 -6.38 4.90
N ALA A 585 35.32 -5.69 4.46
CA ALA A 585 34.60 -6.11 3.27
C ALA A 585 35.43 -5.84 2.01
N PRO A 586 35.22 -6.63 0.95
CA PRO A 586 35.92 -6.44 -0.33
C PRO A 586 35.74 -5.05 -0.91
N ARG A 595 42.13 -0.60 5.87
CA ARG A 595 41.62 0.04 7.07
C ARG A 595 41.44 1.53 6.87
N GLN A 596 42.33 2.12 6.06
CA GLN A 596 42.26 3.56 5.82
C GLN A 596 40.97 3.94 5.10
N SER A 597 40.48 3.09 4.19
CA SER A 597 39.22 3.39 3.52
C SER A 597 38.03 3.37 4.47
N LEU A 598 38.26 3.06 5.75
CA LEU A 598 37.29 3.32 6.80
C LEU A 598 37.70 4.47 7.70
N PHE A 599 39.01 4.69 7.89
CA PHE A 599 39.44 5.81 8.71
C PHE A 599 39.05 7.13 8.08
N LEU A 600 39.14 7.24 6.76
CA LEU A 600 38.72 8.46 6.09
C LEU A 600 37.22 8.69 6.25
N GLU A 601 36.42 7.63 6.09
CA GLU A 601 34.99 7.75 6.32
C GLU A 601 34.70 8.22 7.73
N LEU A 602 35.41 7.66 8.71
CA LEU A 602 35.21 8.07 10.09
C LEU A 602 35.53 9.54 10.29
N LEU A 603 36.74 9.96 9.93
CA LEU A 603 37.11 11.36 10.14
C LEU A 603 36.19 12.30 9.39
N HIS A 604 35.67 11.87 8.24
CA HIS A 604 34.72 12.72 7.53
C HIS A 604 33.42 12.85 8.30
N ILE A 605 32.92 11.75 8.87
CA ILE A 605 31.73 11.85 9.71
C ILE A 605 32.02 12.71 10.93
N LEU A 606 33.27 12.75 11.35
CA LEU A 606 33.63 13.53 12.53
C LEU A 606 33.77 15.02 12.24
N SER A 607 34.21 15.39 11.04
CA SER A 607 34.48 16.80 10.77
C SER A 607 33.19 17.59 10.60
N VAL A 608 32.35 17.19 9.65
CA VAL A 608 31.05 17.81 9.45
C VAL A 608 29.98 16.73 9.49
N ASP A 609 28.87 17.05 10.12
CA ASP A 609 27.72 16.14 10.22
C ASP A 609 26.57 16.92 10.85
N SER A 610 25.38 16.34 10.78
CA SER A 610 24.17 17.02 11.22
C SER A 610 23.64 16.50 12.55
N GLU A 611 24.39 15.66 13.26
CA GLU A 611 23.93 15.11 14.52
C GLU A 611 25.10 15.03 15.50
N GLY A 612 24.79 14.63 16.72
CA GLY A 612 25.81 14.40 17.72
C GLY A 612 26.26 12.95 17.79
N PHE A 613 25.28 12.05 17.91
CA PHE A 613 25.57 10.65 18.22
C PHE A 613 26.69 10.05 17.36
N PRO A 614 26.73 10.24 16.04
CA PRO A 614 27.84 9.68 15.27
C PRO A 614 29.20 10.19 15.71
N ARG A 615 29.33 11.48 16.02
CA ARG A 615 30.63 11.99 16.45
C ARG A 615 31.04 11.41 17.79
N ARG A 616 30.13 11.46 18.77
CA ARG A 616 30.47 10.94 20.09
C ARG A 616 30.60 9.42 20.11
N ALA A 617 30.20 8.74 19.04
CA ALA A 617 30.46 7.31 18.94
C ALA A 617 31.74 7.01 18.16
N VAL A 618 32.06 7.82 17.16
CA VAL A 618 33.30 7.61 16.44
C VAL A 618 34.48 7.94 17.33
N MET A 619 34.32 8.90 18.26
CA MET A 619 35.38 9.13 19.22
C MET A 619 35.59 7.92 20.13
N GLN A 620 34.49 7.28 20.54
CA GLN A 620 34.61 6.05 21.31
C GLN A 620 35.35 4.98 20.51
N VAL A 621 35.02 4.85 19.22
CA VAL A 621 35.69 3.84 18.40
C VAL A 621 37.18 4.14 18.28
N PHE A 622 37.52 5.43 18.12
CA PHE A 622 38.93 5.79 18.04
C PHE A 622 39.66 5.47 19.33
N THR A 623 39.00 5.70 20.47
CA THR A 623 39.57 5.29 21.75
C THR A 623 39.82 3.79 21.76
N GLU A 624 38.85 3.00 21.30
CA GLU A 624 39.03 1.56 21.23
C GLU A 624 40.26 1.19 20.42
N TRP A 625 40.40 1.78 19.22
CA TRP A 625 41.55 1.47 18.38
C TRP A 625 42.85 1.83 19.09
N LEU A 626 42.96 3.07 19.57
CA LEU A 626 44.23 3.52 20.15
C LEU A 626 44.57 2.76 21.42
N ARG A 627 43.58 2.22 22.11
CA ARG A 627 43.88 1.40 23.28
C ARG A 627 44.35 0.01 22.87
N ASP A 628 43.70 -0.58 21.85
CA ASP A 628 44.08 -1.93 21.43
C ASP A 628 45.45 -1.95 20.77
N GLY A 629 45.64 -1.14 19.74
CA GLY A 629 46.86 -1.19 18.96
C GLY A 629 46.58 -1.54 17.52
N HIS A 630 45.39 -1.19 17.07
CA HIS A 630 44.96 -1.42 15.69
C HIS A 630 45.32 -0.25 14.78
N ASP A 636 53.30 7.72 12.50
CA ASP A 636 51.98 7.77 11.91
C ASP A 636 50.91 7.89 13.00
N THR A 637 51.16 7.23 14.13
CA THR A 637 50.26 7.36 15.28
C THR A 637 50.17 8.82 15.73
N GLU A 638 51.30 9.52 15.70
CA GLU A 638 51.29 10.93 16.10
C GLU A 638 50.40 11.76 15.19
N GLN A 639 50.62 11.67 13.88
CA GLN A 639 49.78 12.40 12.94
C GLN A 639 48.32 11.99 13.07
N PHE A 640 48.06 10.73 13.41
CA PHE A 640 46.69 10.28 13.64
C PHE A 640 46.06 11.00 14.81
N VAL A 641 46.74 11.00 15.96
CA VAL A 641 46.21 11.68 17.14
C VAL A 641 46.07 13.17 16.86
N ALA A 642 46.94 13.73 16.02
CA ALA A 642 46.85 15.15 15.69
C ALA A 642 45.62 15.44 14.85
N THR A 643 45.42 14.65 13.78
CA THR A 643 44.28 14.90 12.90
C THR A 643 42.96 14.53 13.53
N VAL A 644 42.97 13.77 14.63
CA VAL A 644 41.72 13.57 15.35
C VAL A 644 41.52 14.65 16.41
N LEU A 645 42.58 15.11 17.07
CA LEU A 645 42.40 16.09 18.14
C LEU A 645 42.12 17.48 17.59
N GLN A 646 42.84 17.90 16.54
CA GLN A 646 42.66 19.26 16.04
C GLN A 646 41.33 19.41 15.31
N ALA A 647 40.64 18.31 15.06
CA ALA A 647 39.31 18.34 14.46
C ALA A 647 38.24 17.83 15.40
N ALA A 648 38.61 17.38 16.60
CA ALA A 648 37.64 17.14 17.66
C ALA A 648 37.55 18.29 18.64
N SER A 649 38.58 19.13 18.70
CA SER A 649 38.56 20.26 19.63
C SER A 649 37.52 21.28 19.23
N ARG A 650 37.60 21.80 18.00
CA ARG A 650 36.70 22.86 17.56
C ARG A 650 35.26 22.38 17.43
N ASP A 651 34.98 21.10 17.62
CA ASP A 651 33.61 20.65 17.67
C ASP A 651 32.90 21.27 18.87
N LEU A 652 31.60 21.49 18.72
CA LEU A 652 30.86 22.29 19.69
C LEU A 652 30.30 21.45 20.83
N ASP A 653 29.90 20.21 20.57
CA ASP A 653 29.31 19.37 21.59
C ASP A 653 30.28 19.15 22.75
N TRP A 654 29.77 18.63 23.86
CA TRP A 654 30.59 18.43 25.04
C TRP A 654 31.06 16.99 25.19
N GLU A 655 30.19 16.02 24.96
CA GLU A 655 30.58 14.62 25.06
C GLU A 655 31.78 14.32 24.17
N VAL A 656 31.82 14.92 22.98
CA VAL A 656 32.94 14.69 22.07
C VAL A 656 34.23 15.19 22.67
N ARG A 657 34.22 16.40 23.25
CA ARG A 657 35.44 16.92 23.86
C ARG A 657 35.86 16.10 25.07
N ALA A 658 34.88 15.61 25.84
CA ALA A 658 35.20 14.72 26.95
C ALA A 658 35.93 13.47 26.46
N GLN A 659 35.32 12.77 25.50
CA GLN A 659 35.96 11.57 24.95
C GLN A 659 37.30 11.90 24.33
N GLY A 660 37.46 13.11 23.78
CA GLY A 660 38.76 13.52 23.29
C GLY A 660 39.80 13.59 24.39
N LEU A 661 39.43 14.22 25.51
CA LEU A 661 40.32 14.22 26.67
C LEU A 661 40.64 12.81 27.13
N GLU A 662 39.67 11.91 27.04
CA GLU A 662 39.91 10.51 27.38
C GLU A 662 40.94 9.90 26.44
N LEU A 663 40.79 10.15 25.14
CA LEU A 663 41.77 9.70 24.17
C LEU A 663 43.16 10.22 24.51
N ALA A 664 43.24 11.50 24.88
CA ALA A 664 44.53 12.09 25.22
C ALA A 664 45.14 11.43 26.46
N LEU A 665 44.31 11.16 27.47
CA LEU A 665 44.80 10.47 28.65
C LEU A 665 45.36 9.09 28.29
N VAL A 666 44.60 8.34 27.48
CA VAL A 666 45.07 7.03 27.03
C VAL A 666 46.42 7.15 26.33
N PHE A 667 46.53 8.12 25.42
CA PHE A 667 47.76 8.30 24.66
C PHE A 667 48.92 8.64 25.59
N LEU A 668 48.70 9.56 26.53
CA LEU A 668 49.75 9.95 27.47
C LEU A 668 50.22 8.76 28.28
N GLY A 669 49.29 8.02 28.88
CA GLY A 669 49.66 6.85 29.65
C GLY A 669 50.39 5.82 28.81
N GLN A 670 50.04 5.70 27.53
CA GLN A 670 50.68 4.73 26.66
C GLN A 670 52.06 5.19 26.20
N THR A 671 52.33 6.49 26.18
CA THR A 671 53.62 6.98 25.73
C THR A 671 54.59 7.28 26.86
N LEU A 672 54.12 7.24 28.11
CA LEU A 672 54.99 7.51 29.25
C LEU A 672 54.93 6.38 30.27
N PRO A 693 64.47 10.27 29.11
CA PRO A 693 63.70 10.24 27.87
C PRO A 693 62.48 11.16 27.94
N LEU A 694 62.35 11.88 29.06
CA LEU A 694 61.20 12.76 29.24
C LEU A 694 61.21 13.90 28.23
N THR A 695 62.40 14.35 27.84
CA THR A 695 62.52 15.48 26.92
C THR A 695 61.81 15.19 25.59
N GLU A 696 62.30 14.18 24.86
CA GLU A 696 61.74 13.87 23.55
C GLU A 696 60.31 13.39 23.65
N ALA A 697 59.96 12.68 24.72
CA ALA A 697 58.58 12.26 24.93
C ALA A 697 57.66 13.47 25.02
N LEU A 698 58.08 14.49 25.78
CA LEU A 698 57.28 15.71 25.87
C LEU A 698 57.29 16.49 24.57
N ARG A 699 58.38 16.47 23.81
CA ARG A 699 58.37 17.11 22.49
C ARG A 699 57.32 16.47 21.58
N ALA A 700 57.31 15.14 21.53
CA ALA A 700 56.28 14.44 20.76
C ALA A 700 54.88 14.80 21.26
N LEU A 701 54.65 14.70 22.56
CA LEU A 701 53.34 14.99 23.12
C LEU A 701 52.92 16.43 22.90
N CYS A 702 53.87 17.34 22.71
CA CYS A 702 53.55 18.72 22.38
C CYS A 702 53.27 18.91 20.90
N HIS A 703 53.89 18.10 20.04
CA HIS A 703 53.66 18.21 18.61
C HIS A 703 52.18 18.08 18.27
N VAL A 704 51.50 17.11 18.86
CA VAL A 704 50.07 16.95 18.62
C VAL A 704 49.30 18.15 19.17
N GLY A 705 49.85 18.83 20.18
CA GLY A 705 49.19 19.98 20.75
C GLY A 705 48.25 19.69 21.87
N LEU A 706 48.51 18.63 22.65
CA LEU A 706 47.66 18.33 23.80
C LEU A 706 47.62 19.48 24.78
N PHE A 707 48.75 20.17 24.97
CA PHE A 707 48.79 21.31 25.88
C PHE A 707 47.88 22.43 25.39
N ASP A 708 47.82 22.64 24.07
CA ASP A 708 46.90 23.64 23.52
C ASP A 708 45.46 23.31 23.90
N PHE A 709 45.03 22.07 23.61
CA PHE A 709 43.65 21.68 23.93
C PHE A 709 43.39 21.74 25.43
N ALA A 710 44.43 21.48 26.24
CA ALA A 710 44.23 21.48 27.68
C ALA A 710 44.05 22.90 28.21
N PHE A 711 45.04 23.76 28.00
CA PHE A 711 44.93 25.14 28.44
C PHE A 711 43.95 25.96 27.61
N CYS A 712 43.29 25.33 26.63
CA CYS A 712 42.24 25.99 25.86
C CYS A 712 40.85 25.70 26.40
N ALA A 713 40.63 24.49 26.92
CA ALA A 713 39.34 24.07 27.42
C ALA A 713 39.34 23.76 28.90
N LEU A 714 40.29 24.32 29.65
CA LEU A 714 40.26 24.18 31.10
C LEU A 714 39.18 25.06 31.71
N PHE A 715 39.24 26.36 31.43
CA PHE A 715 38.18 27.27 31.86
C PHE A 715 37.04 27.19 30.86
N ASP A 716 36.55 25.98 30.61
CA ASP A 716 35.60 25.76 29.54
C ASP A 716 34.18 26.09 29.98
N CYS A 717 33.32 26.34 29.00
CA CYS A 717 31.92 26.60 29.27
C CYS A 717 31.29 25.45 30.04
N ASP A 718 31.40 24.23 29.54
CA ASP A 718 30.82 23.06 30.18
C ASP A 718 31.79 22.54 31.23
N ARG A 719 31.25 22.10 32.36
CA ARG A 719 32.09 21.72 33.49
C ARG A 719 32.70 20.32 33.38
N PRO A 720 31.95 19.27 33.01
CA PRO A 720 32.59 17.95 32.89
C PRO A 720 33.86 17.96 32.06
N VAL A 721 33.88 18.75 30.99
CA VAL A 721 35.13 19.00 30.26
C VAL A 721 36.22 19.45 31.22
N ALA A 722 35.89 20.41 32.09
CA ALA A 722 36.90 20.95 32.99
C ALA A 722 37.34 19.90 34.00
N GLN A 723 36.42 19.06 34.46
CA GLN A 723 36.78 17.98 35.38
C GLN A 723 37.78 17.04 34.73
N LYS A 724 37.46 16.57 33.53
CA LYS A 724 38.39 15.70 32.81
C LYS A 724 39.73 16.38 32.61
N SER A 725 39.73 17.67 32.30
CA SER A 725 40.99 18.36 32.02
C SER A 725 41.84 18.50 33.27
N CYS A 726 41.23 18.87 34.40
CA CYS A 726 42.03 19.01 35.62
C CYS A 726 42.53 17.66 36.10
N ASP A 727 41.75 16.60 35.89
CA ASP A 727 42.26 15.26 36.18
C ASP A 727 43.47 14.93 35.32
N LEU A 728 43.37 15.19 34.01
CA LEU A 728 44.50 14.97 33.11
C LEU A 728 45.70 15.79 33.53
N LEU A 729 45.48 17.02 33.98
CA LEU A 729 46.60 17.89 34.32
C LEU A 729 47.24 17.47 35.62
N LEU A 730 46.46 16.98 36.59
CA LEU A 730 47.05 16.36 37.77
C LEU A 730 47.90 15.16 37.38
N PHE A 731 47.37 14.31 36.49
CA PHE A 731 48.14 13.17 36.00
C PHE A 731 49.48 13.63 35.43
N LEU A 732 49.44 14.60 34.52
CA LEU A 732 50.65 15.08 33.86
C LEU A 732 51.62 15.69 34.87
N ARG A 733 51.09 16.46 35.82
CA ARG A 733 51.94 17.12 36.81
C ARG A 733 52.66 16.10 37.68
N ASP A 734 51.94 15.12 38.21
CA ASP A 734 52.59 14.12 39.04
C ASP A 734 53.58 13.29 38.22
N LYS A 735 53.26 13.02 36.96
CA LYS A 735 54.14 12.16 36.17
C LYS A 735 55.41 12.89 35.76
N ILE A 736 55.34 14.21 35.58
CA ILE A 736 56.57 14.94 35.30
C ILE A 736 57.33 15.20 36.59
N ALA A 737 56.63 15.31 37.72
CA ALA A 737 57.33 15.45 39.00
C ALA A 737 58.07 14.17 39.37
N SER A 738 57.56 13.01 38.96
CA SER A 738 58.28 11.76 39.19
C SER A 738 59.60 11.71 38.47
N TYR A 739 59.74 12.42 37.34
CA TYR A 739 60.98 12.46 36.59
C TYR A 739 61.57 13.86 36.56
N GLN A 773 57.01 23.12 24.99
CA GLN A 773 58.20 23.91 25.24
C GLN A 773 59.26 23.09 25.98
N GLU A 774 60.23 23.77 26.56
CA GLU A 774 61.32 23.12 27.27
C GLU A 774 60.82 22.54 28.59
N PRO A 775 61.51 21.53 29.13
CA PRO A 775 61.06 20.94 30.40
C PRO A 775 60.87 21.95 31.51
N GLU A 776 61.86 22.83 31.72
CA GLU A 776 61.68 23.92 32.68
C GLU A 776 60.51 24.81 32.27
N ALA A 777 60.43 25.14 30.98
CA ALA A 777 59.36 26.01 30.50
C ALA A 777 57.98 25.38 30.72
N VAL A 778 57.85 24.08 30.42
CA VAL A 778 56.55 23.44 30.55
C VAL A 778 56.18 23.26 32.02
N LEU A 779 57.15 22.89 32.86
CA LEU A 779 56.84 22.76 34.28
C LEU A 779 56.46 24.11 34.87
N ALA A 780 57.05 25.19 34.36
CA ALA A 780 56.65 26.52 34.80
C ALA A 780 55.23 26.84 34.37
N MET A 781 54.96 26.82 33.07
CA MET A 781 53.64 27.16 32.56
C MET A 781 52.55 26.21 33.05
N LEU A 782 52.92 25.06 33.61
CA LEU A 782 51.95 24.21 34.28
C LEU A 782 51.80 24.57 35.75
N ARG A 783 52.91 24.88 36.42
CA ARG A 783 52.88 25.21 37.85
C ARG A 783 52.45 26.63 38.11
N SER A 784 52.35 27.47 37.08
CA SER A 784 51.91 28.85 37.31
C SER A 784 50.47 28.90 37.79
N LEU A 785 49.57 28.20 37.10
CA LEU A 785 48.18 28.15 37.49
C LEU A 785 47.98 27.22 38.70
N ASP A 786 46.74 27.16 39.18
CA ASP A 786 46.39 26.32 40.30
C ASP A 786 45.54 25.13 39.82
N LEU A 787 45.65 24.02 40.54
CA LEU A 787 44.87 22.83 40.24
C LEU A 787 43.95 22.44 41.39
N GLU A 788 44.48 22.35 42.62
CA GLU A 788 43.70 21.80 43.72
C GLU A 788 42.50 22.68 44.05
N GLY A 789 42.71 23.99 44.14
CA GLY A 789 41.58 24.91 44.25
C GLY A 789 40.66 24.80 43.04
N LEU A 790 41.24 24.66 41.86
CA LEU A 790 40.43 24.45 40.66
C LEU A 790 39.73 23.10 40.71
N ARG A 791 40.43 22.07 41.19
CA ARG A 791 39.80 20.76 41.39
C ARG A 791 38.57 20.88 42.29
N SER A 792 38.67 21.70 43.34
CA SER A 792 37.54 21.86 44.25
C SER A 792 36.41 22.64 43.60
N THR A 793 36.72 23.79 42.99
CA THR A 793 35.66 24.60 42.41
C THR A 793 35.03 23.95 41.17
N LEU A 794 35.66 22.91 40.61
CA LEU A 794 35.02 22.19 39.52
C LEU A 794 34.30 20.93 39.99
N ALA A 795 34.88 20.20 40.94
CA ALA A 795 34.14 19.10 41.57
C ALA A 795 32.91 19.60 42.29
N GLU A 796 32.85 20.89 42.59
CA GLU A 796 31.64 21.49 43.15
C GLU A 796 30.50 21.40 42.14
N SER A 797 29.30 21.74 42.60
CA SER A 797 28.13 21.67 41.75
C SER A 797 28.02 22.92 40.88
N SER A 798 27.29 22.78 39.77
CA SER A 798 27.06 23.92 38.89
C SER A 798 26.18 24.99 39.52
N ASP A 799 25.36 24.61 40.50
CA ASP A 799 24.43 25.53 41.15
C ASP A 799 24.78 25.77 42.61
N HIS A 800 26.05 25.58 43.00
CA HIS A 800 26.46 25.78 44.37
C HIS A 800 26.08 27.16 44.89
N VAL A 801 26.11 28.17 44.03
CA VAL A 801 25.71 29.51 44.44
C VAL A 801 24.20 29.61 44.47
N GLU A 802 23.53 29.29 43.37
CA GLU A 802 22.09 29.48 43.26
C GLU A 802 21.29 28.39 43.96
N LYS A 803 21.92 27.57 44.79
CA LYS A 803 21.20 26.72 45.72
C LYS A 803 21.56 27.00 47.17
N SER A 804 22.53 27.88 47.42
CA SER A 804 22.90 28.24 48.78
C SER A 804 21.71 28.88 49.49
N PRO A 805 21.65 28.77 50.82
CA PRO A 805 20.51 29.35 51.54
C PRO A 805 20.37 30.84 51.35
N GLN A 806 21.47 31.59 51.44
CA GLN A 806 21.39 33.04 51.29
C GLN A 806 20.85 33.43 49.91
N SER A 807 21.34 32.77 48.87
CA SER A 807 20.86 33.05 47.51
C SER A 807 19.38 32.73 47.37
N LEU A 808 18.94 31.61 47.95
CA LEU A 808 17.52 31.28 47.92
C LEU A 808 16.70 32.33 48.64
N LEU A 809 17.19 32.83 49.78
CA LEU A 809 16.47 33.87 50.50
C LEU A 809 16.35 35.13 49.66
N GLN A 810 17.44 35.54 49.02
CA GLN A 810 17.38 36.68 48.12
C GLN A 810 16.34 36.46 47.03
N ASP A 811 16.39 35.30 46.38
CA ASP A 811 15.49 35.01 45.27
C ASP A 811 14.05 34.89 45.72
N MET A 812 13.82 34.66 47.02
CA MET A 812 12.47 34.52 47.54
C MET A 812 11.87 35.86 47.95
N LEU A 813 12.56 36.58 48.84
CA LEU A 813 11.99 37.82 49.38
C LEU A 813 11.98 38.97 48.39
N ALA A 814 12.47 38.76 47.17
CA ALA A 814 12.49 39.81 46.15
C ALA A 814 11.41 39.59 45.10
N THR A 815 10.26 39.08 45.53
CA THR A 815 9.16 38.80 44.62
C THR A 815 8.48 40.10 44.21
N GLY A 816 7.91 40.11 43.00
CA GLY A 816 7.23 41.29 42.51
C GLY A 816 7.75 41.86 41.20
N GLY A 817 8.28 41.02 40.33
CA GLY A 817 8.74 41.46 39.02
C GLY A 817 7.81 41.06 37.90
N PHE A 818 8.37 40.54 36.80
CA PHE A 818 7.55 40.08 35.70
C PHE A 818 6.78 38.81 36.05
N LEU A 819 7.37 37.95 36.87
CA LEU A 819 6.73 36.70 37.26
C LEU A 819 6.01 36.85 38.60
N GLU A 823 2.63 33.50 33.28
CA GLU A 823 3.43 32.92 34.36
C GLU A 823 4.06 31.61 33.90
N ALA A 824 3.89 30.56 34.70
CA ALA A 824 4.51 29.28 34.41
C ALA A 824 4.10 28.75 33.04
N ASP A 825 5.01 27.99 32.42
CA ASP A 825 4.79 27.52 31.05
C ASP A 825 5.77 26.39 30.76
N CYS A 826 5.45 25.62 29.72
CA CYS A 826 6.30 24.51 29.28
C CYS A 826 7.77 24.93 29.24
N TYR A 827 8.65 24.03 29.63
CA TYR A 827 10.07 24.34 29.67
C TYR A 827 10.65 24.38 28.27
N MET B 1 -36.87 -15.86 -4.52
CA MET B 1 -35.49 -15.37 -4.55
C MET B 1 -34.52 -16.53 -4.77
N LYS B 2 -33.56 -16.33 -5.66
CA LYS B 2 -32.61 -17.38 -5.98
C LYS B 2 -31.22 -16.79 -6.20
N LEU B 3 -30.21 -17.63 -6.05
CA LEU B 3 -28.81 -17.21 -6.21
C LEU B 3 -28.11 -18.26 -7.07
N TYR B 4 -27.97 -17.98 -8.36
CA TYR B 4 -27.25 -18.88 -9.27
C TYR B 4 -25.79 -18.50 -9.20
N CYS B 5 -25.05 -19.15 -8.32
CA CYS B 5 -23.61 -18.92 -8.21
C CYS B 5 -22.91 -19.65 -9.36
N LEU B 6 -22.21 -18.88 -10.20
CA LEU B 6 -21.52 -19.48 -11.33
C LEU B 6 -20.06 -19.74 -11.01
N SER B 7 -19.32 -18.68 -10.70
CA SER B 7 -17.88 -18.78 -10.52
C SER B 7 -17.57 -19.35 -9.15
N GLY B 8 -17.07 -20.59 -9.12
CA GLY B 8 -16.64 -21.21 -7.90
C GLY B 8 -15.35 -20.67 -7.33
N HIS B 9 -14.66 -19.81 -8.07
CA HIS B 9 -13.46 -19.18 -7.55
C HIS B 9 -13.80 -18.35 -6.32
N PRO B 10 -12.91 -18.31 -5.34
CA PRO B 10 -13.26 -17.64 -4.08
C PRO B 10 -13.08 -16.14 -4.08
N THR B 11 -12.17 -15.60 -4.90
CA THR B 11 -11.90 -14.16 -4.91
C THR B 11 -12.05 -13.51 -6.27
N LEU B 12 -12.47 -14.25 -7.29
CA LEU B 12 -12.85 -13.66 -8.56
C LEU B 12 -14.34 -13.90 -8.73
N PRO B 13 -15.18 -13.23 -7.94
CA PRO B 13 -16.56 -13.66 -7.79
C PRO B 13 -17.38 -13.40 -9.04
N CYS B 14 -18.54 -14.04 -9.08
CA CYS B 14 -19.57 -13.80 -10.08
C CYS B 14 -20.84 -14.53 -9.66
N ASN B 15 -21.99 -13.85 -9.63
CA ASN B 15 -23.19 -14.61 -9.28
C ASN B 15 -24.44 -13.92 -9.76
N VAL B 16 -25.40 -14.71 -10.25
CA VAL B 16 -26.65 -14.21 -10.79
C VAL B 16 -27.68 -14.19 -9.67
N LEU B 17 -27.97 -13.01 -9.14
CA LEU B 17 -29.03 -12.88 -8.14
C LEU B 17 -30.35 -12.78 -8.90
N LYS B 18 -31.15 -13.84 -8.82
CA LYS B 18 -32.45 -13.84 -9.50
C LYS B 18 -33.51 -13.39 -8.49
N PHE B 19 -34.31 -12.42 -8.89
CA PHE B 19 -35.21 -11.70 -8.02
C PHE B 19 -36.64 -11.89 -8.51
N LYS B 20 -37.56 -11.17 -7.89
CA LYS B 20 -38.97 -11.16 -8.27
C LYS B 20 -39.16 -10.86 -9.75
N SER B 21 -38.70 -9.69 -10.19
CA SER B 21 -38.85 -9.27 -11.59
C SER B 21 -37.54 -9.24 -12.35
N THR B 22 -36.54 -8.51 -11.85
CA THR B 22 -35.25 -8.42 -12.49
C THR B 22 -34.41 -9.65 -12.16
N THR B 23 -33.34 -9.85 -12.93
CA THR B 23 -32.36 -10.91 -12.67
C THR B 23 -30.98 -10.26 -12.77
N ILE B 24 -30.49 -9.74 -11.66
CA ILE B 24 -29.26 -8.98 -11.65
C ILE B 24 -28.08 -9.92 -11.65
N MET B 25 -26.93 -9.44 -12.13
CA MET B 25 -25.71 -10.23 -12.18
C MET B 25 -24.63 -9.49 -11.39
N LEU B 26 -24.47 -9.86 -10.13
CA LEU B 26 -23.46 -9.23 -9.30
C LEU B 26 -22.07 -9.65 -9.78
N ASP B 27 -21.40 -8.72 -10.46
CA ASP B 27 -19.96 -8.67 -10.65
C ASP B 27 -19.43 -9.96 -11.30
N CYS B 28 -19.81 -10.14 -12.55
CA CYS B 28 -19.28 -11.26 -13.34
C CYS B 28 -17.77 -11.07 -13.45
N GLY B 29 -17.02 -12.11 -13.09
CA GLY B 29 -15.58 -12.06 -13.12
C GLY B 29 -14.97 -13.11 -14.02
N LEU B 30 -13.64 -13.12 -14.07
CA LEU B 30 -12.92 -14.02 -14.97
C LEU B 30 -11.85 -14.75 -14.19
N ASP B 31 -12.07 -16.03 -13.93
CA ASP B 31 -11.03 -16.88 -13.38
C ASP B 31 -9.87 -16.85 -14.37
N MET B 32 -8.66 -16.62 -13.87
CA MET B 32 -7.52 -16.44 -14.75
C MET B 32 -6.38 -17.40 -14.46
N THR B 33 -6.50 -18.23 -13.43
CA THR B 33 -5.44 -19.18 -13.14
C THR B 33 -5.37 -20.30 -14.17
N SER B 34 -6.38 -20.42 -15.04
CA SER B 34 -6.32 -21.42 -16.09
C SER B 34 -5.13 -21.22 -16.99
N THR B 35 -4.63 -20.00 -17.08
CA THR B 35 -3.45 -19.76 -17.90
C THR B 35 -2.23 -20.35 -17.32
N LEU B 36 -2.28 -20.99 -16.17
CA LEU B 36 -1.06 -21.54 -15.58
C LEU B 36 -0.70 -22.91 -16.13
N ASN B 37 -1.67 -23.63 -16.69
CA ASN B 37 -1.36 -24.93 -17.25
C ASN B 37 -0.68 -24.82 -18.61
N PHE B 38 -0.84 -23.69 -19.28
CA PHE B 38 -0.30 -23.48 -20.61
C PHE B 38 1.10 -22.90 -20.55
N LEU B 39 1.85 -23.09 -21.64
CA LEU B 39 3.20 -22.57 -21.73
C LEU B 39 3.15 -21.04 -21.83
N PRO B 40 4.30 -20.37 -21.79
CA PRO B 40 4.30 -18.92 -21.95
C PRO B 40 4.25 -18.51 -23.42
N LEU B 41 4.08 -17.21 -23.62
CA LEU B 41 4.08 -16.59 -24.95
C LEU B 41 5.26 -15.64 -25.09
N PRO B 42 6.48 -16.15 -25.18
CA PRO B 42 7.64 -15.26 -25.20
C PRO B 42 7.65 -14.42 -26.48
N LEU B 43 8.21 -13.22 -26.34
CA LEU B 43 8.26 -12.30 -27.47
C LEU B 43 9.08 -12.88 -28.62
N VAL B 44 10.35 -13.08 -28.38
CA VAL B 44 11.24 -13.66 -29.38
C VAL B 44 11.26 -15.16 -29.22
N GLN B 45 11.69 -15.86 -30.26
CA GLN B 45 11.79 -17.31 -30.19
C GLN B 45 12.73 -17.72 -29.07
N SER B 46 12.16 -18.33 -28.04
CA SER B 46 12.91 -18.73 -26.86
C SER B 46 13.61 -20.06 -27.11
N PRO B 47 14.94 -20.07 -27.21
CA PRO B 47 15.63 -21.31 -27.55
C PRO B 47 15.46 -22.41 -26.53
N ARG B 48 15.19 -22.09 -25.26
CA ARG B 48 15.03 -23.13 -24.26
C ARG B 48 13.67 -23.82 -24.36
N LEU B 49 12.63 -23.08 -24.75
CA LEU B 49 11.28 -23.62 -24.74
C LEU B 49 10.78 -24.06 -26.11
N SER B 50 11.48 -23.73 -27.19
CA SER B 50 11.10 -24.26 -28.49
C SER B 50 11.56 -25.69 -28.66
N ASN B 51 12.61 -26.09 -27.94
CA ASN B 51 13.22 -27.39 -28.09
C ASN B 51 13.04 -28.28 -26.87
N LEU B 52 12.02 -28.02 -26.05
CA LEU B 52 11.76 -28.88 -24.91
C LEU B 52 11.52 -30.31 -25.38
N PRO B 53 11.83 -31.30 -24.55
CA PRO B 53 11.56 -32.69 -24.96
C PRO B 53 10.07 -32.96 -25.06
N GLY B 54 9.59 -33.15 -26.27
CA GLY B 54 8.19 -33.44 -26.49
C GLY B 54 7.75 -34.64 -25.69
N TRP B 55 6.93 -34.41 -24.66
CA TRP B 55 6.49 -35.51 -23.81
C TRP B 55 5.66 -36.50 -24.60
N SER B 56 5.77 -37.78 -24.24
CA SER B 56 5.12 -38.85 -24.96
C SER B 56 4.29 -39.69 -24.02
N LEU B 57 3.16 -40.19 -24.52
CA LEU B 57 2.33 -41.10 -23.76
C LEU B 57 3.01 -42.46 -23.66
N LYS B 58 2.70 -43.18 -22.58
CA LYS B 58 3.28 -44.51 -22.38
C LYS B 58 2.82 -45.47 -23.49
N ASP B 59 1.52 -45.48 -23.77
CA ASP B 59 1.02 -46.32 -24.86
C ASP B 59 1.30 -45.68 -26.22
N GLY B 60 1.01 -44.40 -26.36
CA GLY B 60 1.21 -43.73 -27.63
C GLY B 60 0.15 -44.06 -28.66
N ASN B 61 -1.10 -44.23 -28.23
CA ASN B 61 -2.19 -44.48 -29.17
C ASN B 61 -2.38 -43.29 -30.12
N ALA B 62 -2.13 -42.08 -29.64
CA ALA B 62 -2.28 -40.87 -30.44
C ALA B 62 -0.96 -40.11 -30.49
N PHE B 63 -0.91 -39.10 -31.36
CA PHE B 63 0.29 -38.30 -31.55
C PHE B 63 0.30 -37.09 -30.61
N LEU B 64 0.12 -37.35 -29.32
CA LEU B 64 0.22 -36.29 -28.31
C LEU B 64 1.61 -35.67 -28.25
N ASP B 65 2.61 -36.30 -28.87
CA ASP B 65 4.00 -35.84 -28.81
C ASP B 65 4.19 -34.45 -29.41
N LYS B 66 3.15 -33.85 -29.97
CA LYS B 66 3.24 -32.48 -30.45
C LYS B 66 2.44 -31.49 -29.62
N GLU B 67 1.45 -31.95 -28.86
CA GLU B 67 0.69 -31.03 -28.02
C GLU B 67 1.42 -30.74 -26.72
N LEU B 68 1.63 -31.76 -25.90
CA LEU B 68 2.14 -31.57 -24.55
C LEU B 68 3.67 -31.60 -24.55
N LYS B 69 4.27 -30.75 -23.74
CA LYS B 69 5.72 -30.70 -23.58
C LYS B 69 6.09 -30.99 -22.14
N GLU B 70 7.30 -31.48 -21.94
CA GLU B 70 7.79 -31.82 -20.61
C GLU B 70 8.95 -30.92 -20.21
N CYS B 71 8.91 -30.39 -18.99
CA CYS B 71 9.99 -29.59 -18.43
C CYS B 71 10.09 -29.86 -16.95
N SER B 72 11.24 -30.40 -16.53
CA SER B 72 11.62 -30.56 -15.14
C SER B 72 10.51 -31.15 -14.27
N GLY B 73 9.81 -32.17 -14.75
CA GLY B 73 8.82 -32.85 -13.95
C GLY B 73 7.39 -32.37 -14.13
N HIS B 74 7.12 -31.46 -15.05
CA HIS B 74 5.77 -30.99 -15.31
C HIS B 74 5.53 -30.90 -16.80
N VAL B 75 4.35 -31.32 -17.23
CA VAL B 75 3.99 -31.35 -18.63
C VAL B 75 2.89 -30.34 -18.88
N PHE B 76 3.00 -29.61 -19.99
CA PHE B 76 2.14 -28.48 -20.27
C PHE B 76 1.53 -28.58 -21.66
N VAL B 77 0.35 -27.97 -21.80
CA VAL B 77 -0.30 -27.83 -23.09
C VAL B 77 0.43 -26.76 -23.89
N ASP B 78 0.52 -26.94 -25.20
CA ASP B 78 1.13 -25.96 -26.10
C ASP B 78 0.02 -25.32 -26.92
N SER B 79 -0.33 -24.09 -26.56
CA SER B 79 -1.33 -23.32 -27.25
C SER B 79 -1.22 -21.87 -26.81
N VAL B 80 -2.18 -21.06 -27.23
CA VAL B 80 -2.37 -19.75 -26.59
C VAL B 80 -2.98 -19.99 -25.21
N PRO B 81 -2.79 -19.08 -24.26
CA PRO B 81 -3.36 -19.31 -22.93
C PRO B 81 -4.88 -19.20 -22.97
N GLU B 82 -5.54 -20.34 -22.93
CA GLU B 82 -7.00 -20.41 -23.01
C GLU B 82 -7.57 -20.09 -21.63
N PHE B 83 -8.01 -18.85 -21.46
CA PHE B 83 -8.47 -18.36 -20.16
C PHE B 83 -9.63 -19.20 -19.63
N CYS B 84 -9.89 -19.07 -18.33
CA CYS B 84 -11.08 -19.67 -17.76
C CYS B 84 -12.28 -18.75 -18.00
N LEU B 85 -13.44 -19.19 -17.53
CA LEU B 85 -14.68 -18.50 -17.85
C LEU B 85 -15.76 -18.90 -16.87
N PRO B 86 -16.73 -18.02 -16.61
CA PRO B 86 -17.91 -18.43 -15.85
C PRO B 86 -18.81 -19.32 -16.70
N GLU B 87 -19.21 -20.45 -16.13
CA GLU B 87 -20.13 -21.38 -16.76
C GLU B 87 -21.30 -20.64 -17.41
N THR B 88 -21.63 -21.00 -18.65
CA THR B 88 -22.69 -20.34 -19.40
C THR B 88 -23.83 -21.30 -19.73
N GLU B 89 -24.21 -22.15 -18.78
CA GLU B 89 -25.21 -23.17 -19.02
C GLU B 89 -26.43 -23.08 -18.11
N LEU B 90 -26.26 -22.67 -16.86
CA LEU B 90 -27.38 -22.71 -15.91
C LEU B 90 -28.51 -21.79 -16.36
N ILE B 91 -28.25 -20.48 -16.42
CA ILE B 91 -29.23 -19.51 -16.86
C ILE B 91 -28.79 -18.96 -18.20
N ASP B 92 -29.73 -18.75 -19.11
CA ASP B 92 -29.44 -18.11 -20.38
C ASP B 92 -29.08 -16.65 -20.14
N LEU B 93 -27.96 -16.22 -20.69
CA LEU B 93 -27.43 -14.89 -20.38
C LEU B 93 -28.19 -13.78 -21.01
N SER B 94 -29.34 -14.02 -21.64
CA SER B 94 -30.13 -12.92 -22.18
C SER B 94 -31.17 -12.42 -21.20
N THR B 95 -31.63 -13.28 -20.29
CA THR B 95 -32.61 -12.88 -19.29
C THR B 95 -32.06 -11.86 -18.31
N VAL B 96 -30.75 -11.88 -18.09
CA VAL B 96 -30.08 -10.90 -17.22
C VAL B 96 -30.45 -9.50 -17.68
N ASP B 97 -30.74 -8.62 -16.74
CA ASP B 97 -31.21 -7.27 -17.06
C ASP B 97 -30.21 -6.19 -16.69
N VAL B 98 -29.45 -6.36 -15.61
CA VAL B 98 -28.54 -5.33 -15.14
C VAL B 98 -27.34 -6.01 -14.51
N ILE B 99 -26.15 -5.62 -14.96
CA ILE B 99 -24.89 -6.15 -14.45
C ILE B 99 -24.16 -5.04 -13.70
N LEU B 100 -24.07 -5.17 -12.39
CA LEU B 100 -23.29 -4.23 -11.59
C LEU B 100 -21.81 -4.56 -11.72
N ILE B 101 -20.99 -3.86 -10.94
CA ILE B 101 -19.55 -4.07 -10.93
C ILE B 101 -19.01 -3.58 -9.59
N SER B 102 -18.03 -4.30 -9.05
CA SER B 102 -17.38 -3.85 -7.82
C SER B 102 -16.14 -3.03 -8.11
N ASN B 103 -15.19 -3.61 -8.85
CA ASN B 103 -13.90 -2.98 -9.06
C ASN B 103 -13.14 -3.75 -10.12
N TYR B 104 -12.16 -3.08 -10.73
CA TYR B 104 -11.53 -3.57 -11.96
C TYR B 104 -11.11 -5.02 -11.88
N HIS B 105 -10.53 -5.45 -10.74
CA HIS B 105 -10.00 -6.80 -10.64
C HIS B 105 -11.07 -7.87 -10.81
N CYS B 106 -12.33 -7.49 -10.99
CA CYS B 106 -13.40 -8.46 -11.16
C CYS B 106 -14.20 -8.27 -12.44
N MET B 107 -13.85 -7.30 -13.29
CA MET B 107 -14.63 -7.00 -14.47
C MET B 107 -13.99 -7.51 -15.75
N MET B 108 -12.91 -8.28 -15.65
CA MET B 108 -12.18 -8.71 -16.85
C MET B 108 -13.00 -9.64 -17.75
N ALA B 109 -14.23 -9.98 -17.37
CA ALA B 109 -15.04 -10.92 -18.14
C ALA B 109 -16.31 -10.30 -18.69
N LEU B 110 -16.30 -9.01 -18.97
CA LEU B 110 -17.48 -8.40 -19.58
C LEU B 110 -17.52 -8.70 -21.08
N PRO B 111 -16.41 -8.61 -21.82
CA PRO B 111 -16.47 -8.96 -23.24
C PRO B 111 -17.01 -10.36 -23.49
N TYR B 112 -16.68 -11.33 -22.64
CA TYR B 112 -17.20 -12.68 -22.83
C TYR B 112 -18.70 -12.74 -22.63
N ILE B 113 -19.25 -11.90 -21.76
CA ILE B 113 -20.65 -12.03 -21.37
C ILE B 113 -21.55 -11.19 -22.27
N THR B 114 -21.26 -9.90 -22.44
CA THR B 114 -22.21 -8.99 -23.08
C THR B 114 -21.96 -8.80 -24.57
N GLU B 115 -21.14 -9.62 -25.19
CA GLU B 115 -20.97 -9.44 -26.63
C GLU B 115 -21.13 -10.72 -27.43
N HIS B 116 -20.67 -11.85 -26.91
CA HIS B 116 -20.67 -13.10 -27.68
C HIS B 116 -22.01 -13.83 -27.63
N THR B 117 -22.85 -13.57 -26.62
CA THR B 117 -24.05 -14.38 -26.44
C THR B 117 -25.35 -13.58 -26.41
N GLY B 118 -25.37 -12.36 -26.91
CA GLY B 118 -26.62 -11.62 -27.01
C GLY B 118 -27.16 -11.15 -25.68
N PHE B 119 -26.45 -10.22 -25.04
CA PHE B 119 -26.92 -9.60 -23.82
C PHE B 119 -27.61 -8.29 -24.15
N THR B 120 -28.66 -7.96 -23.38
CA THR B 120 -29.55 -6.87 -23.74
C THR B 120 -29.65 -5.78 -22.69
N GLY B 121 -28.98 -5.90 -21.55
CA GLY B 121 -29.08 -4.92 -20.49
C GLY B 121 -28.01 -3.84 -20.60
N THR B 122 -27.89 -3.08 -19.52
CA THR B 122 -26.91 -2.01 -19.39
C THR B 122 -26.23 -2.12 -18.04
N VAL B 123 -24.91 -2.05 -18.06
CA VAL B 123 -24.10 -2.29 -16.87
C VAL B 123 -23.80 -0.97 -16.17
N TYR B 124 -23.78 -1.02 -14.84
CA TYR B 124 -23.43 0.12 -14.02
C TYR B 124 -22.04 -0.08 -13.44
N ALA B 125 -21.37 1.04 -13.15
CA ALA B 125 -20.05 1.02 -12.55
C ALA B 125 -19.68 2.46 -12.23
N THR B 126 -18.90 2.63 -11.18
CA THR B 126 -18.40 3.96 -10.86
C THR B 126 -17.39 4.39 -11.92
N GLU B 127 -16.91 5.61 -11.82
CA GLU B 127 -16.03 6.13 -12.85
C GLU B 127 -14.62 5.56 -12.75
N PRO B 128 -13.96 5.60 -11.59
CA PRO B 128 -12.60 5.05 -11.52
C PRO B 128 -12.53 3.57 -11.88
N THR B 129 -13.56 2.79 -11.53
CA THR B 129 -13.51 1.38 -11.86
C THR B 129 -13.65 1.16 -13.36
N VAL B 130 -14.48 1.94 -14.05
CA VAL B 130 -14.57 1.75 -15.49
C VAL B 130 -13.29 2.20 -16.16
N GLN B 131 -12.64 3.24 -15.65
CA GLN B 131 -11.38 3.68 -16.24
C GLN B 131 -10.30 2.62 -16.07
N ILE B 132 -10.06 2.17 -14.84
CA ILE B 132 -9.00 1.20 -14.61
C ILE B 132 -9.35 -0.13 -15.28
N GLY B 133 -10.64 -0.44 -15.43
CA GLY B 133 -11.02 -1.64 -16.13
C GLY B 133 -10.71 -1.58 -17.62
N ARG B 134 -11.05 -0.45 -18.26
CA ARG B 134 -10.60 -0.24 -19.63
C ARG B 134 -9.10 -0.43 -19.72
N LEU B 135 -8.38 0.08 -18.75
CA LEU B 135 -6.92 0.04 -18.81
C LEU B 135 -6.41 -1.40 -18.72
N LEU B 136 -6.96 -2.18 -17.79
CA LEU B 136 -6.54 -3.58 -17.63
C LEU B 136 -6.89 -4.40 -18.87
N MET B 137 -8.13 -4.30 -19.34
CA MET B 137 -8.50 -5.02 -20.55
C MET B 137 -7.63 -4.61 -21.73
N GLU B 138 -7.19 -3.36 -21.76
CA GLU B 138 -6.30 -2.92 -22.83
C GLU B 138 -4.94 -3.62 -22.74
N GLU B 139 -4.37 -3.68 -21.54
CA GLU B 139 -3.08 -4.35 -21.48
C GLU B 139 -3.22 -5.83 -21.81
N LEU B 140 -4.34 -6.44 -21.46
CA LEU B 140 -4.52 -7.87 -21.75
C LEU B 140 -4.60 -8.10 -23.25
N VAL B 141 -5.45 -7.33 -23.93
CA VAL B 141 -5.62 -7.49 -25.36
C VAL B 141 -4.35 -7.11 -26.11
N ASN B 142 -3.50 -6.27 -25.49
CA ASN B 142 -2.28 -5.87 -26.18
C ASN B 142 -1.12 -6.81 -25.86
N PHE B 143 -1.22 -7.56 -24.76
CA PHE B 143 -0.19 -8.55 -24.45
C PHE B 143 -0.41 -9.84 -25.22
N ILE B 144 -1.63 -10.38 -25.20
CA ILE B 144 -1.84 -11.68 -25.83
C ILE B 144 -1.69 -11.59 -27.34
N GLU B 145 -1.98 -10.44 -27.94
CA GLU B 145 -1.99 -10.30 -29.38
C GLU B 145 -0.85 -9.46 -29.91
N ARG B 146 0.35 -9.63 -29.36
CA ARG B 146 1.51 -8.95 -29.91
C ARG B 146 2.36 -9.90 -30.76
N VAL B 147 2.39 -11.18 -30.40
CA VAL B 147 2.95 -12.23 -31.24
C VAL B 147 1.98 -13.40 -31.15
N PRO B 148 0.95 -13.44 -31.99
CA PRO B 148 -0.09 -14.47 -31.84
C PRO B 148 0.45 -15.86 -32.13
N LYS B 149 -0.03 -16.83 -31.36
CA LYS B 149 0.42 -18.21 -31.41
C LYS B 149 -0.78 -19.13 -31.56
N ALA B 150 -1.65 -18.82 -32.52
CA ALA B 150 -2.98 -19.40 -32.61
C ALA B 150 -2.99 -20.92 -32.77
N GLN B 151 -1.81 -21.53 -32.97
CA GLN B 151 -1.76 -22.97 -33.15
C GLN B 151 -2.30 -23.67 -31.91
N SER B 152 -3.46 -24.29 -32.05
CA SER B 152 -4.21 -24.81 -30.91
C SER B 152 -3.78 -26.22 -30.57
N ALA B 153 -4.56 -26.84 -29.68
CA ALA B 153 -4.27 -28.16 -29.14
C ALA B 153 -5.58 -28.74 -28.64
N SER B 154 -6.12 -29.73 -29.34
CA SER B 154 -7.49 -30.18 -29.09
C SER B 154 -7.60 -31.62 -28.60
N LEU B 155 -6.64 -32.49 -28.93
CA LEU B 155 -6.76 -33.89 -28.54
C LEU B 155 -6.85 -34.06 -27.03
N TRP B 156 -6.05 -33.31 -26.28
CA TRP B 156 -6.03 -33.42 -24.83
C TRP B 156 -7.37 -33.07 -24.17
N LYS B 157 -8.22 -32.32 -24.87
CA LYS B 157 -9.37 -31.71 -24.22
C LYS B 157 -10.47 -32.69 -23.84
N ASN B 158 -10.42 -33.94 -24.31
CA ASN B 158 -11.48 -34.88 -24.01
C ASN B 158 -11.35 -35.40 -22.57
N LYS B 159 -12.48 -35.86 -22.01
CA LYS B 159 -12.49 -36.33 -20.63
C LYS B 159 -11.70 -37.62 -20.49
N ASP B 160 -11.91 -38.57 -21.42
CA ASP B 160 -11.21 -39.84 -21.36
C ASP B 160 -9.70 -39.65 -21.34
N ILE B 161 -9.17 -38.85 -22.27
CA ILE B 161 -7.74 -38.62 -22.32
C ILE B 161 -7.29 -37.79 -21.11
N GLN B 162 -8.16 -36.88 -20.65
CA GLN B 162 -7.81 -36.06 -19.49
C GLN B 162 -7.55 -36.92 -18.26
N ARG B 163 -8.37 -37.95 -18.05
CA ARG B 163 -8.22 -38.78 -16.87
C ARG B 163 -6.92 -39.59 -16.87
N LEU B 164 -6.15 -39.55 -17.95
CA LEU B 164 -4.89 -40.28 -18.03
C LEU B 164 -3.67 -39.36 -18.00
N LEU B 165 -3.88 -38.05 -17.79
CA LEU B 165 -2.71 -37.19 -17.65
C LEU B 165 -2.56 -36.74 -16.20
N PRO B 166 -1.36 -36.85 -15.65
CA PRO B 166 -1.17 -36.59 -14.22
C PRO B 166 -1.40 -35.15 -13.81
N SER B 167 -1.26 -34.88 -12.53
CA SER B 167 -1.29 -33.51 -12.03
C SER B 167 -0.14 -32.72 -12.64
N PRO B 168 -0.33 -31.40 -12.85
CA PRO B 168 -1.44 -30.54 -12.47
C PRO B 168 -2.62 -30.56 -13.43
N LEU B 169 -2.44 -31.14 -14.61
CA LEU B 169 -3.46 -31.05 -15.64
C LEU B 169 -4.71 -31.83 -15.26
N LYS B 170 -4.58 -32.97 -14.56
CA LYS B 170 -5.76 -33.70 -14.12
C LYS B 170 -6.56 -32.88 -13.11
N ASP B 171 -5.93 -31.91 -12.47
CA ASP B 171 -6.60 -31.02 -11.54
C ASP B 171 -7.47 -29.98 -12.24
N ALA B 172 -7.36 -29.86 -13.56
CA ALA B 172 -8.15 -28.89 -14.29
C ALA B 172 -9.64 -29.14 -14.07
N VAL B 173 -10.42 -28.07 -14.24
CA VAL B 173 -11.85 -28.10 -13.95
C VAL B 173 -12.60 -27.53 -15.15
N GLU B 174 -13.58 -28.29 -15.63
CA GLU B 174 -14.48 -27.84 -16.70
C GLU B 174 -13.69 -27.45 -17.95
N VAL B 175 -12.85 -28.37 -18.42
CA VAL B 175 -11.88 -28.08 -19.47
C VAL B 175 -12.56 -27.83 -20.81
N SER B 176 -13.87 -28.04 -20.88
CA SER B 176 -14.58 -27.90 -22.14
C SER B 176 -15.05 -26.47 -22.40
N THR B 177 -14.98 -25.59 -21.41
CA THR B 177 -15.40 -24.19 -21.56
C THR B 177 -14.24 -23.21 -21.43
N TRP B 178 -13.06 -23.58 -21.91
CA TRP B 178 -11.91 -22.71 -21.89
C TRP B 178 -11.76 -22.03 -23.24
N ARG B 179 -11.47 -20.74 -23.24
CA ARG B 179 -11.48 -19.95 -24.46
C ARG B 179 -10.21 -19.12 -24.61
N ARG B 180 -9.85 -18.87 -25.85
CA ARG B 180 -8.86 -17.86 -26.18
C ARG B 180 -9.38 -16.49 -25.80
N CYS B 181 -8.49 -15.52 -25.66
CA CYS B 181 -8.91 -14.19 -25.26
C CYS B 181 -9.79 -13.56 -26.33
N TYR B 182 -10.40 -12.44 -25.96
CA TYR B 182 -11.27 -11.69 -26.83
C TYR B 182 -10.45 -10.69 -27.64
N THR B 183 -11.11 -9.88 -28.48
CA THR B 183 -10.40 -9.00 -29.37
C THR B 183 -10.65 -7.55 -28.98
N MET B 184 -10.00 -6.63 -29.69
CA MET B 184 -10.00 -5.21 -29.33
C MET B 184 -11.38 -4.59 -29.51
N GLN B 185 -11.94 -4.69 -30.72
CA GLN B 185 -13.25 -4.10 -30.99
C GLN B 185 -14.30 -4.62 -30.01
N GLU B 186 -14.16 -5.86 -29.57
CA GLU B 186 -15.11 -6.44 -28.63
C GLU B 186 -15.14 -5.64 -27.33
N VAL B 187 -13.97 -5.45 -26.70
CA VAL B 187 -13.95 -4.71 -25.44
C VAL B 187 -14.30 -3.25 -25.67
N ASN B 188 -13.93 -2.69 -26.81
CA ASN B 188 -14.19 -1.27 -27.04
C ASN B 188 -15.69 -1.02 -27.21
N SER B 189 -16.40 -1.96 -27.83
CA SER B 189 -17.85 -1.84 -27.93
C SER B 189 -18.52 -2.18 -26.62
N ALA B 190 -17.98 -3.15 -25.89
CA ALA B 190 -18.60 -3.58 -24.63
C ALA B 190 -18.58 -2.46 -23.60
N LEU B 191 -17.44 -1.78 -23.46
CA LEU B 191 -17.37 -0.69 -22.49
C LEU B 191 -18.25 0.49 -22.85
N SER B 192 -18.71 0.59 -24.10
CA SER B 192 -19.63 1.66 -24.45
C SER B 192 -20.97 1.53 -23.72
N LYS B 193 -21.35 0.32 -23.33
CA LYS B 193 -22.63 0.13 -22.68
C LYS B 193 -22.62 0.59 -21.23
N ILE B 194 -21.46 0.91 -20.70
CA ILE B 194 -21.33 1.42 -19.33
C ILE B 194 -22.22 2.65 -19.18
N GLN B 195 -22.81 2.80 -17.99
CA GLN B 195 -23.52 4.02 -17.61
C GLN B 195 -23.05 4.46 -16.23
N LEU B 196 -22.19 5.48 -16.20
CA LEU B 196 -21.51 5.88 -14.97
C LEU B 196 -22.49 6.19 -13.86
N VAL B 197 -22.05 5.98 -12.62
CA VAL B 197 -22.86 6.19 -11.42
C VAL B 197 -21.94 6.64 -10.30
N GLY B 198 -22.35 7.68 -9.59
CA GLY B 198 -21.60 8.13 -8.44
C GLY B 198 -22.08 7.48 -7.15
N TYR B 199 -21.38 7.80 -6.06
CA TYR B 199 -21.72 7.21 -4.77
C TYR B 199 -23.06 7.73 -4.26
N SER B 200 -23.80 6.85 -3.59
CA SER B 200 -25.09 7.17 -3.00
C SER B 200 -26.07 7.73 -4.04
N GLN B 201 -25.76 7.57 -5.32
CA GLN B 201 -26.63 8.01 -6.40
C GLN B 201 -27.69 6.94 -6.59
N LYS B 202 -28.81 7.12 -5.91
CA LYS B 202 -29.92 6.15 -6.00
C LYS B 202 -30.31 5.91 -7.45
N ILE B 203 -30.30 4.64 -7.84
CA ILE B 203 -30.70 4.24 -9.19
C ILE B 203 -31.92 3.34 -9.05
N GLU B 204 -32.91 3.55 -9.90
CA GLU B 204 -34.13 2.77 -9.85
C GLU B 204 -34.10 1.66 -10.91
N LEU B 205 -35.04 0.72 -10.78
CA LEU B 205 -35.13 -0.39 -11.71
C LEU B 205 -36.58 -0.82 -11.84
N PHE B 206 -37.19 -0.44 -12.97
CA PHE B 206 -38.52 -0.91 -13.37
C PHE B 206 -39.56 -0.76 -12.27
N GLY B 207 -39.48 0.34 -11.52
CA GLY B 207 -40.41 0.60 -10.43
C GLY B 207 -40.44 -0.52 -9.40
N ALA B 208 -39.44 -1.38 -9.44
CA ALA B 208 -39.42 -2.59 -8.62
C ALA B 208 -38.25 -2.58 -7.63
N VAL B 209 -37.03 -2.33 -8.10
CA VAL B 209 -35.84 -2.51 -7.29
C VAL B 209 -35.05 -1.20 -7.28
N GLN B 210 -34.13 -1.08 -6.32
CA GLN B 210 -33.30 0.12 -6.21
C GLN B 210 -31.88 -0.34 -5.94
N VAL B 211 -30.92 0.23 -6.65
CA VAL B 211 -29.52 -0.08 -6.44
C VAL B 211 -28.76 1.19 -6.10
N THR B 212 -27.67 1.02 -5.35
CA THR B 212 -26.85 2.15 -4.95
C THR B 212 -25.47 1.68 -4.47
N PRO B 213 -24.40 2.30 -4.94
CA PRO B 213 -23.06 1.90 -4.50
C PRO B 213 -22.59 2.72 -3.32
N LEU B 214 -21.61 2.18 -2.61
CA LEU B 214 -20.95 2.90 -1.53
C LEU B 214 -19.45 2.65 -1.61
N SER B 215 -18.67 3.70 -1.34
CA SER B 215 -17.22 3.56 -1.30
C SER B 215 -16.82 2.44 -0.37
N SER B 216 -15.87 1.63 -0.80
CA SER B 216 -15.48 0.42 -0.07
C SER B 216 -14.02 0.40 0.33
N GLY B 217 -13.24 1.38 -0.11
CA GLY B 217 -11.89 1.54 0.39
C GLY B 217 -10.88 0.53 -0.12
N TYR B 218 -11.26 -0.39 -0.99
CA TYR B 218 -10.27 -1.28 -1.58
C TYR B 218 -9.40 -0.55 -2.59
N ALA B 219 -10.03 0.12 -3.55
CA ALA B 219 -9.30 0.85 -4.56
C ALA B 219 -10.15 2.02 -5.02
N LEU B 220 -9.54 2.85 -5.87
CA LEU B 220 -10.23 4.00 -6.44
C LEU B 220 -11.58 3.60 -6.99
N GLY B 221 -12.63 4.23 -6.47
CA GLY B 221 -13.97 3.93 -6.94
C GLY B 221 -14.48 2.55 -6.62
N SER B 222 -13.66 1.69 -6.01
CA SER B 222 -14.15 0.37 -5.62
C SER B 222 -15.39 0.53 -4.73
N SER B 223 -16.33 -0.41 -4.88
CA SER B 223 -17.66 -0.15 -4.36
C SER B 223 -18.27 -1.42 -3.80
N ASN B 224 -19.06 -1.24 -2.74
CA ASN B 224 -19.96 -2.24 -2.20
C ASN B 224 -21.36 -1.86 -2.60
N TRP B 225 -22.08 -2.78 -3.22
CA TRP B 225 -23.40 -2.49 -3.76
C TRP B 225 -24.46 -2.67 -2.69
N ILE B 226 -25.61 -2.04 -2.91
CA ILE B 226 -26.81 -2.26 -2.13
C ILE B 226 -27.95 -2.41 -3.12
N ILE B 227 -28.64 -3.53 -3.04
CA ILE B 227 -29.76 -3.85 -3.91
C ILE B 227 -30.96 -4.08 -3.01
N GLN B 228 -31.80 -3.06 -2.85
CA GLN B 228 -32.92 -3.16 -1.93
C GLN B 228 -34.23 -2.96 -2.67
N SER B 229 -35.31 -3.18 -1.95
CA SER B 229 -36.66 -3.14 -2.48
C SER B 229 -37.61 -2.57 -1.44
N HIS B 230 -38.91 -2.76 -1.68
CA HIS B 230 -39.93 -2.41 -0.71
C HIS B 230 -40.04 -3.43 0.43
N TYR B 231 -39.50 -4.63 0.24
CA TYR B 231 -39.59 -5.67 1.26
C TYR B 231 -38.31 -6.44 1.52
N GLU B 232 -37.30 -6.33 0.65
CA GLU B 232 -36.06 -7.08 0.81
C GLU B 232 -34.87 -6.15 0.64
N LYS B 233 -33.74 -6.53 1.26
CA LYS B 233 -32.51 -5.76 1.15
C LYS B 233 -31.34 -6.72 1.07
N VAL B 234 -30.58 -6.64 -0.03
CA VAL B 234 -29.38 -7.45 -0.24
C VAL B 234 -28.19 -6.50 -0.24
N SER B 235 -27.17 -6.83 0.52
CA SER B 235 -26.02 -5.94 0.71
C SER B 235 -24.78 -6.66 0.19
N TYR B 236 -24.53 -6.51 -1.11
CA TYR B 236 -23.33 -7.07 -1.72
C TYR B 236 -22.11 -6.27 -1.28
N VAL B 237 -21.19 -6.93 -0.59
CA VAL B 237 -19.93 -6.33 -0.17
C VAL B 237 -18.80 -7.26 -0.60
N SER B 238 -18.21 -6.96 -1.75
CA SER B 238 -17.22 -7.83 -2.37
C SER B 238 -15.85 -7.14 -2.35
N GLY B 239 -14.95 -7.66 -1.53
CA GLY B 239 -13.59 -7.16 -1.52
C GLY B 239 -13.46 -5.75 -1.01
N SER B 240 -13.70 -5.56 0.28
CA SER B 240 -13.52 -4.27 0.91
C SER B 240 -12.29 -4.29 1.79
N SER B 241 -11.74 -3.11 2.05
CA SER B 241 -10.58 -2.96 2.91
C SER B 241 -10.90 -1.95 4.01
N LEU B 242 -10.47 -2.29 5.23
CA LEU B 242 -10.67 -1.41 6.37
C LEU B 242 -9.38 -0.70 6.78
N LEU B 243 -8.22 -1.17 6.33
CA LEU B 243 -6.99 -0.43 6.50
C LEU B 243 -7.07 0.85 5.67
N THR B 244 -6.94 1.99 6.37
CA THR B 244 -7.31 3.27 5.78
C THR B 244 -6.28 3.68 4.73
N THR B 245 -6.47 3.21 3.51
CA THR B 245 -5.67 3.61 2.36
C THR B 245 -6.24 4.87 1.72
N HIS B 246 -5.74 5.21 0.54
CA HIS B 246 -6.17 6.45 -0.12
C HIS B 246 -7.67 6.53 -0.37
N PRO B 247 -8.34 5.48 -0.86
CA PRO B 247 -9.78 5.61 -1.14
C PRO B 247 -10.58 6.07 0.06
N GLN B 248 -11.72 6.69 -0.23
CA GLN B 248 -12.63 7.14 0.81
C GLN B 248 -13.08 5.95 1.65
N PRO B 249 -12.80 5.94 2.96
CA PRO B 249 -13.03 4.72 3.75
C PRO B 249 -14.48 4.28 3.73
N MET B 250 -14.68 2.98 3.88
CA MET B 250 -15.97 2.37 3.63
C MET B 250 -17.02 2.85 4.63
N ASP B 251 -18.28 2.69 4.24
CA ASP B 251 -19.42 3.02 5.09
C ASP B 251 -19.96 1.74 5.75
N GLN B 252 -19.23 1.29 6.77
CA GLN B 252 -19.63 0.08 7.48
C GLN B 252 -20.92 0.23 8.26
N ALA B 253 -21.59 1.39 8.19
CA ALA B 253 -22.80 1.62 8.95
C ALA B 253 -24.07 1.54 8.10
N SER B 254 -23.96 1.67 6.77
CA SER B 254 -25.14 1.60 5.92
C SER B 254 -25.62 0.18 5.70
N LEU B 255 -24.76 -0.81 5.92
CA LEU B 255 -25.13 -2.20 5.65
C LEU B 255 -25.97 -2.83 6.75
N LYS B 256 -26.39 -2.06 7.74
CA LYS B 256 -27.22 -2.62 8.80
C LYS B 256 -28.63 -2.90 8.29
N ASN B 257 -29.39 -3.62 9.10
CA ASN B 257 -30.76 -4.03 8.80
C ASN B 257 -30.84 -4.95 7.58
N SER B 258 -29.70 -5.35 7.04
CA SER B 258 -29.65 -6.14 5.82
C SER B 258 -30.29 -7.51 6.04
N ASP B 259 -30.58 -8.19 4.92
CA ASP B 259 -31.15 -9.52 4.96
C ASP B 259 -30.22 -10.60 4.42
N VAL B 260 -29.38 -10.28 3.44
CA VAL B 260 -28.44 -11.26 2.89
C VAL B 260 -27.15 -10.53 2.57
N LEU B 261 -26.06 -10.94 3.23
CA LEU B 261 -24.74 -10.37 3.01
C LEU B 261 -23.94 -11.39 2.21
N VAL B 262 -23.92 -11.23 0.89
CA VAL B 262 -23.16 -12.13 0.05
C VAL B 262 -21.71 -11.69 0.14
N LEU B 263 -21.01 -12.24 1.12
CA LEU B 263 -19.64 -11.83 1.42
C LEU B 263 -18.69 -12.66 0.57
N THR B 264 -18.02 -12.01 -0.37
CA THR B 264 -17.03 -12.66 -1.20
C THR B 264 -15.83 -11.74 -1.38
N GLY B 265 -14.71 -12.32 -1.75
CA GLY B 265 -13.51 -11.53 -1.91
C GLY B 265 -12.88 -11.20 -0.57
N LEU B 266 -12.54 -12.22 0.20
CA LEU B 266 -11.70 -12.05 1.37
C LEU B 266 -10.27 -12.40 1.01
N THR B 267 -9.37 -12.31 1.99
CA THR B 267 -7.97 -12.59 1.75
C THR B 267 -7.79 -14.02 1.26
N GLN B 268 -6.70 -14.25 0.55
CA GLN B 268 -6.25 -15.60 0.20
C GLN B 268 -5.06 -16.03 1.05
N ILE B 269 -4.38 -15.09 1.69
CA ILE B 269 -3.28 -15.37 2.60
C ILE B 269 -3.73 -15.04 4.02
N PRO B 270 -4.40 -15.96 4.69
CA PRO B 270 -4.95 -15.65 6.01
C PRO B 270 -3.88 -15.49 7.08
N THR B 271 -2.72 -16.10 6.87
CA THR B 271 -1.64 -16.12 7.85
C THR B 271 -0.53 -15.13 7.49
N ALA B 272 -0.88 -14.07 6.79
CA ALA B 272 0.11 -13.11 6.31
C ALA B 272 -0.24 -11.71 6.79
N ASN B 273 0.73 -11.05 7.41
CA ASN B 273 0.56 -9.68 7.84
C ASN B 273 0.90 -8.75 6.67
N PRO B 274 -0.04 -7.94 6.18
CA PRO B 274 0.27 -7.05 5.05
C PRO B 274 1.44 -6.13 5.29
N ASP B 275 1.44 -5.39 6.40
CA ASP B 275 2.53 -4.48 6.68
C ASP B 275 3.87 -5.22 6.77
N GLY B 276 3.90 -6.33 7.50
CA GLY B 276 5.13 -7.11 7.58
C GLY B 276 5.60 -7.62 6.24
N MET B 277 4.67 -8.07 5.40
CA MET B 277 5.09 -8.58 4.10
C MET B 277 5.60 -7.45 3.20
N VAL B 278 5.04 -6.25 3.31
CA VAL B 278 5.59 -5.13 2.55
C VAL B 278 6.99 -4.82 3.05
N GLY B 279 7.20 -4.89 4.37
CA GLY B 279 8.54 -4.77 4.90
C GLY B 279 9.49 -5.80 4.31
N GLU B 280 9.03 -7.04 4.20
CA GLU B 280 9.84 -8.10 3.60
C GLU B 280 10.17 -7.78 2.15
N PHE B 281 9.19 -7.23 1.42
CA PHE B 281 9.42 -6.84 0.03
C PHE B 281 10.53 -5.81 -0.08
N CYS B 282 10.39 -4.71 0.66
CA CYS B 282 11.44 -3.69 0.67
C CYS B 282 12.77 -4.31 1.07
N SER B 283 12.75 -5.21 2.05
CA SER B 283 13.99 -5.84 2.52
C SER B 283 14.68 -6.57 1.39
N ASN B 284 13.97 -7.45 0.69
CA ASN B 284 14.60 -8.25 -0.35
C ASN B 284 15.04 -7.39 -1.53
N LEU B 285 14.23 -6.39 -1.89
CA LEU B 285 14.63 -5.48 -2.95
C LEU B 285 15.95 -4.80 -2.61
N ALA B 286 16.08 -4.33 -1.38
CA ALA B 286 17.33 -3.69 -0.98
C ALA B 286 18.47 -4.69 -0.95
N LEU B 287 18.22 -5.89 -0.43
CA LEU B 287 19.28 -6.89 -0.31
C LEU B 287 19.84 -7.29 -1.66
N THR B 288 19.01 -7.39 -2.69
CA THR B 288 19.52 -7.79 -4.00
C THR B 288 19.68 -6.63 -4.97
N VAL B 289 19.49 -5.39 -4.52
CA VAL B 289 19.93 -4.25 -5.30
C VAL B 289 21.26 -3.72 -4.76
N ARG B 290 21.46 -3.80 -3.44
CA ARG B 290 22.72 -3.34 -2.86
C ARG B 290 23.87 -4.28 -3.08
N ASN B 291 23.79 -5.33 -3.88
CA ASN B 291 24.95 -6.15 -4.20
C ASN B 291 25.32 -6.14 -5.67
N GLY B 292 24.42 -5.72 -6.55
CA GLY B 292 24.72 -5.64 -7.96
C GLY B 292 23.61 -6.21 -8.82
N GLY B 293 22.88 -7.19 -8.30
CA GLY B 293 21.88 -7.88 -9.08
C GLY B 293 20.63 -7.04 -9.30
N ASN B 294 19.81 -7.51 -10.23
CA ASN B 294 18.56 -6.85 -10.58
C ASN B 294 17.43 -7.31 -9.68
N VAL B 295 16.21 -6.99 -10.05
CA VAL B 295 15.01 -7.50 -9.39
C VAL B 295 13.85 -7.31 -10.34
N LEU B 296 12.88 -8.22 -10.30
CA LEU B 296 11.81 -8.30 -11.30
C LEU B 296 10.52 -8.58 -10.56
N VAL B 297 9.67 -7.56 -10.40
CA VAL B 297 8.55 -7.60 -9.48
C VAL B 297 7.26 -7.62 -10.31
N PRO B 298 6.72 -8.78 -10.66
CA PRO B 298 5.44 -8.80 -11.37
C PRO B 298 4.32 -8.17 -10.56
N CYS B 299 3.44 -7.46 -11.25
CA CYS B 299 2.30 -6.80 -10.64
C CYS B 299 1.41 -6.24 -11.73
N TYR B 300 0.10 -6.29 -11.52
CA TYR B 300 -0.82 -5.66 -12.45
C TYR B 300 -0.44 -4.19 -12.58
N PRO B 301 -0.67 -3.57 -13.74
CA PRO B 301 -0.37 -2.15 -13.87
C PRO B 301 -1.43 -1.26 -13.26
N SER B 302 -1.90 -1.62 -12.08
CA SER B 302 -2.85 -0.83 -11.29
C SER B 302 -3.04 -1.56 -9.96
N GLY B 303 -3.79 -0.93 -9.06
CA GLY B 303 -4.10 -1.56 -7.79
C GLY B 303 -2.99 -1.54 -6.77
N VAL B 304 -2.56 -2.74 -6.34
CA VAL B 304 -1.62 -2.84 -5.23
C VAL B 304 -0.31 -2.11 -5.52
N ILE B 305 0.03 -1.95 -6.80
CA ILE B 305 1.27 -1.24 -7.15
C ILE B 305 1.24 0.18 -6.59
N TYR B 306 0.09 0.84 -6.65
CA TYR B 306 -0.01 2.20 -6.13
C TYR B 306 0.18 2.20 -4.62
N ASP B 307 -0.23 1.12 -3.96
CA ASP B 307 0.20 0.91 -2.58
C ASP B 307 1.72 0.73 -2.55
N LEU B 308 2.21 -0.29 -3.26
CA LEU B 308 3.61 -0.68 -3.16
C LEU B 308 4.54 0.49 -3.41
N LEU B 309 4.42 1.13 -4.58
CA LEU B 309 5.24 2.29 -4.90
C LEU B 309 5.29 3.27 -3.74
N GLU B 310 4.12 3.60 -3.19
CA GLU B 310 4.06 4.56 -2.09
C GLU B 310 5.02 4.15 -0.98
N CYS B 311 4.88 2.92 -0.49
CA CYS B 311 5.78 2.46 0.55
C CYS B 311 7.23 2.53 0.09
N LEU B 312 7.50 2.08 -1.13
CA LEU B 312 8.86 2.12 -1.63
C LEU B 312 9.41 3.55 -1.58
N TYR B 313 8.56 4.53 -1.86
CA TYR B 313 9.00 5.92 -1.75
C TYR B 313 9.38 6.24 -0.31
N GLN B 314 8.51 5.93 0.64
CA GLN B 314 8.86 6.14 2.04
C GLN B 314 10.07 5.31 2.44
N TYR B 315 10.41 4.29 1.65
CA TYR B 315 11.64 3.54 1.91
C TYR B 315 12.86 4.17 1.25
N ILE B 316 12.68 4.86 0.12
CA ILE B 316 13.83 5.43 -0.58
C ILE B 316 14.50 6.50 0.27
N ASP B 317 13.72 7.25 1.04
CA ASP B 317 14.29 8.30 1.88
C ASP B 317 14.60 7.83 3.29
N SER B 318 14.29 6.59 3.64
CA SER B 318 14.65 6.04 4.93
C SER B 318 15.70 4.94 4.85
N ALA B 319 16.30 4.73 3.68
CA ALA B 319 17.44 3.83 3.56
C ALA B 319 18.52 4.33 2.61
N GLY B 320 18.36 5.51 2.01
CA GLY B 320 19.36 6.06 1.12
C GLY B 320 19.63 5.19 -0.09
N LEU B 321 18.66 5.07 -0.97
CA LEU B 321 18.76 4.24 -2.18
C LEU B 321 18.80 5.07 -3.46
N SER B 322 19.21 6.34 -3.37
CA SER B 322 18.99 7.29 -4.44
C SER B 322 19.51 6.83 -5.80
N SER B 323 20.48 5.92 -5.83
CA SER B 323 21.19 5.62 -7.07
C SER B 323 20.60 4.45 -7.86
N VAL B 324 19.33 4.12 -7.72
CA VAL B 324 18.77 3.01 -8.49
C VAL B 324 17.43 3.42 -9.12
N PRO B 325 17.37 3.51 -10.45
CA PRO B 325 16.12 3.83 -11.13
C PRO B 325 15.02 2.82 -10.81
N LEU B 326 13.78 3.25 -10.98
CA LEU B 326 12.61 2.44 -10.69
C LEU B 326 11.64 2.55 -11.86
N TYR B 327 11.57 1.50 -12.67
CA TYR B 327 10.84 1.54 -13.93
C TYR B 327 9.39 1.17 -13.73
N PHE B 328 8.62 1.22 -14.81
CA PHE B 328 7.26 0.72 -14.88
C PHE B 328 6.99 0.41 -16.34
N ILE B 329 7.10 -0.85 -16.73
CA ILE B 329 6.99 -1.25 -18.13
C ILE B 329 5.65 -1.91 -18.34
N SER B 330 4.80 -1.29 -19.14
CA SER B 330 3.50 -1.81 -19.52
C SER B 330 2.91 -0.91 -20.60
N PRO B 331 2.14 -1.46 -21.55
CA PRO B 331 1.56 -0.62 -22.59
C PRO B 331 0.40 0.24 -22.11
N VAL B 332 0.20 0.36 -20.80
CA VAL B 332 -0.83 1.23 -20.26
C VAL B 332 -0.25 2.14 -19.18
N ALA B 333 1.04 2.44 -19.27
CA ALA B 333 1.72 3.18 -18.20
C ALA B 333 1.15 4.59 -18.03
N ASN B 334 1.15 5.38 -19.10
CA ASN B 334 0.83 6.80 -19.00
C ASN B 334 -0.56 7.01 -18.41
N SER B 335 -1.58 6.37 -18.99
CA SER B 335 -2.94 6.54 -18.48
C SER B 335 -3.06 6.03 -17.05
N SER B 336 -2.31 4.98 -16.72
CA SER B 336 -2.31 4.47 -15.36
C SER B 336 -1.86 5.54 -14.37
N LEU B 337 -0.71 6.14 -14.62
CA LEU B 337 -0.18 7.14 -13.68
C LEU B 337 -1.06 8.38 -13.67
N GLU B 338 -1.60 8.77 -14.83
CA GLU B 338 -2.51 9.90 -14.88
C GLU B 338 -3.75 9.66 -14.02
N PHE B 339 -4.33 8.47 -14.09
CA PHE B 339 -5.53 8.18 -13.31
C PHE B 339 -5.22 7.91 -11.85
N SER B 340 -3.96 7.64 -11.52
CA SER B 340 -3.60 7.59 -10.10
C SER B 340 -3.37 8.99 -9.54
N GLN B 341 -2.91 9.93 -10.36
CA GLN B 341 -2.63 11.28 -9.91
C GLN B 341 -3.86 12.17 -9.85
N ILE B 342 -4.70 12.15 -10.90
CA ILE B 342 -5.75 13.18 -11.01
C ILE B 342 -7.04 12.77 -10.33
N PHE B 343 -7.05 11.70 -9.54
CA PHE B 343 -8.23 11.34 -8.78
C PHE B 343 -7.96 11.48 -7.28
N LYS B 372 10.76 9.73 -9.42
CA LYS B 372 11.81 8.82 -9.82
C LYS B 372 11.29 7.77 -10.77
N LEU B 373 10.05 7.32 -10.53
CA LEU B 373 9.44 6.29 -11.35
C LEU B 373 9.34 6.75 -12.81
N LYS B 374 10.10 6.10 -13.68
CA LYS B 374 10.13 6.41 -15.11
C LYS B 374 9.34 5.36 -15.86
N HIS B 375 8.08 5.67 -16.16
CA HIS B 375 7.22 4.75 -16.88
C HIS B 375 7.54 4.75 -18.37
N TYR B 376 7.23 3.64 -19.03
CA TYR B 376 7.54 3.46 -20.43
C TYR B 376 6.37 2.74 -21.09
N PRO B 377 6.20 2.91 -22.40
CA PRO B 377 5.08 2.24 -23.07
C PRO B 377 5.35 0.79 -23.38
N SER B 378 6.59 0.45 -23.73
CA SER B 378 6.90 -0.92 -24.12
C SER B 378 8.41 -1.09 -24.18
N ILE B 379 8.87 -2.30 -23.85
CA ILE B 379 10.29 -2.59 -23.79
C ILE B 379 11.01 -2.30 -25.11
N HIS B 380 10.28 -2.29 -26.22
CA HIS B 380 10.88 -1.98 -27.52
C HIS B 380 10.67 -0.51 -27.85
N GLY B 381 11.71 0.10 -28.43
CA GLY B 381 11.64 1.51 -28.79
C GLY B 381 12.52 2.38 -27.94
N ASP B 382 11.92 3.19 -27.08
CA ASP B 382 12.66 4.13 -26.26
C ASP B 382 13.39 3.48 -25.10
N PHE B 383 12.79 2.46 -24.48
CA PHE B 383 13.29 1.95 -23.20
C PHE B 383 14.74 1.46 -23.31
N SER B 384 15.12 0.91 -24.47
CA SER B 384 16.44 0.29 -24.55
C SER B 384 17.57 1.31 -24.54
N ASN B 385 17.28 2.58 -24.28
CA ASN B 385 18.33 3.58 -24.15
C ASN B 385 18.47 4.14 -22.74
N ASP B 386 17.76 3.56 -21.77
CA ASP B 386 17.88 3.98 -20.37
C ASP B 386 18.24 2.82 -19.45
N PHE B 387 18.78 1.74 -20.00
CA PHE B 387 18.98 0.51 -19.24
C PHE B 387 20.29 0.61 -18.47
N ARG B 388 20.21 0.87 -17.17
CA ARG B 388 21.40 0.98 -16.31
C ARG B 388 21.30 -0.09 -15.23
N GLN B 389 22.27 -0.98 -15.19
CA GLN B 389 22.21 -2.02 -14.16
C GLN B 389 23.03 -1.62 -12.95
N PRO B 390 22.57 -1.93 -11.73
CA PRO B 390 21.34 -2.66 -11.43
C PRO B 390 20.10 -1.78 -11.55
N CYS B 391 18.93 -2.40 -11.57
CA CYS B 391 17.70 -1.66 -11.76
C CYS B 391 16.58 -2.37 -11.01
N VAL B 392 15.36 -1.89 -11.21
CA VAL B 392 14.16 -2.51 -10.68
C VAL B 392 13.10 -2.38 -11.75
N VAL B 393 12.45 -3.48 -12.10
CA VAL B 393 11.56 -3.44 -13.24
C VAL B 393 10.22 -4.09 -12.93
N PHE B 394 9.24 -3.29 -12.53
CA PHE B 394 7.86 -3.78 -12.43
C PHE B 394 7.36 -3.97 -13.84
N THR B 395 6.60 -5.04 -14.08
CA THR B 395 6.20 -5.33 -15.46
C THR B 395 4.77 -5.82 -15.56
N GLY B 396 4.46 -6.41 -16.71
CA GLY B 396 3.14 -6.85 -17.06
C GLY B 396 2.62 -8.02 -16.26
N HIS B 397 1.79 -8.83 -16.90
CA HIS B 397 0.85 -9.67 -16.19
C HIS B 397 1.60 -10.60 -15.24
N PRO B 398 1.12 -10.77 -14.01
CA PRO B 398 1.90 -11.46 -12.98
C PRO B 398 1.72 -12.96 -12.92
N SER B 399 1.17 -13.58 -13.96
CA SER B 399 1.08 -15.04 -14.01
C SER B 399 2.22 -15.64 -14.81
N LEU B 400 3.33 -14.91 -14.95
CA LEU B 400 4.54 -15.36 -15.63
C LEU B 400 4.24 -16.18 -16.87
N ARG B 401 3.32 -15.73 -17.71
CA ARG B 401 2.97 -16.49 -18.91
C ARG B 401 2.80 -15.65 -20.16
N PHE B 402 2.88 -14.33 -20.09
CA PHE B 402 2.85 -13.47 -21.26
C PHE B 402 3.27 -12.09 -20.83
N GLY B 403 3.10 -11.12 -21.71
CA GLY B 403 3.55 -9.77 -21.44
C GLY B 403 5.05 -9.65 -21.62
N ASP B 404 5.68 -8.84 -20.79
CA ASP B 404 7.12 -8.66 -20.88
C ASP B 404 7.89 -9.51 -19.87
N VAL B 405 7.33 -9.72 -18.67
CA VAL B 405 8.01 -10.45 -17.62
C VAL B 405 8.59 -11.77 -18.13
N VAL B 406 7.98 -12.35 -19.16
CA VAL B 406 8.54 -13.56 -19.75
C VAL B 406 9.93 -13.29 -20.30
N HIS B 407 10.12 -12.14 -20.94
CA HIS B 407 11.40 -11.86 -21.56
C HIS B 407 12.52 -11.74 -20.52
N PHE B 408 12.27 -11.00 -19.44
CA PHE B 408 13.27 -10.89 -18.39
C PHE B 408 13.49 -12.23 -17.70
N MET B 409 12.39 -12.91 -17.34
CA MET B 409 12.51 -14.23 -16.73
C MET B 409 13.24 -15.23 -17.62
N GLU B 410 13.38 -14.93 -18.91
CA GLU B 410 14.30 -15.70 -19.73
C GLU B 410 15.67 -15.03 -19.83
N LEU B 411 15.78 -13.78 -19.40
CA LEU B 411 17.07 -13.10 -19.44
C LEU B 411 17.86 -13.28 -18.15
N TRP B 412 17.19 -13.21 -17.01
CA TRP B 412 17.84 -13.26 -15.70
C TRP B 412 17.67 -14.61 -15.02
N GLY B 413 17.17 -15.61 -15.73
CA GLY B 413 16.94 -16.91 -15.14
C GLY B 413 18.18 -17.76 -14.97
N LYS B 414 19.36 -17.19 -15.16
CA LYS B 414 20.60 -17.97 -15.12
C LYS B 414 21.61 -17.44 -14.12
N SER B 415 21.45 -16.23 -13.61
CA SER B 415 22.40 -15.62 -12.70
C SER B 415 21.84 -15.68 -11.28
N SER B 416 22.56 -16.36 -10.40
CA SER B 416 22.13 -16.52 -9.01
C SER B 416 22.09 -15.21 -8.24
N LEU B 417 22.47 -14.09 -8.86
CA LEU B 417 22.41 -12.80 -8.18
C LEU B 417 21.02 -12.19 -8.23
N ASN B 418 20.31 -12.34 -9.34
CA ASN B 418 19.09 -11.59 -9.59
C ASN B 418 17.96 -12.15 -8.72
N THR B 419 16.76 -11.61 -8.87
CA THR B 419 15.70 -11.95 -7.93
C THR B 419 14.36 -11.58 -8.53
N VAL B 420 13.38 -12.44 -8.30
CA VAL B 420 11.98 -12.15 -8.57
C VAL B 420 11.26 -12.06 -7.24
N ILE B 421 10.32 -11.13 -7.14
CA ILE B 421 9.62 -10.93 -5.87
C ILE B 421 8.14 -10.84 -6.13
N PHE B 422 7.43 -11.94 -5.95
CA PHE B 422 5.99 -11.95 -6.23
C PHE B 422 5.25 -11.06 -5.25
N THR B 423 4.34 -10.26 -5.78
CA THR B 423 3.44 -9.49 -4.93
C THR B 423 2.00 -9.61 -5.41
N GLU B 424 1.54 -10.82 -5.71
CA GLU B 424 0.18 -11.02 -6.13
C GLU B 424 -0.30 -12.39 -5.67
N PRO B 425 -1.34 -12.46 -4.84
CA PRO B 425 -1.83 -13.75 -4.36
C PRO B 425 -2.68 -14.50 -5.37
N ASP B 426 -3.04 -13.88 -6.49
CA ASP B 426 -4.00 -14.47 -7.41
C ASP B 426 -3.55 -15.84 -7.88
N PHE B 427 -2.42 -15.90 -8.57
CA PHE B 427 -1.92 -17.15 -9.12
C PHE B 427 -0.99 -17.81 -8.11
N SER B 428 -1.31 -19.05 -7.75
CA SER B 428 -0.41 -19.85 -6.93
C SER B 428 0.98 -19.81 -7.54
N TYR B 429 1.98 -19.52 -6.70
CA TYR B 429 3.27 -19.12 -7.25
C TYR B 429 4.13 -20.31 -7.64
N LEU B 430 3.95 -21.47 -7.00
CA LEU B 430 4.81 -22.61 -7.29
C LEU B 430 4.69 -23.05 -8.75
N GLU B 431 3.50 -23.50 -9.13
CA GLU B 431 3.27 -23.89 -10.52
C GLU B 431 3.57 -22.72 -11.46
N ALA B 432 3.27 -21.50 -11.04
CA ALA B 432 3.52 -20.33 -11.88
C ALA B 432 4.97 -20.23 -12.27
N LEU B 433 5.86 -20.28 -11.28
CA LEU B 433 7.28 -20.23 -11.55
C LEU B 433 7.77 -21.50 -12.24
N ALA B 434 7.05 -22.61 -12.09
CA ALA B 434 7.56 -23.90 -12.52
C ALA B 434 8.10 -23.96 -13.95
N PRO B 435 7.37 -23.55 -15.00
CA PRO B 435 7.80 -23.90 -16.36
C PRO B 435 9.02 -23.13 -16.84
N TYR B 436 9.69 -22.43 -15.95
CA TYR B 436 11.02 -21.90 -16.23
C TYR B 436 12.11 -22.63 -15.47
N GLN B 437 11.80 -23.75 -14.82
CA GLN B 437 12.81 -24.53 -14.13
C GLN B 437 13.62 -25.35 -15.13
N PRO B 438 14.86 -25.73 -14.78
CA PRO B 438 15.57 -25.43 -13.54
C PRO B 438 16.18 -24.04 -13.55
N LEU B 439 15.73 -23.19 -12.63
CA LEU B 439 16.19 -21.81 -12.55
C LEU B 439 17.05 -21.64 -11.29
N ALA B 440 18.02 -20.74 -11.40
CA ALA B 440 18.98 -20.52 -10.32
C ALA B 440 18.83 -19.16 -9.67
N MET B 441 17.76 -18.43 -9.95
CA MET B 441 17.53 -17.15 -9.29
C MET B 441 16.62 -17.37 -8.08
N LYS B 442 16.83 -16.57 -7.05
CA LYS B 442 15.94 -16.62 -5.91
C LYS B 442 14.51 -16.32 -6.34
N CYS B 443 13.56 -16.70 -5.50
CA CYS B 443 12.17 -16.36 -5.78
C CYS B 443 11.46 -16.18 -4.43
N ILE B 444 11.46 -14.95 -3.94
CA ILE B 444 10.78 -14.62 -2.70
C ILE B 444 9.28 -14.68 -2.96
N TYR B 445 8.49 -14.81 -1.91
CA TYR B 445 7.04 -14.75 -2.04
C TYR B 445 6.50 -14.02 -0.82
N CYS B 446 6.22 -12.73 -0.98
CA CYS B 446 5.69 -11.89 0.08
C CYS B 446 4.44 -11.18 -0.45
N PRO B 447 3.28 -11.80 -0.32
CA PRO B 447 2.07 -11.25 -0.94
C PRO B 447 1.46 -10.14 -0.09
N ILE B 448 0.96 -9.12 -0.77
CA ILE B 448 0.38 -7.94 -0.13
C ILE B 448 -1.11 -7.96 -0.40
N ASP B 449 -1.90 -8.32 0.62
CA ASP B 449 -3.35 -8.37 0.48
C ASP B 449 -4.00 -7.44 1.49
N THR B 450 -4.41 -6.27 1.02
CA THR B 450 -5.07 -5.28 1.85
C THR B 450 -6.52 -5.64 2.13
N ARG B 451 -6.94 -6.85 1.78
CA ARG B 451 -8.33 -7.24 1.92
C ARG B 451 -8.65 -7.58 3.38
N LEU B 452 -9.94 -7.77 3.63
CA LEU B 452 -10.41 -8.12 4.97
C LEU B 452 -9.92 -9.50 5.38
N ASN B 453 -9.19 -9.56 6.49
CA ASN B 453 -8.82 -10.84 7.07
C ASN B 453 -9.89 -11.28 8.07
N PHE B 454 -9.73 -12.48 8.61
CA PHE B 454 -10.87 -13.18 9.20
C PHE B 454 -11.28 -12.61 10.56
N ILE B 455 -10.31 -12.21 11.38
CA ILE B 455 -10.69 -11.57 12.64
C ILE B 455 -11.44 -10.27 12.37
N GLN B 456 -10.99 -9.51 11.37
CA GLN B 456 -11.69 -8.29 11.01
C GLN B 456 -13.07 -8.58 10.46
N VAL B 457 -13.25 -9.67 9.73
CA VAL B 457 -14.59 -9.93 9.21
C VAL B 457 -15.50 -10.44 10.30
N SER B 458 -14.95 -11.12 11.32
CA SER B 458 -15.77 -11.49 12.47
C SER B 458 -16.25 -10.24 13.21
N LYS B 459 -15.34 -9.31 13.47
CA LYS B 459 -15.75 -8.05 14.09
C LYS B 459 -16.76 -7.31 13.22
N LEU B 460 -16.53 -7.28 11.91
CA LEU B 460 -17.43 -6.57 11.00
C LEU B 460 -18.80 -7.22 11.00
N LEU B 461 -18.87 -8.54 11.05
CA LEU B 461 -20.16 -9.21 11.11
C LEU B 461 -20.88 -8.92 12.41
N LYS B 462 -20.19 -9.02 13.55
CA LYS B 462 -20.84 -8.72 14.82
C LYS B 462 -21.27 -7.26 14.89
N GLU B 463 -20.61 -6.37 14.15
CA GLU B 463 -21.04 -4.98 14.12
C GLU B 463 -22.25 -4.79 13.21
N VAL B 464 -22.16 -5.22 11.95
CA VAL B 464 -23.23 -5.02 10.99
C VAL B 464 -24.43 -5.93 11.25
N GLN B 465 -24.20 -7.07 11.92
CA GLN B 465 -25.27 -8.00 12.29
C GLN B 465 -26.12 -8.41 11.10
N PRO B 466 -25.55 -9.01 10.06
CA PRO B 466 -26.38 -9.50 8.96
C PRO B 466 -27.20 -10.70 9.39
N LEU B 467 -28.40 -10.80 8.81
CA LEU B 467 -29.31 -11.86 9.21
C LEU B 467 -28.88 -13.21 8.66
N HIS B 468 -28.11 -13.22 7.59
CA HIS B 468 -27.53 -14.43 7.04
C HIS B 468 -26.18 -14.08 6.43
N VAL B 469 -25.54 -15.08 5.82
CA VAL B 469 -24.24 -14.93 5.17
C VAL B 469 -24.13 -15.98 4.09
N VAL B 470 -23.53 -15.60 2.96
CA VAL B 470 -23.29 -16.52 1.85
C VAL B 470 -21.82 -16.36 1.46
N CYS B 471 -21.05 -17.43 1.60
CA CYS B 471 -19.65 -17.40 1.27
C CYS B 471 -19.27 -18.68 0.53
N PRO B 472 -18.32 -18.59 -0.41
CA PRO B 472 -17.91 -19.78 -1.16
C PRO B 472 -17.37 -20.86 -0.22
N GLU B 473 -17.29 -22.08 -0.75
CA GLU B 473 -16.93 -23.23 0.09
C GLU B 473 -15.52 -23.10 0.63
N GLN B 474 -14.71 -22.22 0.04
CA GLN B 474 -13.32 -22.09 0.47
C GLN B 474 -13.19 -21.43 1.83
N TYR B 475 -14.31 -21.04 2.44
CA TYR B 475 -14.29 -20.24 3.65
C TYR B 475 -14.88 -20.95 4.86
N THR B 476 -16.11 -21.47 4.75
CA THR B 476 -16.77 -22.04 5.92
C THR B 476 -16.03 -23.30 6.42
N GLN B 477 -15.14 -23.85 5.62
CA GLN B 477 -14.20 -24.83 6.15
C GLN B 477 -12.80 -24.25 6.13
N PRO B 478 -11.94 -24.60 7.09
CA PRO B 478 -10.59 -24.05 7.12
C PRO B 478 -9.84 -24.34 5.83
N PRO B 479 -8.80 -23.58 5.51
CA PRO B 479 -8.07 -23.79 4.26
C PRO B 479 -7.45 -25.17 4.23
N PRO B 480 -7.13 -25.68 3.03
CA PRO B 480 -6.60 -27.05 2.95
C PRO B 480 -5.16 -27.17 3.43
N ALA B 481 -4.31 -26.20 3.10
CA ALA B 481 -2.89 -26.32 3.42
C ALA B 481 -2.61 -26.32 4.91
N GLN B 482 -3.48 -25.73 5.72
CA GLN B 482 -3.23 -25.52 7.15
C GLN B 482 -4.38 -26.09 7.98
N SER B 483 -4.72 -27.36 7.69
CA SER B 483 -5.90 -28.02 8.25
C SER B 483 -6.02 -27.91 9.77
N HIS B 484 -4.92 -27.72 10.50
CA HIS B 484 -5.01 -27.75 11.96
C HIS B 484 -5.65 -26.50 12.55
N ARG B 485 -5.49 -25.35 11.91
CA ARG B 485 -6.13 -24.13 12.38
C ARG B 485 -7.64 -24.26 12.25
N MET B 486 -8.36 -23.62 13.16
CA MET B 486 -9.81 -23.55 13.10
C MET B 486 -10.33 -22.13 13.36
N ASP B 487 -9.46 -21.13 13.25
CA ASP B 487 -9.81 -19.75 13.56
C ASP B 487 -9.96 -18.88 12.31
N LEU B 488 -9.52 -19.36 11.16
CA LEU B 488 -9.61 -18.62 9.91
C LEU B 488 -10.87 -18.95 9.14
N MET B 489 -11.71 -19.82 9.66
CA MET B 489 -13.05 -20.02 9.14
C MET B 489 -13.94 -18.88 9.61
N ILE B 490 -14.76 -18.36 8.70
CA ILE B 490 -15.66 -17.26 9.01
C ILE B 490 -16.72 -17.74 9.99
N ASP B 491 -16.62 -17.30 11.24
CA ASP B 491 -17.52 -17.74 12.31
C ASP B 491 -18.68 -16.77 12.41
N CYS B 492 -19.89 -17.27 12.23
CA CYS B 492 -21.08 -16.44 12.26
C CYS B 492 -22.28 -17.30 12.56
N GLN B 493 -23.26 -16.70 13.24
CA GLN B 493 -24.47 -17.40 13.63
C GLN B 493 -25.68 -16.63 13.11
N PRO B 494 -26.63 -17.28 12.43
CA PRO B 494 -26.70 -18.72 12.10
C PRO B 494 -25.60 -19.17 11.16
N PRO B 495 -25.37 -20.48 11.05
CA PRO B 495 -24.28 -20.98 10.20
C PRO B 495 -24.36 -20.40 8.79
N ALA B 496 -23.18 -20.14 8.23
CA ALA B 496 -23.10 -19.50 6.93
C ALA B 496 -23.35 -20.51 5.82
N MET B 497 -24.46 -20.34 5.11
CA MET B 497 -24.73 -21.13 3.93
C MET B 497 -23.66 -20.86 2.88
N SER B 498 -23.18 -21.93 2.25
CA SER B 498 -22.11 -21.82 1.28
C SER B 498 -22.60 -22.27 -0.08
N TYR B 499 -21.79 -22.01 -1.10
CA TYR B 499 -22.13 -22.41 -2.46
C TYR B 499 -20.91 -23.05 -3.10
N ARG B 500 -21.15 -23.98 -4.02
CA ARG B 500 -20.10 -24.61 -4.80
C ARG B 500 -20.21 -24.13 -6.24
N ARG B 501 -19.17 -24.42 -7.03
CA ARG B 501 -19.12 -23.89 -8.39
C ARG B 501 -20.32 -24.35 -9.20
N ALA B 502 -20.98 -23.39 -9.84
CA ALA B 502 -22.16 -23.63 -10.66
C ALA B 502 -23.26 -24.33 -9.86
N GLU B 503 -23.74 -23.64 -8.84
CA GLU B 503 -24.83 -24.14 -8.01
C GLU B 503 -25.95 -23.11 -7.96
N VAL B 504 -27.11 -23.53 -7.48
CA VAL B 504 -28.30 -22.70 -7.46
C VAL B 504 -28.88 -22.73 -6.04
N LEU B 505 -28.48 -21.77 -5.22
CA LEU B 505 -28.95 -21.70 -3.85
C LEU B 505 -30.27 -20.96 -3.76
N ALA B 506 -30.98 -21.20 -2.66
CA ALA B 506 -32.25 -20.54 -2.35
C ALA B 506 -32.10 -19.89 -0.98
N LEU B 507 -31.97 -18.56 -0.99
CA LEU B 507 -31.91 -17.81 0.27
C LEU B 507 -33.25 -17.96 0.98
N PRO B 508 -33.30 -18.69 2.08
CA PRO B 508 -34.59 -19.14 2.62
C PRO B 508 -35.42 -18.04 3.26
N PHE B 509 -35.84 -17.05 2.48
CA PHE B 509 -36.81 -16.08 2.94
C PHE B 509 -38.13 -16.26 2.20
N LYS B 510 -39.23 -16.19 2.95
CA LYS B 510 -40.56 -16.24 2.39
C LYS B 510 -41.23 -14.88 2.58
N ARG B 511 -41.80 -14.34 1.51
CA ARG B 511 -42.43 -13.03 1.54
C ARG B 511 -43.52 -12.94 2.61
N PRO C 14 -16.46 -1.29 34.50
CA PRO C 14 -16.97 -0.53 33.35
C PRO C 14 -16.68 0.96 33.46
N GLU C 15 -16.02 1.35 34.54
CA GLU C 15 -15.72 2.74 34.79
C GLU C 15 -14.56 3.22 33.90
N ILE C 16 -14.27 4.51 34.01
CA ILE C 16 -13.04 5.08 33.48
C ILE C 16 -12.37 5.88 34.59
N ARG C 17 -11.19 5.44 35.00
CA ARG C 17 -10.43 6.08 36.05
C ARG C 17 -9.41 7.01 35.41
N VAL C 18 -9.11 8.11 36.10
CA VAL C 18 -8.03 9.00 35.69
C VAL C 18 -7.35 9.51 36.96
N THR C 19 -6.07 9.80 36.86
CA THR C 19 -5.31 10.36 37.98
C THR C 19 -4.14 11.15 37.42
N PRO C 20 -4.13 12.46 37.61
CA PRO C 20 -2.96 13.23 37.20
C PRO C 20 -1.82 13.05 38.19
N LEU C 21 -1.09 11.94 38.06
CA LEU C 21 0.06 11.69 38.91
C LEU C 21 1.05 12.84 38.89
N GLY C 22 1.11 13.59 37.80
CA GLY C 22 1.75 14.89 37.76
C GLY C 22 0.76 15.88 37.20
N ALA C 23 1.25 17.07 36.88
CA ALA C 23 0.44 18.14 36.29
C ALA C 23 -0.77 18.48 37.15
N GLY C 24 -0.76 18.08 38.41
CA GLY C 24 -1.89 18.33 39.28
C GLY C 24 -1.85 19.73 39.85
N GLN C 25 -2.66 20.63 39.28
CA GLN C 25 -2.69 22.02 39.70
C GLN C 25 -1.27 22.61 39.71
N ASP C 26 -0.52 22.32 38.66
CA ASP C 26 0.84 22.84 38.52
C ASP C 26 1.25 22.74 37.06
N VAL C 27 2.34 23.43 36.73
CA VAL C 27 2.87 23.45 35.38
C VAL C 27 4.21 22.74 35.40
N GLY C 28 4.44 21.96 36.45
CA GLY C 28 5.70 21.27 36.60
C GLY C 28 5.63 19.87 36.03
N ARG C 29 5.60 18.87 36.91
CA ARG C 29 5.48 17.48 36.48
C ARG C 29 4.23 17.30 35.62
N SER C 30 4.16 16.15 34.97
CA SER C 30 2.96 15.80 34.21
C SER C 30 2.98 14.30 33.99
N CYS C 31 1.95 13.62 34.50
CA CYS C 31 1.81 12.20 34.28
C CYS C 31 0.36 11.80 34.52
N ILE C 32 -0.41 11.61 33.45
CA ILE C 32 -1.83 11.33 33.58
C ILE C 32 -2.02 9.84 33.40
N LEU C 33 -2.35 9.13 34.47
CA LEU C 33 -2.60 7.70 34.41
C LEU C 33 -4.07 7.48 34.17
N VAL C 34 -4.42 6.87 33.04
CA VAL C 34 -5.81 6.60 32.67
C VAL C 34 -6.02 5.10 32.71
N SER C 35 -7.19 4.69 33.18
CA SER C 35 -7.56 3.28 33.25
C SER C 35 -8.91 3.15 32.56
N ILE C 36 -8.92 2.60 31.36
CA ILE C 36 -10.18 2.34 30.66
C ILE C 36 -10.59 0.93 31.06
N ALA C 37 -11.87 0.60 30.84
CA ALA C 37 -12.56 -0.55 31.40
C ALA C 37 -11.67 -1.78 31.55
N GLY C 38 -10.84 -2.07 30.56
CA GLY C 38 -10.04 -3.27 30.62
C GLY C 38 -8.54 -3.05 30.70
N LYS C 39 -8.06 -1.89 30.23
CA LYS C 39 -6.63 -1.67 30.10
C LYS C 39 -6.20 -0.42 30.85
N ASN C 40 -4.90 -0.30 31.03
CA ASN C 40 -4.29 0.91 31.57
C ASN C 40 -3.45 1.58 30.49
N VAL C 41 -3.34 2.90 30.58
CA VAL C 41 -2.59 3.70 29.62
C VAL C 41 -2.00 4.90 30.36
N MET C 42 -0.70 5.09 30.23
CA MET C 42 -0.02 6.23 30.81
C MET C 42 0.13 7.31 29.75
N LEU C 43 -0.26 8.53 30.08
CA LEU C 43 -0.29 9.65 29.16
C LEU C 43 0.71 10.70 29.62
N ASP C 44 1.58 11.13 28.70
CA ASP C 44 2.47 12.26 28.94
C ASP C 44 3.36 12.02 30.17
N CYS C 45 4.25 11.04 30.05
CA CYS C 45 5.18 10.77 31.13
C CYS C 45 6.17 11.92 31.24
N GLY C 46 5.93 12.84 32.18
CA GLY C 46 6.68 14.08 32.22
C GLY C 46 7.73 14.19 33.30
N MET C 47 8.40 15.34 33.35
CA MET C 47 9.57 15.57 34.18
C MET C 47 9.31 16.83 35.00
N HIS C 48 10.34 17.30 35.71
CA HIS C 48 10.28 18.60 36.38
C HIS C 48 11.71 19.05 36.61
N MET C 49 12.09 20.16 35.97
CA MET C 49 13.40 20.73 36.20
C MET C 49 13.45 21.40 37.57
N GLY C 50 14.55 22.09 37.83
CA GLY C 50 14.71 22.86 39.03
C GLY C 50 14.97 22.06 40.29
N PHE C 51 14.92 20.74 40.21
CA PHE C 51 15.27 19.86 41.32
C PHE C 51 16.58 19.15 41.01
N ASN C 52 17.14 18.50 42.02
CA ASN C 52 18.41 17.82 41.82
C ASN C 52 18.47 16.46 42.51
N ASP C 53 17.35 15.78 42.70
CA ASP C 53 17.34 14.45 43.30
C ASP C 53 16.16 13.69 42.74
N ASP C 54 15.79 12.60 43.41
CA ASP C 54 14.76 11.70 42.91
C ASP C 54 13.40 12.37 42.80
N ARG C 55 13.23 13.52 43.45
CA ARG C 55 11.91 14.15 43.48
C ARG C 55 11.57 14.90 42.20
N ARG C 56 12.35 14.76 41.13
CA ARG C 56 11.99 15.39 39.88
C ARG C 56 11.07 14.51 39.03
N PHE C 57 11.43 13.24 38.83
CA PHE C 57 10.56 12.31 38.15
C PHE C 57 9.32 12.05 38.99
N PRO C 58 8.21 11.66 38.37
CA PRO C 58 7.01 11.36 39.15
C PRO C 58 7.24 10.18 40.07
N ASP C 59 6.26 9.90 40.91
CA ASP C 59 6.36 8.81 41.88
C ASP C 59 5.66 7.60 41.28
N PHE C 60 6.38 6.88 40.42
CA PHE C 60 5.84 5.66 39.81
C PHE C 60 5.52 4.59 40.84
N SER C 61 6.08 4.68 42.04
CA SER C 61 5.86 3.65 43.06
C SER C 61 4.39 3.45 43.34
N TYR C 62 3.54 4.40 42.96
CA TYR C 62 2.11 4.21 43.15
C TYR C 62 1.45 3.56 41.94
N ILE C 63 2.25 2.99 41.05
CA ILE C 63 1.77 2.04 40.06
C ILE C 63 2.25 0.62 40.34
N THR C 64 3.47 0.46 40.85
CA THR C 64 4.11 -0.85 41.01
C THR C 64 3.57 -1.65 42.19
N GLN C 65 2.44 -1.28 42.79
CA GLN C 65 1.88 -2.11 43.85
C GLN C 65 1.10 -3.26 43.24
N ASN C 66 1.74 -3.95 42.29
CA ASN C 66 1.22 -5.09 41.57
C ASN C 66 2.43 -5.88 41.10
N GLY C 67 2.24 -6.77 40.12
CA GLY C 67 3.36 -7.22 39.32
C GLY C 67 4.03 -6.04 38.65
N ARG C 68 5.14 -6.31 37.98
CA ARG C 68 5.87 -5.22 37.36
C ARG C 68 5.05 -4.62 36.23
N LEU C 69 5.58 -3.54 35.64
CA LEU C 69 4.77 -2.67 34.79
C LEU C 69 4.18 -3.41 33.60
N THR C 70 5.02 -4.02 32.77
CA THR C 70 4.58 -4.50 31.45
C THR C 70 3.31 -5.33 31.51
N ASP C 71 3.05 -6.00 32.63
CA ASP C 71 1.78 -6.70 32.79
C ASP C 71 0.64 -5.71 33.02
N PHE C 72 0.93 -4.57 33.64
CA PHE C 72 -0.10 -3.61 34.02
C PHE C 72 -0.51 -2.72 32.85
N LEU C 73 0.44 -1.96 32.31
CA LEU C 73 0.12 -0.99 31.26
C LEU C 73 0.04 -1.66 29.89
N ASP C 74 -0.38 -0.87 28.90
CA ASP C 74 -0.43 -1.33 27.53
C ASP C 74 0.29 -0.42 26.55
N CYS C 75 0.21 0.89 26.71
CA CYS C 75 0.89 1.81 25.81
C CYS C 75 1.03 3.15 26.50
N VAL C 76 2.20 3.76 26.32
CA VAL C 76 2.45 5.10 26.80
C VAL C 76 2.38 6.05 25.61
N ILE C 77 1.85 7.24 25.85
CA ILE C 77 1.62 8.22 24.80
C ILE C 77 2.38 9.49 25.16
N ILE C 78 2.96 10.14 24.14
CA ILE C 78 3.75 11.36 24.33
C ILE C 78 3.17 12.44 23.42
N SER C 79 2.57 13.45 24.03
CA SER C 79 1.93 14.50 23.24
C SER C 79 2.95 15.24 22.38
N HIS C 80 3.87 15.96 23.00
CA HIS C 80 4.84 16.74 22.25
C HIS C 80 6.24 16.64 22.84
N PHE C 81 7.17 17.43 22.34
CA PHE C 81 8.58 17.24 22.67
C PHE C 81 9.07 18.13 23.81
N HIS C 82 8.27 19.07 24.28
CA HIS C 82 8.69 19.88 25.41
C HIS C 82 9.04 19.00 26.60
N LEU C 83 10.05 19.42 27.36
CA LEU C 83 10.60 18.57 28.41
C LEU C 83 9.62 18.28 29.53
N ASP C 84 8.44 18.89 29.52
CA ASP C 84 7.50 18.60 30.59
C ASP C 84 6.48 17.55 30.22
N HIS C 85 6.65 16.87 29.10
CA HIS C 85 5.79 15.76 28.75
C HIS C 85 6.53 14.51 28.31
N CYS C 86 7.74 14.65 27.79
CA CYS C 86 8.50 13.50 27.32
C CYS C 86 9.91 13.43 27.91
N GLY C 87 10.15 14.06 29.05
CA GLY C 87 11.47 14.05 29.65
C GLY C 87 11.68 13.03 30.73
N ALA C 88 10.87 11.97 30.78
CA ALA C 88 11.00 10.97 31.81
C ALA C 88 11.00 9.56 31.25
N LEU C 89 10.78 9.40 29.95
CA LEU C 89 10.77 8.05 29.38
C LEU C 89 12.05 7.29 29.69
N PRO C 90 13.25 7.80 29.40
CA PRO C 90 14.46 7.02 29.68
C PRO C 90 14.65 6.64 31.14
N TYR C 91 13.88 7.19 32.07
CA TYR C 91 13.91 6.67 33.42
C TYR C 91 12.78 5.69 33.66
N PHE C 92 11.70 5.83 32.90
CA PHE C 92 10.53 4.99 33.11
C PHE C 92 10.57 3.74 32.26
N SER C 93 11.34 3.75 31.18
CA SER C 93 11.39 2.61 30.28
C SER C 93 12.47 1.61 30.61
N GLU C 94 13.49 2.01 31.37
CA GLU C 94 14.61 1.13 31.65
C GLU C 94 14.85 0.92 33.13
N MET C 95 14.74 1.96 33.95
CA MET C 95 15.07 1.82 35.36
C MET C 95 13.95 1.12 36.13
N VAL C 96 12.73 1.66 36.07
CA VAL C 96 11.62 1.01 36.75
C VAL C 96 11.23 -0.27 36.00
N GLY C 97 11.47 -0.29 34.70
CA GLY C 97 11.27 -1.50 33.93
C GLY C 97 9.93 -1.55 33.25
N TYR C 98 9.94 -1.44 31.91
CA TYR C 98 8.72 -1.50 31.13
C TYR C 98 9.08 -1.81 29.69
N ASP C 99 8.71 -2.99 29.21
CA ASP C 99 8.86 -3.34 27.81
C ASP C 99 7.47 -3.43 27.18
N GLY C 100 6.94 -2.28 26.79
CA GLY C 100 5.64 -2.19 26.15
C GLY C 100 5.66 -1.06 25.16
N PRO C 101 4.82 -1.14 24.13
CA PRO C 101 4.93 -0.16 23.04
C PRO C 101 4.68 1.25 23.51
N ILE C 102 5.46 2.19 22.97
CA ILE C 102 5.37 3.61 23.28
C ILE C 102 4.96 4.33 22.00
N TYR C 103 3.83 5.02 22.02
CA TYR C 103 3.25 5.63 20.82
C TYR C 103 3.49 7.13 20.88
N MET C 104 4.34 7.63 19.98
CA MET C 104 4.58 9.05 19.80
C MET C 104 4.02 9.50 18.46
N THR C 105 4.19 10.79 18.16
CA THR C 105 3.97 11.29 16.81
C THR C 105 5.25 11.07 16.00
N HIS C 106 5.24 11.49 14.75
CA HIS C 106 6.44 11.23 13.97
C HIS C 106 7.54 12.25 14.22
N PRO C 107 7.27 13.56 14.24
CA PRO C 107 8.35 14.51 14.53
C PRO C 107 8.86 14.44 15.96
N THR C 108 8.04 14.00 16.91
CA THR C 108 8.53 13.92 18.28
C THR C 108 9.54 12.79 18.44
N GLN C 109 9.38 11.69 17.69
CA GLN C 109 10.39 10.65 17.72
C GLN C 109 11.71 11.13 17.12
N ALA C 110 11.68 12.14 16.28
CA ALA C 110 12.90 12.71 15.73
C ALA C 110 13.50 13.81 16.59
N ILE C 111 12.69 14.46 17.43
CA ILE C 111 13.18 15.53 18.27
C ILE C 111 13.54 15.06 19.68
N CYS C 112 12.62 14.41 20.39
CA CYS C 112 12.78 14.14 21.82
C CYS C 112 14.12 13.52 22.18
N PRO C 113 14.73 12.64 21.37
CA PRO C 113 16.10 12.24 21.67
C PRO C 113 17.05 13.39 21.85
N ILE C 114 16.99 14.42 21.00
CA ILE C 114 17.89 15.55 21.11
C ILE C 114 17.62 16.35 22.38
N LEU C 115 16.37 16.68 22.67
CA LEU C 115 16.06 17.45 23.87
C LEU C 115 16.44 16.69 25.13
N LEU C 116 16.19 15.38 25.16
CA LEU C 116 16.66 14.59 26.29
C LEU C 116 18.17 14.64 26.41
N GLU C 117 18.89 14.15 25.40
CA GLU C 117 20.35 14.17 25.40
C GLU C 117 20.92 15.54 25.73
N ASP C 118 20.13 16.61 25.55
CA ASP C 118 20.58 17.92 25.99
C ASP C 118 20.30 18.16 27.46
N TYR C 119 19.09 17.86 27.93
CA TYR C 119 18.78 18.00 29.35
C TYR C 119 19.75 17.22 30.22
N ARG C 120 20.13 16.02 29.78
CA ARG C 120 21.16 15.26 30.46
C ARG C 120 22.40 16.10 30.72
N LYS C 121 22.78 16.95 29.77
CA LYS C 121 23.94 17.81 29.97
C LYS C 121 23.77 18.68 31.20
N ILE C 122 22.58 19.27 31.39
CA ILE C 122 22.35 20.04 32.60
C ILE C 122 22.41 19.13 33.82
N ALA C 123 21.83 17.94 33.70
CA ALA C 123 21.75 17.05 34.87
C ALA C 123 23.13 16.63 35.35
N VAL C 124 23.92 15.98 34.48
CA VAL C 124 25.25 15.53 34.88
C VAL C 124 26.17 16.68 35.23
N ASP C 125 25.80 17.92 34.88
CA ASP C 125 26.62 19.07 35.23
C ASP C 125 26.22 19.65 36.57
N LYS C 126 24.93 19.58 36.90
CA LYS C 126 24.51 19.92 38.26
C LYS C 126 24.81 18.82 39.26
N LYS C 127 25.54 17.78 38.84
CA LYS C 127 25.94 16.68 39.72
C LYS C 127 24.74 16.07 40.44
N GLY C 128 23.81 15.56 39.64
CA GLY C 128 22.61 14.95 40.17
C GLY C 128 22.26 13.67 39.46
N GLU C 129 23.29 12.91 39.06
CA GLU C 129 23.12 11.68 38.31
C GLU C 129 22.97 10.46 39.22
N ALA C 130 22.49 10.66 40.45
CA ALA C 130 22.37 9.57 41.40
C ALA C 130 21.46 8.47 40.85
N ASN C 131 20.19 8.78 40.65
CA ASN C 131 19.22 7.86 40.07
C ASN C 131 18.74 8.50 38.78
N PHE C 132 19.46 8.25 37.68
CA PHE C 132 19.20 8.97 36.44
C PHE C 132 19.31 8.02 35.26
N PHE C 133 19.07 8.56 34.08
CA PHE C 133 19.16 7.77 32.85
C PHE C 133 20.40 8.16 32.05
N THR C 134 21.18 7.16 31.69
CA THR C 134 22.42 7.35 30.96
C THR C 134 22.11 7.37 29.46
N SER C 135 23.11 7.83 28.69
CA SER C 135 22.94 7.98 27.25
C SER C 135 22.45 6.71 26.59
N GLN C 136 23.00 5.55 26.99
CA GLN C 136 22.55 4.28 26.43
C GLN C 136 21.05 4.10 26.57
N MET C 137 20.49 4.51 27.71
CA MET C 137 19.05 4.38 27.94
C MET C 137 18.23 5.24 26.98
N ILE C 138 18.78 6.34 26.48
CA ILE C 138 18.07 7.14 25.48
C ILE C 138 17.72 6.27 24.28
N LYS C 139 18.73 5.69 23.63
CA LYS C 139 18.51 4.81 22.49
C LYS C 139 17.69 3.59 22.89
N ASP C 140 18.03 2.97 24.02
CA ASP C 140 17.34 1.74 24.40
C ASP C 140 15.91 2.00 24.83
N CYS C 141 15.53 3.28 24.94
CA CYS C 141 14.13 3.59 25.15
C CYS C 141 13.44 3.95 23.85
N MET C 142 14.07 4.79 23.03
CA MET C 142 13.46 5.13 21.76
C MET C 142 13.27 3.93 20.85
N LYS C 143 14.08 2.88 21.02
CA LYS C 143 13.83 1.67 20.24
C LYS C 143 12.50 1.00 20.55
N LYS C 144 11.83 1.42 21.62
CA LYS C 144 10.50 0.91 21.91
C LYS C 144 9.39 1.79 21.36
N VAL C 145 9.73 2.77 20.53
CA VAL C 145 8.72 3.65 19.95
C VAL C 145 8.09 2.97 18.74
N VAL C 146 6.79 3.20 18.56
CA VAL C 146 6.06 2.76 17.37
C VAL C 146 5.28 3.99 16.91
N ALA C 147 5.81 4.70 15.93
CA ALA C 147 5.25 5.99 15.55
C ALA C 147 3.86 5.81 14.94
N VAL C 148 3.08 6.90 15.01
CA VAL C 148 1.76 6.95 14.40
C VAL C 148 1.72 8.14 13.46
N HIS C 149 0.81 8.06 12.48
CA HIS C 149 0.62 9.14 11.52
C HIS C 149 -0.75 9.76 11.73
N LEU C 150 -0.82 11.07 11.49
CA LEU C 150 -2.00 11.84 11.82
C LEU C 150 -3.21 11.33 11.06
N HIS C 151 -4.37 11.41 11.70
CA HIS C 151 -5.67 11.01 11.13
C HIS C 151 -5.69 9.54 10.73
N GLN C 152 -4.69 8.75 11.12
CA GLN C 152 -4.57 7.35 10.72
C GLN C 152 -4.47 6.49 11.98
N THR C 153 -5.61 5.96 12.43
CA THR C 153 -5.65 5.19 13.66
C THR C 153 -4.71 3.99 13.60
N VAL C 154 -4.26 3.54 14.77
CA VAL C 154 -3.43 2.35 14.90
C VAL C 154 -4.01 1.50 16.03
N GLN C 155 -3.87 0.17 15.87
CA GLN C 155 -4.53 -0.80 16.72
C GLN C 155 -3.50 -1.59 17.51
N VAL C 156 -3.74 -1.73 18.81
CA VAL C 156 -2.95 -2.61 19.68
C VAL C 156 -3.94 -3.35 20.58
N ASP C 157 -3.62 -4.60 20.90
CA ASP C 157 -4.39 -5.43 21.83
C ASP C 157 -5.75 -5.85 21.24
N ASP C 158 -5.98 -5.53 19.97
CA ASP C 158 -7.20 -5.90 19.24
C ASP C 158 -8.42 -5.17 19.81
N GLU C 159 -8.22 -4.40 20.87
CA GLU C 159 -9.30 -3.62 21.44
C GLU C 159 -8.90 -2.20 21.80
N LEU C 160 -7.62 -1.85 21.75
CA LEU C 160 -7.15 -0.52 22.12
C LEU C 160 -6.65 0.17 20.85
N GLU C 161 -7.47 1.07 20.31
CA GLU C 161 -7.14 1.75 19.07
C GLU C 161 -6.98 3.24 19.35
N ILE C 162 -5.87 3.82 18.92
CA ILE C 162 -5.63 5.24 19.12
C ILE C 162 -5.63 5.94 17.77
N LYS C 163 -5.79 7.26 17.81
CA LYS C 163 -5.85 8.06 16.61
C LYS C 163 -5.26 9.43 16.91
N ALA C 164 -4.50 9.96 15.94
CA ALA C 164 -3.79 11.22 16.13
C ALA C 164 -4.66 12.40 15.71
N TYR C 165 -4.10 13.60 15.81
CA TYR C 165 -4.76 14.85 15.43
C TYR C 165 -3.68 15.87 15.15
N TYR C 166 -4.06 17.14 15.09
CA TYR C 166 -3.12 18.24 14.85
C TYR C 166 -3.51 19.43 15.70
N ALA C 167 -2.59 19.88 16.56
CA ALA C 167 -2.85 20.93 17.52
C ALA C 167 -1.80 22.02 17.54
N GLY C 168 -0.61 21.72 17.04
CA GLY C 168 0.42 22.73 16.94
C GLY C 168 1.06 23.05 18.28
N HIS C 169 1.45 24.31 18.41
CA HIS C 169 2.19 24.88 19.54
C HIS C 169 3.64 24.41 19.53
N VAL C 170 3.92 23.36 18.77
CA VAL C 170 5.26 22.88 18.49
C VAL C 170 5.13 21.91 17.33
N LEU C 171 6.09 21.95 16.42
CA LEU C 171 6.11 21.00 15.31
C LEU C 171 6.17 19.59 15.86
N GLY C 172 5.10 18.82 15.66
CA GLY C 172 5.05 17.44 16.10
C GLY C 172 4.03 17.17 17.20
N ALA C 173 3.45 18.20 17.79
CA ALA C 173 2.47 17.95 18.84
C ALA C 173 1.25 17.24 18.25
N ALA C 174 0.34 16.84 19.13
CA ALA C 174 -0.88 16.18 18.69
C ALA C 174 -1.87 16.18 19.85
N MET C 175 -3.11 15.84 19.52
CA MET C 175 -4.13 15.55 20.52
C MET C 175 -4.55 14.10 20.25
N PHE C 176 -4.26 13.23 21.20
CA PHE C 176 -4.46 11.82 20.96
C PHE C 176 -5.87 11.39 21.35
N GLN C 177 -6.31 10.28 20.76
CA GLN C 177 -7.64 9.75 21.04
C GLN C 177 -7.53 8.26 21.28
N ILE C 178 -7.94 7.82 22.46
CA ILE C 178 -7.85 6.44 22.91
C ILE C 178 -9.24 5.83 22.86
N LYS C 179 -9.37 4.65 22.25
CA LYS C 179 -10.66 4.02 22.08
C LYS C 179 -10.57 2.55 22.46
N VAL C 180 -11.64 2.04 23.07
CA VAL C 180 -11.75 0.62 23.41
C VAL C 180 -13.06 0.08 22.82
N GLY C 181 -13.61 0.78 21.83
CA GLY C 181 -14.88 0.40 21.29
C GLY C 181 -16.00 1.36 21.66
N SER C 182 -16.83 0.96 22.63
CA SER C 182 -18.03 1.74 22.94
C SER C 182 -17.69 3.06 23.62
N GLU C 183 -16.64 3.09 24.44
CA GLU C 183 -16.25 4.31 25.12
C GLU C 183 -14.84 4.72 24.71
N SER C 184 -14.48 5.96 25.02
CA SER C 184 -13.22 6.50 24.53
C SER C 184 -12.86 7.75 25.32
N VAL C 185 -11.57 8.11 25.28
CA VAL C 185 -11.06 9.30 25.95
C VAL C 185 -10.13 10.03 25.01
N VAL C 186 -10.41 11.30 24.74
CA VAL C 186 -9.53 12.16 23.97
C VAL C 186 -8.69 12.96 24.95
N TYR C 187 -7.41 13.12 24.64
CA TYR C 187 -6.47 13.86 25.47
C TYR C 187 -5.82 14.90 24.59
N THR C 188 -5.71 16.12 25.10
CA THR C 188 -5.10 17.21 24.36
C THR C 188 -3.88 17.70 25.12
N GLY C 189 -2.76 17.86 24.41
CA GLY C 189 -1.55 18.36 25.04
C GLY C 189 -1.60 19.86 25.05
N ASP C 190 -0.59 20.51 24.50
CA ASP C 190 -0.68 21.94 24.27
C ASP C 190 -1.30 22.18 22.90
N TYR C 191 -2.44 22.86 22.87
CA TYR C 191 -3.06 23.20 21.59
C TYR C 191 -3.16 24.71 21.45
N ASN C 192 -3.38 25.14 20.22
CA ASN C 192 -3.55 26.55 19.89
C ASN C 192 -4.73 26.69 18.94
N MET C 193 -5.66 27.56 19.31
CA MET C 193 -6.88 27.76 18.54
C MET C 193 -6.88 29.03 17.71
N THR C 194 -6.31 30.12 18.21
CA THR C 194 -6.14 31.30 17.38
C THR C 194 -5.08 31.01 16.31
N PRO C 195 -5.46 30.93 15.04
CA PRO C 195 -4.53 30.43 14.03
C PRO C 195 -3.38 31.37 13.75
N ASP C 196 -2.45 31.49 14.69
CA ASP C 196 -1.21 32.20 14.45
C ASP C 196 -0.44 31.55 13.30
N ARG C 197 0.26 32.38 12.54
CA ARG C 197 0.91 31.92 11.31
C ARG C 197 2.08 30.99 11.57
N HIS C 198 2.33 30.61 12.82
CA HIS C 198 3.45 29.75 13.17
C HIS C 198 3.23 28.32 12.67
N LEU C 199 2.20 27.64 13.17
CA LEU C 199 1.92 26.27 12.73
C LEU C 199 0.49 26.11 12.24
N GLY C 200 -0.48 26.70 12.92
CA GLY C 200 -1.87 26.57 12.57
C GLY C 200 -2.74 26.41 13.80
N ALA C 201 -4.04 26.24 13.54
CA ALA C 201 -5.03 26.09 14.59
C ALA C 201 -5.40 24.62 14.77
N ALA C 202 -5.65 24.25 16.01
CA ALA C 202 -5.98 22.85 16.32
C ALA C 202 -7.30 22.47 15.68
N TRP C 203 -7.27 21.39 14.90
CA TRP C 203 -8.47 20.87 14.25
C TRP C 203 -8.76 19.48 14.79
N ILE C 204 -9.86 19.34 15.52
CA ILE C 204 -10.32 18.04 15.98
C ILE C 204 -11.70 17.79 15.40
N ASP C 205 -11.99 16.52 15.10
CA ASP C 205 -13.27 16.17 14.51
C ASP C 205 -14.30 15.89 15.60
N LYS C 206 -15.57 16.05 15.23
CA LYS C 206 -16.65 15.83 16.17
C LYS C 206 -16.84 14.34 16.43
N CYS C 207 -15.98 13.77 17.27
CA CYS C 207 -16.12 12.38 17.68
C CYS C 207 -16.99 12.18 18.90
N ARG C 208 -17.31 13.26 19.61
CA ARG C 208 -18.15 13.25 20.80
C ARG C 208 -17.65 12.20 21.78
N PRO C 209 -16.54 12.46 22.47
CA PRO C 209 -15.92 11.44 23.32
C PRO C 209 -16.41 11.55 24.76
N ASN C 210 -16.08 10.52 25.53
CA ASN C 210 -16.55 10.44 26.92
C ASN C 210 -15.73 11.34 27.83
N LEU C 211 -14.51 11.69 27.45
CA LEU C 211 -13.66 12.51 28.31
C LEU C 211 -12.67 13.30 27.46
N LEU C 212 -12.49 14.56 27.82
CA LEU C 212 -11.54 15.44 27.16
C LEU C 212 -10.71 16.15 28.23
N ILE C 213 -9.40 16.10 28.09
CA ILE C 213 -8.49 16.74 29.04
C ILE C 213 -7.77 17.84 28.27
N THR C 214 -7.58 18.99 28.90
CA THR C 214 -6.91 20.11 28.28
C THR C 214 -5.95 20.77 29.26
N GLU C 215 -5.14 21.68 28.74
CA GLU C 215 -4.17 22.42 29.53
C GLU C 215 -4.67 23.84 29.74
N SER C 216 -4.19 24.46 30.81
CA SER C 216 -4.64 25.79 31.17
C SER C 216 -3.46 26.71 31.49
N THR C 217 -2.48 26.75 30.59
CA THR C 217 -1.32 27.62 30.79
C THR C 217 -1.74 29.09 30.81
N TYR C 218 -2.30 29.57 29.71
CA TYR C 218 -2.80 30.94 29.61
C TYR C 218 -4.33 30.97 29.68
N ALA C 219 -4.85 30.97 30.90
CA ALA C 219 -6.30 30.95 31.07
C ALA C 219 -6.88 32.35 31.25
N THR C 220 -6.44 33.05 32.29
CA THR C 220 -7.07 34.32 32.69
C THR C 220 -6.51 35.48 31.87
N THR C 221 -6.53 35.29 30.55
CA THR C 221 -6.07 36.34 29.63
C THR C 221 -6.80 36.14 28.31
N ILE C 222 -7.15 37.24 27.64
CA ILE C 222 -7.83 37.17 26.36
C ILE C 222 -6.84 37.40 25.23
N ARG C 227 -0.29 38.81 18.78
CA ARG C 227 0.41 39.19 17.55
C ARG C 227 1.34 40.36 17.80
N CYS C 228 1.05 41.13 18.85
CA CYS C 228 1.91 42.25 19.22
C CYS C 228 3.29 41.77 19.65
N ARG C 229 3.42 40.47 19.94
CA ARG C 229 4.72 39.93 20.35
C ARG C 229 5.75 40.06 19.23
N GLU C 230 5.42 39.56 18.04
CA GLU C 230 6.31 39.73 16.90
C GLU C 230 6.62 41.19 16.65
N ARG C 231 5.65 42.07 16.92
CA ARG C 231 5.87 43.49 16.68
C ARG C 231 6.89 44.07 17.65
N ASP C 232 6.64 43.96 18.95
CA ASP C 232 7.51 44.63 19.92
C ASP C 232 8.87 43.96 19.99
N PHE C 233 8.95 42.64 19.78
CA PHE C 233 10.25 41.97 19.75
C PHE C 233 11.11 42.53 18.63
N LEU C 234 10.56 42.58 17.42
CA LEU C 234 11.29 43.15 16.30
C LEU C 234 11.66 44.60 16.55
N LYS C 235 10.73 45.38 17.11
CA LYS C 235 11.02 46.78 17.39
C LYS C 235 12.18 46.92 18.36
N LYS C 236 12.18 46.16 19.44
CA LYS C 236 13.24 46.27 20.44
C LYS C 236 14.58 45.79 19.91
N VAL C 237 14.59 44.68 19.17
CA VAL C 237 15.83 44.25 18.53
C VAL C 237 16.36 45.31 17.58
N HIS C 238 15.49 45.87 16.74
CA HIS C 238 15.89 46.89 15.79
C HIS C 238 16.44 48.12 16.49
N GLU C 239 15.84 48.49 17.63
CA GLU C 239 16.33 49.64 18.37
C GLU C 239 17.68 49.38 19.00
N THR C 240 17.86 48.24 19.68
CA THR C 240 19.13 47.94 20.32
C THR C 240 20.22 47.56 19.34
N VAL C 241 19.88 47.33 18.08
CA VAL C 241 20.89 46.96 17.09
C VAL C 241 21.32 48.16 16.24
N GLU C 242 20.57 49.26 16.27
CA GLU C 242 20.97 50.49 15.60
C GLU C 242 21.84 51.38 16.50
N ARG C 243 22.24 50.90 17.66
CA ARG C 243 23.05 51.67 18.61
C ARG C 243 24.38 51.01 18.90
N GLY C 244 24.79 50.02 18.10
CA GLY C 244 25.97 49.25 18.42
C GLY C 244 25.80 48.43 19.67
N GLY C 245 24.58 47.97 19.96
CA GLY C 245 24.30 47.21 21.17
C GLY C 245 23.91 45.78 20.87
N LYS C 246 24.21 44.87 21.80
CA LYS C 246 24.09 43.44 21.57
C LYS C 246 22.80 42.90 22.18
N VAL C 247 22.35 41.78 21.65
CA VAL C 247 21.16 41.10 22.13
C VAL C 247 21.57 39.75 22.69
N LEU C 248 20.77 39.24 23.62
CA LEU C 248 20.92 37.87 24.07
C LEU C 248 19.55 37.23 24.21
N ILE C 249 19.41 36.01 23.72
CA ILE C 249 18.13 35.32 23.64
C ILE C 249 18.37 33.83 23.89
N PRO C 250 18.31 33.38 25.14
CA PRO C 250 18.48 31.95 25.43
C PRO C 250 17.37 31.11 24.82
N VAL C 251 17.72 29.89 24.42
CA VAL C 251 16.79 28.96 23.80
C VAL C 251 17.39 27.57 23.85
N PHE C 252 16.53 26.55 23.89
CA PHE C 252 16.97 25.17 23.82
C PHE C 252 17.67 24.88 22.50
N ALA C 253 18.24 23.67 22.41
CA ALA C 253 18.86 23.23 21.17
C ALA C 253 17.85 23.19 20.03
N LEU C 254 16.58 22.96 20.36
CA LEU C 254 15.47 23.04 19.41
C LEU C 254 14.28 23.72 20.08
N GLY C 255 13.13 23.63 19.42
CA GLY C 255 11.90 24.15 20.00
C GLY C 255 11.58 25.56 19.56
N ARG C 256 11.89 26.52 20.41
CA ARG C 256 11.60 27.92 20.13
C ARG C 256 12.71 28.62 19.35
N ALA C 257 13.69 27.88 18.84
CA ALA C 257 14.77 28.52 18.12
C ALA C 257 14.40 28.82 16.67
N GLN C 258 13.74 27.89 15.99
CA GLN C 258 13.42 28.11 14.59
C GLN C 258 12.23 29.06 14.44
N GLU C 259 11.29 29.03 15.38
CA GLU C 259 10.23 30.04 15.39
C GLU C 259 10.75 31.43 15.72
N LEU C 260 12.06 31.58 15.92
CA LEU C 260 12.74 32.86 16.02
C LEU C 260 13.61 33.14 14.82
N CYS C 261 14.31 32.11 14.33
CA CYS C 261 15.13 32.26 13.13
C CYS C 261 14.29 32.63 11.93
N ILE C 262 13.14 31.97 11.73
CA ILE C 262 12.29 32.29 10.59
C ILE C 262 11.71 33.68 10.73
N LEU C 263 11.47 34.15 11.96
CA LEU C 263 10.97 35.49 12.14
C LEU C 263 12.04 36.53 11.78
N LEU C 264 13.24 36.37 12.33
CA LEU C 264 14.33 37.27 11.98
C LEU C 264 14.59 37.29 10.48
N GLU C 265 14.60 36.12 9.83
CA GLU C 265 14.86 36.06 8.39
C GLU C 265 13.84 36.89 7.61
N THR C 266 12.55 36.62 7.81
CA THR C 266 11.52 37.27 7.01
C THR C 266 11.45 38.76 7.33
N PHE C 267 11.70 39.14 8.58
CA PHE C 267 11.72 40.57 8.88
C PHE C 267 12.93 41.25 8.29
N TRP C 268 14.05 40.54 8.16
CA TRP C 268 15.27 41.17 7.71
C TRP C 268 15.33 41.33 6.20
N GLU C 269 15.04 40.26 5.44
CA GLU C 269 15.08 40.42 3.98
C GLU C 269 14.05 41.45 3.52
N ARG C 270 13.02 41.68 4.32
CA ARG C 270 12.09 42.78 4.09
C ARG C 270 12.63 44.12 4.60
N MET C 271 13.71 44.11 5.38
CA MET C 271 14.32 45.34 5.86
C MET C 271 15.78 45.50 5.45
N ASN C 272 16.42 44.46 4.92
CA ASN C 272 17.77 44.52 4.38
C ASN C 272 18.76 45.11 5.40
N LEU C 273 18.94 44.38 6.49
CA LEU C 273 19.95 44.70 7.48
C LEU C 273 21.23 43.90 7.19
N LYS C 274 22.26 44.17 8.00
CA LYS C 274 23.57 43.56 7.77
C LYS C 274 24.21 43.02 9.04
N VAL C 275 23.46 42.90 10.13
CA VAL C 275 24.03 42.53 11.43
C VAL C 275 24.20 41.02 11.51
N PRO C 276 25.38 40.53 11.91
CA PRO C 276 25.58 39.09 12.03
C PRO C 276 24.59 38.43 12.98
N ILE C 277 23.93 37.41 12.47
CA ILE C 277 22.99 36.60 13.23
C ILE C 277 23.59 35.23 13.43
N TYR C 278 23.39 34.66 14.63
CA TYR C 278 24.02 33.40 14.97
C TYR C 278 23.05 32.53 15.76
N PHE C 279 23.13 31.22 15.50
CA PHE C 279 22.34 30.24 16.23
C PHE C 279 23.19 28.99 16.31
N SER C 280 23.80 28.77 17.47
CA SER C 280 24.79 27.71 17.63
C SER C 280 24.24 26.66 18.59
N THR C 281 23.78 25.55 18.05
CA THR C 281 23.31 24.43 18.86
C THR C 281 24.40 23.44 19.22
N GLY C 282 25.21 23.03 18.25
CA GLY C 282 26.26 22.07 18.48
C GLY C 282 25.77 20.64 18.56
N LEU C 283 24.70 20.42 19.32
CA LEU C 283 24.11 19.09 19.43
C LEU C 283 23.47 18.61 18.14
N THR C 284 22.98 19.54 17.31
CA THR C 284 22.53 19.20 15.98
C THR C 284 22.54 20.46 15.13
N GLU C 285 22.66 20.27 13.82
CA GLU C 285 22.60 21.35 12.85
C GLU C 285 21.22 21.43 12.24
N LYS C 286 20.19 21.17 13.04
CA LYS C 286 18.82 21.22 12.55
C LYS C 286 18.37 22.62 12.20
N ALA C 287 19.26 23.62 12.28
CA ALA C 287 19.01 24.88 11.60
C ALA C 287 18.68 24.67 10.13
N ASN C 288 19.12 23.56 9.54
CA ASN C 288 18.77 23.20 8.18
C ASN C 288 18.14 21.82 8.09
N HIS C 289 17.76 21.22 9.23
CA HIS C 289 17.13 19.90 9.21
C HIS C 289 15.75 19.94 9.86
N TYR C 290 15.61 20.69 10.94
CA TYR C 290 14.28 20.85 11.55
C TYR C 290 13.30 21.42 10.55
N TYR C 291 13.77 22.19 9.57
CA TYR C 291 12.92 22.62 8.46
C TYR C 291 12.42 21.45 7.62
N LYS C 292 13.21 20.38 7.51
CA LYS C 292 12.78 19.23 6.72
C LYS C 292 11.45 18.69 7.24
N LEU C 293 11.36 18.42 8.54
CA LEU C 293 10.10 17.97 9.11
C LEU C 293 9.09 19.10 9.25
N PHE C 294 9.52 20.35 9.11
CA PHE C 294 8.58 21.47 9.14
C PHE C 294 7.65 21.45 7.93
N ILE C 295 8.08 20.86 6.83
CA ILE C 295 7.32 20.86 5.58
C ILE C 295 6.14 19.90 5.62
N PRO C 296 6.32 18.59 5.90
CA PRO C 296 5.18 17.66 5.79
C PRO C 296 4.01 18.03 6.67
N TRP C 297 4.18 18.94 7.62
CA TRP C 297 3.08 19.48 8.40
C TRP C 297 2.62 20.84 7.89
N THR C 298 3.53 21.81 7.82
CA THR C 298 3.20 23.13 7.30
C THR C 298 4.47 23.91 6.95
N GLU C 313 19.12 26.58 3.75
CA GLU C 313 17.73 26.99 3.93
C GLU C 313 17.65 28.39 4.53
N PHE C 314 18.78 28.88 5.02
CA PHE C 314 18.88 30.21 5.60
C PHE C 314 19.85 31.08 4.80
N LYS C 315 19.71 32.39 4.96
CA LYS C 315 20.51 33.36 4.23
C LYS C 315 21.46 34.14 5.13
N HIS C 316 20.94 34.83 6.15
CA HIS C 316 21.74 35.70 6.99
C HIS C 316 22.43 34.95 8.13
N ILE C 317 22.09 33.69 8.35
CA ILE C 317 22.44 32.97 9.57
C ILE C 317 23.67 32.11 9.32
N LYS C 318 24.72 32.36 10.10
CA LYS C 318 25.99 31.66 10.02
C LYS C 318 26.08 30.64 11.15
N ALA C 319 27.27 30.10 11.35
CA ALA C 319 27.56 29.32 12.55
C ALA C 319 28.27 30.20 13.58
N PHE C 320 28.27 29.73 14.83
CA PHE C 320 28.79 30.52 15.93
C PHE C 320 29.72 29.67 16.80
N ASP C 321 30.76 30.30 17.31
CA ASP C 321 31.71 29.65 18.21
C ASP C 321 32.19 30.67 19.22
N ARG C 322 33.10 30.22 20.10
CA ARG C 322 33.63 31.08 21.16
C ARG C 322 34.45 32.25 20.62
N ALA C 323 34.94 32.15 19.39
CA ALA C 323 35.89 33.15 18.87
C ALA C 323 35.26 34.55 18.84
N PHE C 324 34.20 34.73 18.07
CA PHE C 324 33.69 36.07 17.82
C PHE C 324 32.46 36.42 18.66
N ALA C 325 32.43 35.93 19.89
CA ALA C 325 31.43 36.38 20.86
C ALA C 325 31.88 37.61 21.65
N ASP C 326 32.87 38.34 21.14
CA ASP C 326 33.37 39.51 21.83
C ASP C 326 33.66 40.70 20.92
N ASN C 327 33.65 40.52 19.61
CA ASN C 327 34.13 41.55 18.69
C ASN C 327 33.21 42.76 18.72
N PRO C 328 33.72 43.97 18.50
CA PRO C 328 32.85 45.15 18.44
C PRO C 328 31.87 45.05 17.28
N GLY C 329 30.68 45.60 17.47
CA GLY C 329 29.65 45.57 16.47
C GLY C 329 28.35 45.02 17.01
N PRO C 330 27.23 45.51 16.49
CA PRO C 330 25.93 44.96 16.89
C PRO C 330 25.87 43.46 16.62
N MET C 331 25.12 42.76 17.46
CA MET C 331 25.15 41.30 17.43
C MET C 331 23.87 40.74 18.03
N VAL C 332 23.48 39.56 17.55
CA VAL C 332 22.39 38.79 18.12
C VAL C 332 22.88 37.35 18.25
N VAL C 333 22.77 36.79 19.45
CA VAL C 333 23.37 35.49 19.77
C VAL C 333 22.32 34.60 20.41
N PHE C 334 22.22 33.37 19.89
CA PHE C 334 21.28 32.36 20.39
C PHE C 334 22.12 31.23 20.98
N ALA C 335 22.21 31.18 22.30
CA ALA C 335 22.94 30.09 22.95
C ALA C 335 21.96 29.01 23.42
N THR C 336 22.51 27.88 23.87
CA THR C 336 21.63 26.75 24.12
C THR C 336 22.02 25.81 25.26
N PRO C 337 22.19 26.30 26.49
CA PRO C 337 22.09 25.41 27.65
C PRO C 337 20.68 25.26 28.19
N GLY C 338 19.78 26.16 27.83
CA GLY C 338 18.43 26.16 28.34
C GLY C 338 18.07 27.44 29.04
N MET C 339 17.27 27.36 30.09
CA MET C 339 16.88 28.56 30.82
C MET C 339 18.03 29.08 31.66
N LEU C 340 19.07 29.57 31.00
CA LEU C 340 20.21 30.18 31.66
C LEU C 340 20.86 29.25 32.68
N HIS C 341 21.15 28.01 32.26
CA HIS C 341 21.98 27.13 33.06
C HIS C 341 23.44 27.28 32.63
N ALA C 342 24.30 26.43 33.17
CA ALA C 342 25.70 26.47 32.81
C ALA C 342 25.87 26.03 31.36
N GLY C 343 26.91 26.52 30.72
CA GLY C 343 27.19 26.18 29.34
C GLY C 343 27.58 27.43 28.55
N GLN C 344 26.86 27.66 27.45
CA GLN C 344 27.13 28.83 26.63
C GLN C 344 26.44 30.08 27.18
N SER C 345 25.11 30.05 27.28
CA SER C 345 24.36 31.24 27.69
C SER C 345 24.92 31.87 28.95
N LEU C 346 25.10 31.08 30.01
CA LEU C 346 25.58 31.66 31.26
C LEU C 346 26.92 32.36 31.06
N GLN C 347 27.82 31.78 30.28
CA GLN C 347 29.15 32.38 30.11
C GLN C 347 29.07 33.65 29.27
N ILE C 348 28.52 33.55 28.06
CA ILE C 348 28.39 34.73 27.21
C ILE C 348 27.68 35.86 27.94
N PHE C 349 26.64 35.52 28.72
CA PHE C 349 25.96 36.53 29.51
C PHE C 349 26.88 37.13 30.57
N ARG C 350 27.50 36.29 31.39
CA ARG C 350 28.38 36.78 32.45
C ARG C 350 29.45 37.71 31.91
N LYS C 351 29.86 37.53 30.64
CA LYS C 351 30.74 38.50 30.01
C LYS C 351 30.02 39.83 29.78
N TRP C 352 28.84 39.78 29.18
CA TRP C 352 28.20 41.01 28.70
C TRP C 352 27.33 41.67 29.72
N ALA C 353 27.45 41.47 31.03
CA ALA C 353 26.56 42.16 31.96
C ALA C 353 26.95 43.63 32.12
N GLY C 354 28.24 43.93 32.16
CA GLY C 354 28.69 45.29 32.35
C GLY C 354 28.58 46.15 31.11
N ASN C 355 27.37 46.27 30.57
CA ASN C 355 27.14 47.14 29.42
C ASN C 355 25.72 47.69 29.46
N GLU C 356 25.56 48.97 29.14
CA GLU C 356 24.28 49.65 29.30
C GLU C 356 23.37 49.50 28.08
N LYS C 357 23.91 49.35 26.88
CA LYS C 357 23.10 49.36 25.67
C LYS C 357 22.61 47.97 25.26
N ASN C 358 23.25 46.91 25.73
CA ASN C 358 22.82 45.56 25.39
C ASN C 358 21.52 45.22 26.11
N MET C 359 20.84 44.18 25.61
CA MET C 359 19.61 43.73 26.25
C MET C 359 19.46 42.23 26.08
N VAL C 360 18.72 41.63 27.01
CA VAL C 360 18.43 40.20 26.97
C VAL C 360 16.92 40.00 27.01
N ILE C 361 16.48 38.92 26.38
CA ILE C 361 15.08 38.53 26.35
C ILE C 361 15.02 37.07 26.77
N MET C 362 13.94 36.68 27.43
CA MET C 362 13.83 35.30 27.85
C MET C 362 12.55 34.70 27.32
N PRO C 363 12.48 34.35 26.03
CA PRO C 363 11.25 33.85 25.43
C PRO C 363 10.87 32.47 25.93
N GLY C 364 10.63 32.36 27.23
CA GLY C 364 10.24 31.10 27.81
C GLY C 364 10.15 31.21 29.30
N TYR C 365 9.44 30.26 29.90
CA TYR C 365 9.33 30.15 31.35
C TYR C 365 10.72 29.92 31.92
N CYS C 366 10.89 30.20 33.21
CA CYS C 366 12.14 29.95 33.89
C CYS C 366 11.89 29.18 35.18
N VAL C 367 12.80 28.28 35.50
CA VAL C 367 12.68 27.47 36.70
C VAL C 367 13.60 28.05 37.78
N GLN C 368 13.13 28.03 39.01
CA GLN C 368 13.86 28.63 40.12
C GLN C 368 15.20 27.94 40.31
N GLY C 369 16.03 28.53 41.17
CA GLY C 369 17.38 28.06 41.34
C GLY C 369 18.25 28.24 40.12
N THR C 370 17.81 29.06 39.16
CA THR C 370 18.56 29.34 37.95
C THR C 370 18.62 30.85 37.76
N VAL C 371 19.79 31.33 37.36
CA VAL C 371 20.00 32.77 37.19
C VAL C 371 18.93 33.36 36.28
N GLY C 372 18.41 32.56 35.35
CA GLY C 372 17.28 32.95 34.55
C GLY C 372 15.99 33.16 35.33
N HIS C 373 16.02 32.93 36.64
CA HIS C 373 14.90 33.22 37.52
C HIS C 373 15.22 34.38 38.45
N LYS C 374 16.51 34.57 38.76
CA LYS C 374 16.93 35.76 39.48
C LYS C 374 16.73 37.00 38.62
N ILE C 375 17.07 36.91 37.33
CA ILE C 375 17.12 38.09 36.49
C ILE C 375 15.73 38.54 36.07
N LEU C 376 14.92 37.60 35.57
CA LEU C 376 13.58 37.96 35.08
C LEU C 376 12.71 38.60 36.15
N SER C 377 12.93 38.30 37.42
CA SER C 377 12.12 38.87 38.49
C SER C 377 13.03 39.74 39.35
N GLY C 378 13.23 40.99 38.92
CA GLY C 378 13.92 41.92 39.78
C GLY C 378 15.42 41.88 39.67
N GLN C 379 16.01 41.09 40.57
CA GLN C 379 17.43 41.12 40.92
C GLN C 379 18.33 41.41 39.73
N ARG C 380 19.23 42.37 39.93
CA ARG C 380 20.32 42.67 39.00
C ARG C 380 21.67 42.69 39.70
N LYS C 381 21.72 42.42 41.00
CA LYS C 381 22.96 42.37 41.77
C LYS C 381 23.30 40.91 41.98
N LEU C 382 24.11 40.35 41.09
CA LEU C 382 24.40 38.92 41.12
C LEU C 382 25.75 38.64 41.78
N GLU C 383 26.03 37.38 42.04
CA GLU C 383 27.28 36.95 42.66
C GLU C 383 27.77 35.72 41.92
N MET C 384 28.78 35.91 41.07
CA MET C 384 29.27 34.83 40.22
C MET C 384 30.15 33.90 41.03
N GLU C 385 30.89 33.03 40.34
CA GLU C 385 31.72 32.02 41.00
C GLU C 385 32.60 32.65 42.08
N GLY C 386 32.52 32.11 43.28
CA GLY C 386 33.20 32.70 44.42
C GLY C 386 32.37 33.79 45.06
N ARG C 387 33.06 34.66 45.79
CA ARG C 387 32.43 35.79 46.46
C ARG C 387 32.46 37.07 45.61
N GLN C 388 32.83 36.95 44.34
CA GLN C 388 32.88 38.11 43.45
C GLN C 388 31.48 38.71 43.28
N VAL C 389 31.44 39.91 42.69
CA VAL C 389 30.19 40.65 42.53
C VAL C 389 30.09 41.10 41.09
N LEU C 390 28.96 40.81 40.45
CA LEU C 390 28.69 41.23 39.08
C LEU C 390 27.52 42.22 39.09
N GLU C 391 27.68 43.32 38.36
CA GLU C 391 26.60 44.29 38.21
C GLU C 391 25.86 44.05 36.90
N VAL C 392 24.70 44.68 36.74
CA VAL C 392 23.87 44.57 35.54
C VAL C 392 23.39 45.97 35.18
N LYS C 393 23.52 46.32 33.90
CA LYS C 393 23.00 47.58 33.37
C LYS C 393 22.27 47.40 32.05
N MET C 394 22.01 46.16 31.64
CA MET C 394 21.32 45.90 30.39
C MET C 394 19.82 46.09 30.56
N GLN C 395 19.08 45.75 29.51
CA GLN C 395 17.64 45.63 29.63
C GLN C 395 17.26 44.15 29.73
N VAL C 396 16.09 43.90 30.32
CA VAL C 396 15.60 42.55 30.54
C VAL C 396 14.16 42.49 30.05
N GLU C 397 13.84 41.52 29.22
CA GLU C 397 12.49 41.43 28.68
C GLU C 397 11.94 40.01 28.76
N TYR C 398 10.62 39.95 28.94
CA TYR C 398 9.88 38.70 29.00
C TYR C 398 8.74 38.82 28.00
N MET C 399 8.95 38.31 26.80
CA MET C 399 7.92 38.28 25.76
C MET C 399 7.73 36.82 25.38
N SER C 400 6.86 36.14 26.13
CA SER C 400 6.67 34.70 25.97
C SER C 400 6.15 34.41 24.57
N PHE C 401 7.00 33.80 23.74
CA PHE C 401 6.61 33.39 22.40
C PHE C 401 6.02 32.00 22.38
N SER C 402 5.58 31.49 23.53
CA SER C 402 4.91 30.21 23.57
C SER C 402 3.60 30.27 22.79
N ALA C 403 3.07 29.09 22.46
CA ALA C 403 1.80 28.98 21.74
C ALA C 403 0.85 28.19 22.62
N HIS C 404 -0.26 28.82 22.98
CA HIS C 404 -1.28 28.20 23.81
C HIS C 404 -2.65 28.70 23.38
N ALA C 405 -3.66 28.39 24.20
CA ALA C 405 -5.00 28.92 23.98
C ALA C 405 -5.50 29.59 25.25
N ASP C 406 -6.74 30.07 25.19
CA ASP C 406 -7.35 30.76 26.31
C ASP C 406 -8.86 30.60 26.24
N ALA C 407 -9.56 31.37 27.07
CA ALA C 407 -11.00 31.17 27.27
C ALA C 407 -11.75 31.12 25.95
N LYS C 408 -11.49 32.08 25.05
CA LYS C 408 -12.10 32.04 23.73
C LYS C 408 -11.85 30.71 23.04
N GLY C 409 -10.58 30.38 22.82
CA GLY C 409 -10.26 29.17 22.08
C GLY C 409 -10.61 27.90 22.83
N ILE C 410 -10.48 27.92 24.16
CA ILE C 410 -10.80 26.74 24.94
C ILE C 410 -12.28 26.43 24.87
N MET C 411 -13.12 27.45 25.07
CA MET C 411 -14.55 27.27 24.92
C MET C 411 -14.90 26.83 23.50
N GLN C 412 -14.27 27.44 22.50
CA GLN C 412 -14.58 27.07 21.13
C GLN C 412 -14.20 25.62 20.84
N LEU C 413 -13.10 25.14 21.41
CA LEU C 413 -12.69 23.76 21.15
C LEU C 413 -13.55 22.76 21.90
N VAL C 414 -13.86 23.03 23.17
CA VAL C 414 -14.74 22.13 23.91
C VAL C 414 -16.14 22.10 23.28
N GLY C 415 -16.51 23.20 22.61
CA GLY C 415 -17.72 23.16 21.80
C GLY C 415 -17.54 22.32 20.55
N GLN C 416 -16.42 22.50 19.84
CA GLN C 416 -16.11 21.72 18.66
C GLN C 416 -15.94 20.24 18.96
N ALA C 417 -15.90 19.85 20.24
CA ALA C 417 -15.69 18.46 20.61
C ALA C 417 -16.95 17.80 21.17
N GLU C 418 -17.79 18.56 21.88
CA GLU C 418 -18.96 18.03 22.56
C GLU C 418 -18.58 16.87 23.47
N PRO C 419 -17.87 17.14 24.56
CA PRO C 419 -17.44 16.05 25.44
C PRO C 419 -18.52 15.65 26.44
N GLU C 420 -18.16 14.76 27.36
CA GLU C 420 -19.00 14.45 28.51
C GLU C 420 -18.34 14.86 29.82
N SER C 421 -17.10 15.34 29.77
CA SER C 421 -16.38 15.88 30.91
C SER C 421 -15.08 16.49 30.39
N VAL C 422 -14.64 17.57 31.03
CA VAL C 422 -13.39 18.22 30.67
C VAL C 422 -12.51 18.33 31.91
N LEU C 423 -11.24 18.01 31.74
CA LEU C 423 -10.27 18.01 32.82
C LEU C 423 -9.25 19.10 32.54
N LEU C 424 -8.62 19.61 33.60
CA LEU C 424 -7.68 20.72 33.50
C LEU C 424 -6.34 20.33 34.08
N VAL C 425 -5.28 20.50 33.31
CA VAL C 425 -3.93 20.18 33.74
C VAL C 425 -2.98 21.25 33.21
N HIS C 426 -1.72 21.17 33.66
CA HIS C 426 -0.62 21.96 33.15
C HIS C 426 -0.84 23.46 33.39
N GLY C 427 -1.67 23.76 34.39
CA GLY C 427 -1.98 25.14 34.71
C GLY C 427 -1.76 25.47 36.18
N GLU C 428 -2.55 26.40 36.71
CA GLU C 428 -2.41 26.81 38.09
C GLU C 428 -3.73 26.66 38.85
N ALA C 429 -3.74 27.17 40.07
CA ALA C 429 -4.88 26.95 40.95
C ALA C 429 -6.05 27.87 40.61
N LYS C 430 -5.85 29.19 40.69
CA LYS C 430 -6.96 30.13 40.62
C LYS C 430 -7.51 30.28 39.21
N LYS C 431 -6.63 30.20 38.21
CA LYS C 431 -7.10 30.27 36.83
C LYS C 431 -8.07 29.14 36.52
N MET C 432 -7.73 27.92 36.90
CA MET C 432 -8.65 26.80 36.71
C MET C 432 -9.93 27.00 37.52
N GLU C 433 -9.79 27.52 38.74
CA GLU C 433 -10.95 27.68 39.61
C GLU C 433 -11.94 28.68 39.03
N PHE C 434 -11.43 29.71 38.35
CA PHE C 434 -12.31 30.66 37.68
C PHE C 434 -12.85 30.07 36.38
N LEU C 435 -12.01 29.31 35.67
CA LEU C 435 -12.41 28.78 34.38
C LEU C 435 -13.54 27.78 34.49
N LYS C 436 -13.50 26.90 35.50
CA LYS C 436 -14.55 25.89 35.63
C LYS C 436 -15.92 26.52 35.78
N GLN C 437 -16.01 27.65 36.47
CA GLN C 437 -17.29 28.36 36.61
C GLN C 437 -17.90 28.63 35.24
N LYS C 438 -17.17 29.31 34.38
CA LYS C 438 -17.68 29.60 33.03
C LYS C 438 -17.94 28.33 32.25
N ILE C 439 -17.02 27.36 32.31
CA ILE C 439 -17.16 26.15 31.51
C ILE C 439 -18.47 25.45 31.83
N GLU C 440 -18.72 25.16 33.12
CA GLU C 440 -19.97 24.52 33.47
C GLU C 440 -21.14 25.50 33.38
N GLN C 441 -20.84 26.78 33.21
CA GLN C 441 -21.91 27.77 33.11
C GLN C 441 -22.42 27.87 31.67
N GLU C 442 -21.54 28.23 30.73
CA GLU C 442 -21.97 28.41 29.35
C GLU C 442 -22.44 27.10 28.74
N LEU C 443 -21.53 26.14 28.60
CA LEU C 443 -21.85 24.89 27.91
C LEU C 443 -22.57 23.89 28.80
N ARG C 444 -22.66 24.14 30.10
CA ARG C 444 -23.39 23.27 31.02
C ARG C 444 -22.83 21.85 31.00
N VAL C 445 -21.52 21.76 31.18
CA VAL C 445 -20.80 20.49 31.14
C VAL C 445 -19.95 20.38 32.40
N ASN C 446 -19.85 19.16 32.93
CA ASN C 446 -19.11 18.94 34.16
C ASN C 446 -17.60 19.00 33.88
N CYS C 447 -16.87 19.66 34.79
CA CYS C 447 -15.45 19.89 34.63
C CYS C 447 -14.75 19.66 35.96
N TYR C 448 -14.00 18.56 36.05
CA TYR C 448 -13.23 18.25 37.24
C TYR C 448 -11.89 18.96 37.21
N MET C 449 -11.39 19.29 38.40
CA MET C 449 -10.15 20.01 38.56
C MET C 449 -9.25 19.25 39.53
N PRO C 450 -8.74 18.08 39.13
CA PRO C 450 -8.06 17.22 40.09
C PRO C 450 -6.74 17.78 40.55
N ALA C 451 -6.46 17.62 41.84
CA ALA C 451 -5.18 18.02 42.40
C ALA C 451 -4.12 16.98 42.02
N ASN C 452 -2.93 17.10 42.63
CA ASN C 452 -1.78 16.29 42.28
C ASN C 452 -1.91 14.92 42.93
N GLY C 453 -2.64 14.01 42.27
CA GLY C 453 -2.67 12.62 42.68
C GLY C 453 -4.02 12.06 43.09
N GLU C 454 -5.05 12.89 43.22
CA GLU C 454 -6.36 12.40 43.62
C GLU C 454 -6.92 11.53 42.49
N THR C 455 -7.44 10.36 42.84
CA THR C 455 -8.20 9.59 41.88
C THR C 455 -9.43 10.38 41.44
N VAL C 456 -9.84 10.19 40.19
CA VAL C 456 -11.05 10.81 39.65
C VAL C 456 -11.70 9.77 38.74
N THR C 457 -12.86 9.26 39.14
CA THR C 457 -13.58 8.28 38.35
C THR C 457 -14.74 8.95 37.64
N LEU C 458 -14.98 8.57 36.39
CA LEU C 458 -16.16 9.05 35.69
C LEU C 458 -16.84 7.86 35.03
N PRO C 459 -18.10 7.58 35.38
CA PRO C 459 -18.79 6.44 34.81
C PRO C 459 -19.53 6.78 33.53
N THR C 460 -19.73 5.77 32.71
CA THR C 460 -20.44 5.94 31.44
C THR C 460 -21.71 5.10 31.42
N SER D 78 -30.77 -45.49 -22.55
CA SER D 78 -31.38 -45.44 -21.23
C SER D 78 -31.93 -44.06 -20.92
N VAL D 79 -32.40 -43.37 -21.96
CA VAL D 79 -32.88 -42.01 -21.80
C VAL D 79 -34.21 -41.98 -21.06
N GLU D 80 -35.24 -42.63 -21.63
CA GLU D 80 -36.58 -42.53 -21.06
C GLU D 80 -36.64 -43.08 -19.65
N GLY D 81 -35.85 -44.12 -19.35
CA GLY D 81 -35.87 -44.66 -17.99
C GLY D 81 -35.47 -43.63 -16.95
N VAL D 82 -34.26 -43.07 -17.08
CA VAL D 82 -33.80 -42.10 -16.11
C VAL D 82 -34.65 -40.84 -16.16
N VAL D 83 -35.20 -40.49 -17.32
CA VAL D 83 -36.10 -39.33 -17.40
C VAL D 83 -37.33 -39.57 -16.55
N ARG D 84 -37.93 -40.76 -16.64
CA ARG D 84 -39.11 -41.05 -15.84
C ARG D 84 -38.79 -41.12 -14.36
N ILE D 85 -37.60 -41.64 -14.01
CA ILE D 85 -37.18 -41.63 -12.61
C ILE D 85 -37.06 -40.21 -12.10
N LEU D 86 -36.46 -39.32 -12.88
CA LEU D 86 -36.28 -37.94 -12.43
C LEU D 86 -37.61 -37.20 -12.41
N LEU D 87 -38.56 -37.59 -13.27
CA LEU D 87 -39.90 -37.00 -13.20
C LEU D 87 -40.64 -37.45 -11.96
N GLU D 88 -40.52 -38.73 -11.59
CA GLU D 88 -41.10 -39.18 -10.34
C GLU D 88 -40.43 -38.51 -9.14
N HIS D 89 -39.15 -38.17 -9.28
CA HIS D 89 -38.50 -37.35 -8.26
C HIS D 89 -39.13 -35.96 -8.19
N TYR D 90 -39.18 -35.25 -9.32
CA TYR D 90 -39.79 -33.93 -9.38
C TYR D 90 -41.20 -33.95 -8.78
N TYR D 91 -41.93 -35.04 -9.00
CA TYR D 91 -43.26 -35.17 -8.41
C TYR D 91 -43.21 -35.25 -6.89
N LYS D 92 -42.22 -35.95 -6.34
CA LYS D 92 -42.11 -36.11 -4.90
C LYS D 92 -41.25 -35.05 -4.24
N GLU D 93 -40.24 -34.50 -4.94
CA GLU D 93 -39.48 -33.40 -4.41
C GLU D 93 -40.29 -32.12 -4.47
N ASN D 94 -40.19 -31.32 -3.40
CA ASN D 94 -41.02 -30.12 -3.28
C ASN D 94 -40.22 -28.82 -3.37
N ASP D 95 -38.91 -28.87 -3.12
CA ASP D 95 -38.11 -27.65 -3.16
C ASP D 95 -38.03 -27.14 -4.59
N PRO D 96 -38.38 -25.88 -4.85
CA PRO D 96 -38.40 -25.41 -6.25
C PRO D 96 -37.01 -25.33 -6.87
N SER D 97 -35.97 -25.08 -6.08
CA SER D 97 -34.62 -25.01 -6.65
C SER D 97 -34.17 -26.38 -7.16
N VAL D 98 -34.38 -27.43 -6.37
CA VAL D 98 -34.06 -28.77 -6.83
C VAL D 98 -34.92 -29.13 -8.04
N ARG D 99 -36.19 -28.72 -8.02
CA ARG D 99 -37.06 -28.94 -9.18
C ARG D 99 -36.48 -28.28 -10.43
N LEU D 100 -35.93 -27.07 -10.28
CA LEU D 100 -35.32 -26.40 -11.43
C LEU D 100 -34.05 -27.10 -11.86
N LYS D 101 -33.30 -27.66 -10.91
CA LYS D 101 -32.13 -28.47 -11.27
C LYS D 101 -32.54 -29.65 -12.13
N ILE D 102 -33.58 -30.38 -11.70
CA ILE D 102 -34.08 -31.50 -12.48
C ILE D 102 -34.56 -31.04 -13.84
N ALA D 103 -35.24 -29.90 -13.90
CA ALA D 103 -35.75 -29.40 -15.17
C ALA D 103 -34.61 -29.05 -16.12
N SER D 104 -33.53 -28.47 -15.59
CA SER D 104 -32.37 -28.17 -16.41
C SER D 104 -31.71 -29.46 -16.91
N LEU D 105 -31.68 -30.49 -16.07
CA LEU D 105 -31.20 -31.79 -16.53
C LEU D 105 -32.04 -32.32 -17.69
N LEU D 106 -33.36 -32.23 -17.56
CA LEU D 106 -34.24 -32.65 -18.67
C LEU D 106 -33.94 -31.84 -19.93
N GLY D 107 -33.79 -30.53 -19.79
CA GLY D 107 -33.54 -29.69 -20.95
C GLY D 107 -32.23 -30.03 -21.64
N LEU D 108 -31.19 -30.33 -20.85
CA LEU D 108 -29.91 -30.71 -21.43
C LEU D 108 -29.94 -32.11 -22.04
N LEU D 109 -30.74 -33.03 -21.50
CA LEU D 109 -30.81 -34.37 -22.07
C LEU D 109 -31.74 -34.40 -23.29
N SER D 110 -32.59 -33.38 -23.45
CA SER D 110 -33.58 -33.39 -24.51
C SER D 110 -32.94 -33.41 -25.90
N LYS D 111 -31.70 -32.94 -26.00
CA LYS D 111 -31.04 -32.78 -27.29
C LYS D 111 -30.38 -34.06 -27.81
N THR D 112 -30.81 -35.23 -27.33
CA THR D 112 -30.26 -36.48 -27.84
C THR D 112 -30.69 -36.68 -29.28
N ALA D 113 -29.75 -36.55 -30.21
CA ALA D 113 -30.07 -36.72 -31.63
C ALA D 113 -30.34 -38.19 -31.94
N GLY D 114 -31.53 -38.46 -32.45
CA GLY D 114 -31.97 -39.82 -32.69
C GLY D 114 -32.84 -40.42 -31.62
N PHE D 115 -33.16 -39.66 -30.57
CA PHE D 115 -34.07 -40.10 -29.53
C PHE D 115 -35.44 -39.46 -29.76
N SER D 116 -36.47 -40.07 -29.17
CA SER D 116 -37.83 -39.58 -29.35
C SER D 116 -38.33 -38.96 -28.05
N PRO D 117 -38.10 -37.67 -27.81
CA PRO D 117 -38.68 -37.02 -26.62
C PRO D 117 -40.11 -36.57 -26.88
N ASP D 118 -40.59 -36.79 -28.11
CA ASP D 118 -41.99 -36.52 -28.41
C ASP D 118 -42.91 -37.36 -27.53
N CYS D 119 -42.44 -38.53 -27.10
CA CYS D 119 -43.20 -39.32 -26.13
C CYS D 119 -43.34 -38.58 -24.81
N ILE D 120 -42.48 -37.59 -24.57
CA ILE D 120 -42.44 -36.88 -23.29
C ILE D 120 -43.10 -35.50 -23.39
N MET D 121 -43.56 -35.10 -24.58
CA MET D 121 -44.19 -33.79 -24.72
C MET D 121 -45.49 -33.73 -23.92
N ASP D 122 -46.28 -34.81 -23.97
CA ASP D 122 -47.49 -34.88 -23.16
C ASP D 122 -47.16 -34.75 -21.68
N ASP D 123 -46.10 -35.43 -21.23
CA ASP D 123 -45.71 -35.35 -19.84
C ASP D 123 -45.28 -33.95 -19.46
N ALA D 124 -44.57 -33.26 -20.35
CA ALA D 124 -44.19 -31.87 -20.11
C ALA D 124 -45.43 -31.00 -19.95
N ILE D 125 -46.43 -31.21 -20.82
CA ILE D 125 -47.67 -30.45 -20.70
C ILE D 125 -48.35 -30.75 -19.37
N ASN D 126 -48.32 -32.01 -18.94
CA ASN D 126 -48.87 -32.34 -17.62
C ASN D 126 -48.12 -31.65 -16.50
N ILE D 127 -46.81 -31.48 -16.63
CA ILE D 127 -46.05 -30.74 -15.63
C ILE D 127 -46.47 -29.28 -15.61
N LEU D 128 -46.65 -28.66 -16.77
CA LEU D 128 -46.96 -27.23 -16.78
C LEU D 128 -48.42 -26.95 -16.44
N GLN D 129 -49.29 -27.98 -16.52
CA GLN D 129 -50.70 -27.74 -16.23
C GLN D 129 -50.96 -27.50 -14.75
N ASN D 130 -49.99 -27.75 -13.87
CA ASN D 130 -50.19 -27.57 -12.44
C ASN D 130 -49.02 -26.88 -11.74
N GLU D 131 -48.37 -25.92 -12.39
CA GLU D 131 -47.20 -25.28 -11.79
C GLU D 131 -47.60 -24.15 -10.85
N LYS D 132 -46.71 -23.84 -9.91
CA LYS D 132 -46.89 -22.72 -9.00
C LYS D 132 -45.73 -21.73 -9.03
N SER D 133 -44.59 -22.11 -9.59
CA SER D 133 -43.43 -21.24 -9.70
C SER D 133 -43.48 -20.49 -11.03
N HIS D 134 -42.39 -19.83 -11.40
CA HIS D 134 -42.35 -19.08 -12.66
C HIS D 134 -41.29 -19.60 -13.62
N GLN D 135 -40.05 -19.71 -13.15
CA GLN D 135 -38.94 -20.07 -14.03
C GLN D 135 -39.09 -21.49 -14.58
N VAL D 136 -39.76 -22.36 -13.83
CA VAL D 136 -39.96 -23.74 -14.26
C VAL D 136 -40.65 -23.78 -15.62
N LEU D 137 -41.82 -23.14 -15.72
CA LEU D 137 -42.51 -23.07 -16.99
C LEU D 137 -41.64 -22.42 -18.06
N ALA D 138 -40.85 -21.42 -17.68
CA ALA D 138 -39.98 -20.75 -18.63
C ALA D 138 -39.05 -21.74 -19.31
N GLN D 139 -38.21 -22.42 -18.54
CA GLN D 139 -37.26 -23.32 -19.17
C GLN D 139 -37.93 -24.57 -19.74
N LEU D 140 -39.11 -24.94 -19.24
CA LEU D 140 -39.80 -26.09 -19.80
C LEU D 140 -40.32 -25.78 -21.20
N LEU D 141 -41.00 -24.64 -21.36
CA LEU D 141 -41.37 -24.19 -22.69
C LEU D 141 -40.13 -23.93 -23.55
N ASP D 142 -38.99 -23.60 -22.93
CA ASP D 142 -37.77 -23.48 -23.70
C ASP D 142 -37.38 -24.83 -24.30
N THR D 143 -37.44 -25.89 -23.50
CA THR D 143 -37.20 -27.23 -24.02
C THR D 143 -38.22 -27.61 -25.10
N LEU D 144 -39.48 -27.26 -24.88
CA LEU D 144 -40.51 -27.55 -25.87
C LEU D 144 -40.23 -26.84 -27.19
N LEU D 145 -39.74 -25.60 -27.12
CA LEU D 145 -39.37 -24.88 -28.33
C LEU D 145 -38.15 -25.50 -28.98
N ALA D 146 -37.19 -25.95 -28.16
CA ALA D 146 -36.00 -26.59 -28.70
C ALA D 146 -36.35 -27.86 -29.46
N ILE D 147 -37.32 -28.63 -28.96
CA ILE D 147 -37.66 -29.89 -29.63
C ILE D 147 -38.61 -29.63 -30.80
N GLY D 148 -39.45 -28.61 -30.70
CA GLY D 148 -40.25 -28.20 -31.85
C GLY D 148 -39.42 -27.71 -33.01
N THR D 149 -38.31 -27.02 -32.72
CA THR D 149 -37.39 -26.61 -33.78
C THR D 149 -36.63 -27.80 -34.35
N LYS D 150 -36.63 -28.93 -33.63
CA LYS D 150 -35.97 -30.13 -34.11
C LYS D 150 -36.81 -30.92 -35.10
N LEU D 151 -38.14 -30.83 -35.02
CA LEU D 151 -39.05 -31.47 -35.97
C LEU D 151 -40.09 -30.45 -36.40
N PRO D 152 -39.72 -29.48 -37.23
CA PRO D 152 -40.68 -28.45 -37.64
C PRO D 152 -41.65 -28.91 -38.71
N GLU D 153 -41.56 -30.15 -39.18
CA GLU D 153 -42.45 -30.62 -40.23
C GLU D 153 -43.72 -31.26 -39.68
N ASN D 154 -43.66 -31.81 -38.47
CA ASN D 154 -44.83 -32.45 -37.85
C ASN D 154 -45.76 -31.34 -37.35
N GLN D 155 -46.61 -30.88 -38.27
CA GLN D 155 -47.48 -29.73 -37.98
C GLN D 155 -48.44 -29.99 -36.83
N ALA D 156 -48.79 -31.25 -36.56
CA ALA D 156 -49.68 -31.54 -35.45
C ALA D 156 -49.03 -31.19 -34.11
N ILE D 157 -47.76 -31.57 -33.95
CA ILE D 157 -47.03 -31.19 -32.73
C ILE D 157 -46.95 -29.68 -32.62
N GLN D 158 -46.74 -28.99 -33.74
CA GLN D 158 -46.62 -27.54 -33.71
C GLN D 158 -47.95 -26.89 -33.30
N MET D 159 -49.05 -27.42 -33.80
CA MET D 159 -50.36 -26.90 -33.41
C MET D 159 -50.65 -27.18 -31.94
N ARG D 160 -50.25 -28.34 -31.44
CA ARG D 160 -50.41 -28.61 -30.01
C ARG D 160 -49.59 -27.64 -29.17
N LEU D 161 -48.36 -27.35 -29.60
CA LEU D 161 -47.53 -26.37 -28.90
C LEU D 161 -48.17 -24.99 -28.93
N VAL D 162 -48.70 -24.58 -30.08
CA VAL D 162 -49.38 -23.29 -30.18
C VAL D 162 -50.57 -23.27 -29.23
N ASP D 163 -51.31 -24.38 -29.15
CA ASP D 163 -52.47 -24.46 -28.27
C ASP D 163 -52.07 -24.26 -26.81
N VAL D 164 -51.09 -25.03 -26.34
CA VAL D 164 -50.70 -24.94 -24.93
C VAL D 164 -50.07 -23.59 -24.64
N ALA D 165 -49.44 -22.98 -25.66
CA ALA D 165 -48.85 -21.66 -25.46
C ALA D 165 -49.93 -20.60 -25.29
N CYS D 166 -50.89 -20.54 -26.21
CA CYS D 166 -52.02 -19.63 -26.04
C CYS D 166 -52.76 -19.90 -24.74
N LYS D 167 -52.74 -21.16 -24.28
CA LYS D 167 -53.26 -21.46 -22.95
C LYS D 167 -52.45 -20.76 -21.88
N HIS D 168 -51.13 -20.77 -22.01
CA HIS D 168 -50.24 -20.18 -21.01
C HIS D 168 -49.87 -18.72 -21.31
N LEU D 169 -50.27 -18.19 -22.46
CA LEU D 169 -49.88 -16.83 -22.84
C LEU D 169 -50.29 -15.78 -21.81
N THR D 170 -51.41 -15.99 -21.12
CA THR D 170 -51.98 -14.97 -20.25
C THR D 170 -51.27 -14.91 -18.89
N ASP D 171 -50.28 -15.78 -18.66
CA ASP D 171 -49.64 -15.86 -17.35
C ASP D 171 -49.08 -14.51 -16.92
N THR D 172 -49.09 -14.28 -15.60
CA THR D 172 -48.74 -12.98 -15.06
C THR D 172 -47.24 -12.70 -15.15
N SER D 173 -46.41 -13.72 -15.03
CA SER D 173 -44.96 -13.51 -15.00
C SER D 173 -44.48 -13.07 -16.39
N HIS D 174 -43.32 -12.41 -16.41
CA HIS D 174 -42.81 -11.87 -17.66
C HIS D 174 -41.91 -12.86 -18.38
N GLY D 175 -41.19 -13.69 -17.64
CA GLY D 175 -40.32 -14.67 -18.27
C GLY D 175 -41.09 -15.73 -19.04
N VAL D 176 -42.16 -16.24 -18.43
CA VAL D 176 -42.98 -17.24 -19.11
C VAL D 176 -43.62 -16.64 -20.36
N ARG D 177 -44.04 -15.37 -20.28
CA ARG D 177 -44.59 -14.72 -21.45
C ARG D 177 -43.53 -14.56 -22.54
N ASN D 178 -42.30 -14.19 -22.15
CA ASN D 178 -41.20 -14.15 -23.09
C ASN D 178 -41.06 -15.48 -23.81
N LYS D 179 -41.08 -16.58 -23.04
CA LYS D 179 -40.89 -17.90 -23.62
C LYS D 179 -42.03 -18.26 -24.56
N CYS D 180 -43.27 -17.96 -24.18
CA CYS D 180 -44.40 -18.28 -25.05
C CYS D 180 -44.39 -17.45 -26.33
N LEU D 181 -44.01 -16.18 -26.22
CA LEU D 181 -43.93 -15.35 -27.42
C LEU D 181 -42.81 -15.81 -28.34
N GLN D 182 -41.68 -16.25 -27.77
CA GLN D 182 -40.63 -16.82 -28.60
C GLN D 182 -41.08 -18.12 -29.26
N LEU D 183 -41.85 -18.93 -28.54
CA LEU D 183 -42.39 -20.16 -29.10
C LEU D 183 -43.32 -19.84 -30.27
N LEU D 184 -44.18 -18.82 -30.10
CA LEU D 184 -45.06 -18.41 -31.19
C LEU D 184 -44.27 -17.88 -32.37
N GLY D 185 -43.22 -17.10 -32.10
CA GLY D 185 -42.42 -16.54 -33.19
C GLY D 185 -41.71 -17.61 -33.99
N ASN D 186 -41.16 -18.61 -33.31
CA ASN D 186 -40.39 -19.65 -34.00
C ASN D 186 -41.28 -20.77 -34.53
N LEU D 187 -42.53 -20.88 -34.06
CA LEU D 187 -43.40 -21.97 -34.46
C LEU D 187 -44.77 -21.47 -34.90
N GLY D 188 -44.83 -20.27 -35.46
CA GLY D 188 -46.09 -19.73 -35.93
C GLY D 188 -46.55 -20.40 -37.21
N SER D 189 -47.85 -20.25 -37.49
CA SER D 189 -48.42 -20.81 -38.71
C SER D 189 -48.10 -19.94 -39.90
N LEU D 190 -47.33 -20.47 -40.84
CA LEU D 190 -46.94 -19.75 -42.04
C LEU D 190 -48.04 -19.72 -43.10
N GLU D 191 -49.20 -20.32 -42.81
CA GLU D 191 -50.33 -20.33 -43.72
C GLU D 191 -51.31 -19.23 -43.34
N LYS D 192 -51.92 -18.63 -44.36
CA LYS D 192 -52.84 -17.52 -44.15
C LYS D 192 -54.23 -18.01 -43.76
N ALA D 203 -56.76 -22.62 -36.05
CA ALA D 203 -56.58 -21.60 -37.08
C ALA D 203 -56.86 -20.21 -36.52
N ARG D 204 -56.09 -19.84 -35.50
CA ARG D 204 -56.24 -18.52 -34.89
C ARG D 204 -55.22 -17.55 -35.47
N ASP D 205 -55.56 -16.26 -35.44
CA ASP D 205 -54.70 -15.21 -35.99
C ASP D 205 -53.61 -14.90 -34.97
N VAL D 206 -52.57 -15.74 -34.96
CA VAL D 206 -51.45 -15.56 -34.05
C VAL D 206 -50.81 -14.19 -34.22
N GLN D 207 -50.85 -13.64 -35.44
CA GLN D 207 -50.34 -12.30 -35.66
C GLN D 207 -50.99 -11.30 -34.73
N LYS D 208 -52.32 -11.25 -34.72
CA LYS D 208 -53.02 -10.29 -33.88
C LYS D 208 -52.86 -10.61 -32.40
N ILE D 209 -52.85 -11.89 -32.04
CA ILE D 209 -52.67 -12.27 -30.64
C ILE D 209 -51.36 -11.73 -30.11
N ILE D 210 -50.28 -11.88 -30.88
CA ILE D 210 -48.99 -11.33 -30.46
C ILE D 210 -49.03 -9.81 -30.49
N GLY D 211 -49.61 -9.24 -31.55
CA GLY D 211 -49.64 -7.79 -31.70
C GLY D 211 -50.38 -7.09 -30.59
N ASP D 212 -51.31 -7.77 -29.92
CA ASP D 212 -51.96 -7.19 -28.76
C ASP D 212 -50.94 -6.82 -27.68
N TYR D 213 -49.76 -7.43 -27.70
CA TYR D 213 -48.78 -7.27 -26.65
C TYR D 213 -47.85 -6.09 -26.88
N PHE D 214 -48.12 -5.24 -27.86
CA PHE D 214 -47.41 -3.97 -27.95
C PHE D 214 -47.97 -2.95 -26.96
N SER D 215 -48.94 -3.34 -26.14
CA SER D 215 -49.50 -2.48 -25.11
C SER D 215 -49.40 -3.11 -23.73
N ASP D 216 -48.52 -4.10 -23.56
CA ASP D 216 -48.37 -4.77 -22.29
C ASP D 216 -47.58 -3.89 -21.32
N GLN D 217 -47.64 -4.25 -20.03
CA GLN D 217 -47.09 -3.39 -18.99
C GLN D 217 -45.57 -3.35 -19.03
N ASP D 218 -44.92 -4.49 -18.84
CA ASP D 218 -43.46 -4.52 -18.82
C ASP D 218 -42.92 -4.33 -20.23
N PRO D 219 -42.10 -3.31 -20.48
CA PRO D 219 -41.60 -3.08 -21.84
C PRO D 219 -40.77 -4.23 -22.38
N ARG D 220 -40.18 -5.06 -21.52
CA ARG D 220 -39.45 -6.23 -22.01
C ARG D 220 -40.37 -7.17 -22.77
N VAL D 221 -41.62 -7.29 -22.32
CA VAL D 221 -42.59 -8.10 -23.03
C VAL D 221 -42.82 -7.56 -24.43
N ARG D 222 -42.92 -6.24 -24.56
CA ARG D 222 -43.08 -5.63 -25.87
C ARG D 222 -41.85 -5.85 -26.74
N THR D 223 -40.66 -5.76 -26.15
CA THR D 223 -39.43 -6.04 -26.88
C THR D 223 -39.45 -7.45 -27.45
N ALA D 224 -39.71 -8.44 -26.60
CA ALA D 224 -39.78 -9.82 -27.07
C ALA D 224 -40.90 -10.00 -28.10
N ALA D 225 -41.98 -9.23 -27.97
CA ALA D 225 -43.06 -9.30 -28.94
C ALA D 225 -42.60 -8.85 -30.32
N ILE D 226 -41.90 -7.71 -30.38
CA ILE D 226 -41.40 -7.22 -31.67
C ILE D 226 -40.36 -8.19 -32.23
N LYS D 227 -39.54 -8.76 -31.36
CA LYS D 227 -38.57 -9.76 -31.82
C LYS D 227 -39.28 -10.98 -32.41
N ALA D 228 -40.38 -11.41 -31.80
CA ALA D 228 -41.15 -12.51 -32.35
C ALA D 228 -41.79 -12.13 -33.68
N MET D 229 -42.26 -10.89 -33.80
CA MET D 229 -42.76 -10.41 -35.09
C MET D 229 -41.68 -10.53 -36.17
N LEU D 230 -40.47 -10.08 -35.84
CA LEU D 230 -39.36 -10.17 -36.80
C LEU D 230 -39.09 -11.62 -37.18
N GLN D 231 -39.03 -12.51 -36.18
CA GLN D 231 -38.80 -13.92 -36.45
C GLN D 231 -39.87 -14.50 -37.37
N LEU D 232 -41.15 -14.23 -37.06
CA LEU D 232 -42.24 -14.69 -37.92
C LEU D 232 -42.08 -14.21 -39.35
N HIS D 233 -41.83 -12.90 -39.53
CA HIS D 233 -41.69 -12.39 -40.89
C HIS D 233 -40.53 -13.06 -41.62
N GLU D 234 -39.38 -13.19 -40.95
CA GLU D 234 -38.18 -13.65 -41.63
C GLU D 234 -38.25 -15.11 -42.02
N ARG D 235 -39.21 -15.87 -41.49
CA ARG D 235 -39.40 -17.24 -41.94
C ARG D 235 -40.08 -17.33 -43.29
N GLY D 236 -40.64 -16.23 -43.80
CA GLY D 236 -41.27 -16.20 -45.10
C GLY D 236 -42.71 -15.74 -45.10
N LEU D 237 -43.34 -15.54 -43.96
CA LEU D 237 -44.73 -15.10 -43.91
C LEU D 237 -44.83 -13.63 -44.28
N LYS D 238 -45.71 -13.32 -45.23
CA LYS D 238 -46.01 -11.93 -45.55
C LYS D 238 -47.00 -11.38 -44.54
N LEU D 239 -46.72 -10.20 -44.00
CA LEU D 239 -47.51 -9.67 -42.90
C LEU D 239 -48.59 -8.72 -43.38
N HIS D 240 -49.35 -8.17 -42.44
CA HIS D 240 -50.46 -7.30 -42.76
C HIS D 240 -50.03 -5.84 -42.69
N GLN D 241 -50.94 -4.97 -43.12
CA GLN D 241 -50.65 -3.54 -43.18
C GLN D 241 -50.74 -2.88 -41.81
N THR D 242 -51.68 -3.33 -40.98
CA THR D 242 -51.98 -2.62 -39.73
C THR D 242 -50.80 -2.56 -38.78
N ILE D 243 -49.83 -3.46 -38.91
CA ILE D 243 -48.73 -3.51 -37.94
C ILE D 243 -47.97 -2.19 -37.91
N TYR D 244 -47.80 -1.56 -39.07
CA TYR D 244 -47.19 -0.23 -39.12
C TYR D 244 -47.98 0.75 -38.25
N ASN D 245 -49.29 0.78 -38.45
CA ASN D 245 -50.14 1.75 -37.76
C ASN D 245 -50.20 1.50 -36.26
N GLN D 246 -49.88 0.29 -35.81
CA GLN D 246 -49.83 0.01 -34.38
C GLN D 246 -48.44 0.30 -33.82
N ALA D 247 -47.41 0.00 -34.60
CA ALA D 247 -46.04 0.19 -34.14
C ALA D 247 -45.69 1.66 -34.03
N CYS D 248 -46.20 2.49 -34.94
CA CYS D 248 -45.87 3.92 -34.92
C CYS D 248 -46.15 4.55 -33.57
N LYS D 249 -47.11 4.00 -32.82
CA LYS D 249 -47.41 4.54 -31.50
C LYS D 249 -46.21 4.42 -30.57
N LEU D 250 -45.44 3.33 -30.70
CA LEU D 250 -44.29 3.12 -29.82
C LEU D 250 -43.16 4.10 -30.08
N LEU D 251 -43.20 4.87 -31.17
CA LEU D 251 -42.11 5.77 -31.50
C LEU D 251 -41.86 6.81 -30.43
N SER D 252 -42.87 7.17 -29.65
CA SER D 252 -42.73 8.17 -28.60
C SER D 252 -42.52 7.54 -27.22
N ASP D 253 -42.30 6.24 -27.17
CA ASP D 253 -42.04 5.58 -25.89
C ASP D 253 -40.69 6.01 -25.34
N ASP D 254 -40.54 5.85 -24.02
CA ASP D 254 -39.36 6.33 -23.31
C ASP D 254 -38.42 5.21 -22.90
N TYR D 255 -38.27 4.17 -23.72
CA TYR D 255 -37.34 3.08 -23.47
C TYR D 255 -36.49 2.84 -24.71
N GLU D 256 -35.40 2.11 -24.52
CA GLU D 256 -34.31 2.08 -25.50
C GLU D 256 -34.44 0.99 -26.55
N GLN D 257 -34.46 -0.29 -26.15
CA GLN D 257 -34.51 -1.36 -27.14
C GLN D 257 -35.83 -1.35 -27.90
N VAL D 258 -36.91 -0.94 -27.22
CA VAL D 258 -38.23 -0.92 -27.83
C VAL D 258 -38.24 -0.03 -29.05
N ARG D 259 -37.56 1.13 -28.99
CA ARG D 259 -37.58 2.04 -30.13
C ARG D 259 -36.81 1.46 -31.31
N SER D 260 -35.66 0.84 -31.05
CA SER D 260 -34.90 0.20 -32.13
C SER D 260 -35.72 -0.88 -32.80
N ALA D 261 -36.36 -1.73 -31.99
CA ALA D 261 -37.21 -2.78 -32.54
C ALA D 261 -38.36 -2.18 -33.35
N ALA D 262 -38.93 -1.07 -32.88
CA ALA D 262 -40.01 -0.41 -33.60
C ALA D 262 -39.53 0.10 -34.96
N VAL D 263 -38.35 0.72 -34.99
CA VAL D 263 -37.81 1.21 -36.25
C VAL D 263 -37.57 0.05 -37.21
N GLN D 264 -37.05 -1.06 -36.70
CA GLN D 264 -36.85 -2.24 -37.54
C GLN D 264 -38.17 -2.75 -38.10
N LEU D 265 -39.21 -2.76 -37.27
CA LEU D 265 -40.53 -3.23 -37.71
C LEU D 265 -41.10 -2.31 -38.78
N ILE D 266 -41.02 -1.00 -38.57
CA ILE D 266 -41.46 -0.06 -39.60
C ILE D 266 -40.70 -0.30 -40.89
N TRP D 267 -39.38 -0.45 -40.80
CA TRP D 267 -38.56 -0.70 -41.99
C TRP D 267 -39.08 -1.90 -42.76
N VAL D 268 -39.25 -3.03 -42.07
CA VAL D 268 -39.60 -4.27 -42.76
C VAL D 268 -41.04 -4.18 -43.31
N VAL D 269 -41.96 -3.63 -42.53
CA VAL D 269 -43.36 -3.58 -42.98
C VAL D 269 -43.52 -2.60 -44.12
N SER D 270 -42.65 -1.58 -44.20
CA SER D 270 -42.69 -0.67 -45.34
C SER D 270 -42.01 -1.29 -46.55
N GLN D 271 -41.03 -2.16 -46.32
CA GLN D 271 -40.52 -2.98 -47.41
C GLN D 271 -41.58 -3.98 -47.87
N LEU D 272 -42.62 -4.19 -47.06
CA LEU D 272 -43.72 -5.05 -47.48
C LEU D 272 -44.76 -4.27 -48.28
N TYR D 273 -45.28 -3.18 -47.72
CA TYR D 273 -46.31 -2.35 -48.37
C TYR D 273 -45.77 -0.95 -48.58
N PRO D 274 -44.89 -0.75 -49.55
CA PRO D 274 -44.28 0.58 -49.73
C PRO D 274 -45.20 1.62 -50.35
N GLU D 275 -45.93 1.23 -51.40
CA GLU D 275 -46.60 2.20 -52.26
C GLU D 275 -47.98 2.60 -51.77
N SER D 276 -48.48 1.98 -50.70
CA SER D 276 -49.81 2.32 -50.19
C SER D 276 -49.89 3.81 -49.85
N ILE D 277 -51.09 4.36 -49.96
CA ILE D 277 -51.35 5.78 -49.75
C ILE D 277 -51.87 6.00 -48.35
N VAL D 278 -51.12 6.75 -47.55
CA VAL D 278 -51.53 7.11 -46.19
C VAL D 278 -51.64 8.63 -46.11
N PRO D 279 -52.72 9.16 -45.55
CA PRO D 279 -52.82 10.61 -45.39
C PRO D 279 -52.26 11.08 -44.06
N ILE D 280 -51.50 12.17 -44.11
CA ILE D 280 -50.97 12.80 -42.91
C ILE D 280 -52.14 13.39 -42.14
N PRO D 281 -52.39 12.95 -40.90
CA PRO D 281 -53.55 13.48 -40.14
C PRO D 281 -53.40 14.94 -39.76
N SER D 282 -52.21 15.53 -39.88
CA SER D 282 -52.00 16.94 -39.58
C SER D 282 -52.48 17.85 -40.69
N SER D 283 -52.82 17.31 -41.86
CA SER D 283 -53.32 18.09 -42.99
C SER D 283 -54.25 17.20 -43.79
N ASN D 284 -54.54 17.62 -45.02
CA ASN D 284 -55.36 16.86 -45.94
C ASN D 284 -54.54 16.14 -47.01
N GLU D 285 -53.22 16.25 -46.95
CA GLU D 285 -52.35 15.63 -47.94
C GLU D 285 -52.28 14.13 -47.73
N GLU D 286 -52.00 13.41 -48.82
CA GLU D 286 -51.88 11.96 -48.80
C GLU D 286 -50.61 11.57 -49.54
N ILE D 287 -49.70 10.89 -48.85
CA ILE D 287 -48.42 10.52 -49.43
C ILE D 287 -48.27 9.01 -49.36
N ARG D 288 -47.38 8.48 -50.21
CA ARG D 288 -47.13 7.04 -50.23
C ARG D 288 -46.62 6.58 -48.86
N LEU D 289 -46.97 5.35 -48.50
CA LEU D 289 -46.62 4.83 -47.18
C LEU D 289 -45.11 4.77 -46.99
N VAL D 290 -44.38 4.52 -48.09
CA VAL D 290 -42.91 4.54 -48.02
C VAL D 290 -42.41 5.91 -47.59
N ASP D 291 -43.04 6.98 -48.07
CA ASP D 291 -42.62 8.32 -47.66
C ASP D 291 -42.89 8.56 -46.18
N ASP D 292 -44.03 8.08 -45.68
CA ASP D 292 -44.30 8.16 -44.25
C ASP D 292 -43.26 7.41 -43.44
N ALA D 293 -42.96 6.18 -43.84
CA ALA D 293 -41.91 5.42 -43.16
C ALA D 293 -40.60 6.17 -43.14
N PHE D 294 -40.19 6.71 -44.29
CA PHE D 294 -38.92 7.42 -44.36
C PHE D 294 -38.91 8.62 -43.44
N GLY D 295 -39.95 9.46 -43.51
CA GLY D 295 -39.99 10.62 -42.64
C GLY D 295 -40.02 10.26 -41.17
N LYS D 296 -40.72 9.18 -40.82
CA LYS D 296 -40.76 8.74 -39.44
C LYS D 296 -39.38 8.30 -38.96
N ILE D 297 -38.65 7.55 -39.79
CA ILE D 297 -37.30 7.14 -39.39
C ILE D 297 -36.39 8.35 -39.27
N CYS D 298 -36.50 9.31 -40.20
CA CYS D 298 -35.72 10.53 -40.11
C CYS D 298 -35.97 11.23 -38.78
N HIS D 299 -37.22 11.51 -38.45
CA HIS D 299 -37.53 12.12 -37.17
C HIS D 299 -37.04 11.28 -36.01
N MET D 300 -37.08 9.96 -36.15
CA MET D 300 -36.62 9.06 -35.09
C MET D 300 -35.13 9.25 -34.83
N VAL D 301 -34.34 9.49 -35.89
CA VAL D 301 -32.92 9.78 -35.71
C VAL D 301 -32.67 10.91 -34.73
N SER D 302 -33.66 11.78 -34.50
CA SER D 302 -33.53 12.89 -33.58
C SER D 302 -33.81 12.48 -32.13
N ASP D 303 -33.71 11.20 -31.82
CA ASP D 303 -33.94 10.72 -30.48
C ASP D 303 -32.75 11.05 -29.58
N GLY D 304 -33.00 11.03 -28.26
CA GLY D 304 -31.95 11.28 -27.29
C GLY D 304 -31.11 10.07 -26.94
N SER D 305 -31.36 8.94 -27.59
CA SER D 305 -30.53 7.75 -27.39
C SER D 305 -29.72 7.49 -28.66
N TRP D 306 -28.49 6.98 -28.47
CA TRP D 306 -27.59 6.80 -29.60
C TRP D 306 -27.70 5.42 -30.24
N VAL D 307 -28.06 4.40 -29.47
CA VAL D 307 -28.24 3.06 -30.04
C VAL D 307 -29.28 3.11 -31.15
N VAL D 308 -30.47 3.65 -30.83
CA VAL D 308 -31.52 3.77 -31.83
C VAL D 308 -31.11 4.67 -32.97
N ARG D 309 -30.25 5.66 -32.72
CA ARG D 309 -29.77 6.51 -33.80
C ARG D 309 -28.92 5.71 -34.78
N VAL D 310 -28.00 4.90 -34.26
CA VAL D 310 -27.23 4.00 -35.13
C VAL D 310 -28.17 3.10 -35.91
N GLN D 311 -29.15 2.52 -35.22
CA GLN D 311 -30.07 1.59 -35.85
C GLN D 311 -30.80 2.25 -37.02
N ALA D 312 -31.36 3.44 -36.78
CA ALA D 312 -32.14 4.12 -37.82
C ALA D 312 -31.24 4.59 -38.96
N ALA D 313 -30.08 5.14 -38.62
CA ALA D 313 -29.16 5.61 -39.66
C ALA D 313 -28.74 4.47 -40.58
N LYS D 314 -28.50 3.29 -40.00
CA LYS D 314 -28.17 2.13 -40.83
C LYS D 314 -29.37 1.70 -41.67
N LEU D 315 -30.53 1.57 -41.03
CA LEU D 315 -31.71 1.05 -41.72
C LEU D 315 -32.18 1.98 -42.84
N LEU D 316 -31.84 3.27 -42.79
CA LEU D 316 -32.16 4.16 -43.89
C LEU D 316 -31.39 3.79 -45.14
N GLY D 317 -30.30 3.04 -44.99
CA GLY D 317 -29.39 2.79 -46.09
C GLY D 317 -30.02 2.14 -47.31
N SER D 318 -30.87 1.14 -47.11
CA SER D 318 -31.40 0.35 -48.22
C SER D 318 -32.78 0.80 -48.69
N MET D 319 -33.26 1.98 -48.25
CA MET D 319 -34.58 2.45 -48.64
C MET D 319 -34.47 3.18 -49.98
N GLU D 320 -34.74 2.43 -51.05
CA GLU D 320 -34.57 2.97 -52.40
C GLU D 320 -35.85 3.57 -52.96
N GLN D 321 -36.96 2.83 -52.93
CA GLN D 321 -38.19 3.18 -53.63
C GLN D 321 -38.84 4.48 -53.14
N VAL D 322 -38.34 5.08 -52.08
CA VAL D 322 -38.85 6.35 -51.59
C VAL D 322 -38.59 7.45 -52.61
N SER D 323 -39.52 8.40 -52.70
CA SER D 323 -39.46 9.45 -53.70
C SER D 323 -38.26 10.37 -53.46
N SER D 324 -37.69 10.85 -54.57
CA SER D 324 -36.40 11.53 -54.52
C SER D 324 -36.51 12.91 -53.88
N HIS D 325 -37.64 13.60 -54.08
CA HIS D 325 -37.75 14.96 -53.56
C HIS D 325 -37.72 14.98 -52.04
N PHE D 326 -38.39 14.01 -51.39
CA PHE D 326 -38.22 13.86 -49.96
C PHE D 326 -36.76 13.68 -49.59
N LEU D 327 -36.04 12.82 -50.32
CA LEU D 327 -34.64 12.57 -50.00
C LEU D 327 -33.82 13.86 -50.05
N GLU D 328 -33.90 14.60 -51.16
CA GLU D 328 -33.14 15.84 -51.25
C GLU D 328 -33.56 16.84 -50.18
N GLN D 329 -34.83 16.79 -49.75
CA GLN D 329 -35.24 17.63 -48.63
C GLN D 329 -34.55 17.24 -47.32
N THR D 330 -34.09 16.00 -47.20
CA THR D 330 -33.45 15.53 -45.97
C THR D 330 -32.03 16.07 -45.78
N LEU D 331 -31.57 16.98 -46.64
CA LEU D 331 -30.27 17.59 -46.47
C LEU D 331 -30.29 19.11 -46.49
N ASP D 332 -31.47 19.72 -46.53
CA ASP D 332 -31.56 21.19 -46.52
C ASP D 332 -31.21 21.68 -45.12
N LYS D 333 -29.95 22.06 -44.93
CA LYS D 333 -29.48 22.50 -43.63
C LYS D 333 -30.23 23.75 -43.16
N LYS D 334 -30.86 24.48 -44.09
CA LYS D 334 -31.54 25.71 -43.73
C LYS D 334 -32.83 25.46 -42.94
N LEU D 335 -33.41 24.27 -43.01
CA LEU D 335 -34.74 24.06 -42.43
C LEU D 335 -34.69 23.74 -40.93
N MET D 336 -33.53 23.73 -40.29
CA MET D 336 -33.49 23.49 -38.84
C MET D 336 -33.46 24.82 -38.08
N GLY D 384 -38.95 16.60 -37.80
CA GLY D 384 -37.62 16.06 -38.04
C GLY D 384 -37.57 15.12 -39.23
N ALA D 385 -38.61 15.14 -40.04
CA ALA D 385 -38.66 14.28 -41.22
C ALA D 385 -37.71 14.74 -42.31
N CYS D 386 -37.19 15.96 -42.22
CA CYS D 386 -36.25 16.50 -43.20
C CYS D 386 -35.04 17.10 -42.49
N GLY D 387 -33.93 17.20 -43.22
CA GLY D 387 -32.70 17.69 -42.64
C GLY D 387 -32.02 16.73 -41.70
N ALA D 388 -32.35 15.44 -41.81
CA ALA D 388 -31.79 14.45 -40.89
C ALA D 388 -30.30 14.23 -41.11
N PHE D 389 -29.88 14.07 -42.36
CA PHE D 389 -28.48 13.82 -42.68
C PHE D 389 -27.56 14.89 -42.10
N VAL D 390 -27.97 16.16 -42.17
CA VAL D 390 -27.15 17.22 -41.59
C VAL D 390 -27.06 17.07 -40.08
N HIS D 391 -28.17 16.70 -39.45
CA HIS D 391 -28.17 16.52 -37.99
C HIS D 391 -27.32 15.33 -37.58
N GLY D 392 -27.19 14.36 -38.48
CA GLY D 392 -26.41 13.16 -38.20
C GLY D 392 -24.92 13.34 -38.41
N LEU D 393 -24.54 13.80 -39.61
CA LEU D 393 -23.12 13.90 -39.96
C LEU D 393 -22.35 14.82 -39.02
N GLU D 394 -23.04 15.52 -38.12
CA GLU D 394 -22.40 16.31 -37.09
C GLU D 394 -22.93 15.98 -35.69
N ASP D 395 -23.52 14.81 -35.52
CA ASP D 395 -23.95 14.39 -34.20
C ASP D 395 -22.73 14.09 -33.33
N GLU D 396 -22.98 13.90 -32.03
CA GLU D 396 -21.88 13.75 -31.08
C GLU D 396 -21.06 12.49 -31.35
N MET D 397 -21.69 11.33 -31.28
CA MET D 397 -20.97 10.07 -31.38
C MET D 397 -20.70 9.73 -32.85
N TYR D 398 -19.42 9.62 -33.22
CA TYR D 398 -19.04 9.40 -34.61
C TYR D 398 -19.69 8.16 -35.23
N GLU D 399 -20.19 7.23 -34.42
CA GLU D 399 -20.77 6.02 -34.96
C GLU D 399 -21.98 6.32 -35.83
N VAL D 400 -22.89 7.16 -35.34
CA VAL D 400 -24.06 7.51 -36.15
C VAL D 400 -23.61 8.27 -37.39
N ARG D 401 -22.54 9.06 -37.27
CA ARG D 401 -21.98 9.72 -38.44
C ARG D 401 -21.58 8.70 -39.50
N ILE D 402 -20.86 7.65 -39.09
CA ILE D 402 -20.41 6.62 -40.03
C ILE D 402 -21.61 5.93 -40.66
N ALA D 403 -22.61 5.59 -39.85
CA ALA D 403 -23.81 4.94 -40.38
C ALA D 403 -24.51 5.82 -41.39
N ALA D 404 -24.60 7.13 -41.12
CA ALA D 404 -25.16 8.06 -42.08
C ALA D 404 -24.34 8.11 -43.35
N VAL D 405 -23.01 8.00 -43.24
CA VAL D 405 -22.17 7.95 -44.43
C VAL D 405 -22.52 6.73 -45.28
N GLU D 406 -22.68 5.57 -44.64
CA GLU D 406 -23.07 4.38 -45.39
C GLU D 406 -24.41 4.58 -46.09
N ALA D 407 -25.40 5.14 -45.37
CA ALA D 407 -26.70 5.36 -45.97
C ALA D 407 -26.61 6.32 -47.16
N LEU D 408 -25.84 7.40 -47.01
CA LEU D 408 -25.63 8.33 -48.11
C LEU D 408 -25.00 7.62 -49.30
N CYS D 409 -23.99 6.79 -49.05
CA CYS D 409 -23.33 6.07 -50.13
C CYS D 409 -24.32 5.21 -50.90
N MET D 410 -25.12 4.42 -50.19
CA MET D 410 -26.06 3.55 -50.88
C MET D 410 -27.10 4.36 -51.65
N LEU D 411 -27.77 5.29 -50.98
CA LEU D 411 -28.82 6.07 -51.62
C LEU D 411 -28.29 6.98 -52.72
N ALA D 412 -26.97 7.21 -52.77
CA ALA D 412 -26.36 7.93 -53.87
C ALA D 412 -26.01 7.00 -55.02
N GLN D 413 -25.53 5.79 -54.72
CA GLN D 413 -25.35 4.78 -55.76
C GLN D 413 -26.66 4.46 -56.46
N SER D 414 -27.79 4.61 -55.77
CA SER D 414 -29.07 4.35 -56.41
C SER D 414 -29.56 5.54 -57.25
N SER D 415 -29.33 6.76 -56.80
CA SER D 415 -29.84 7.96 -57.47
C SER D 415 -28.71 8.96 -57.70
N PRO D 416 -28.30 9.20 -58.95
CA PRO D 416 -27.15 10.09 -59.18
C PRO D 416 -27.43 11.56 -58.90
N SER D 417 -28.65 12.04 -59.12
CA SER D 417 -28.95 13.45 -58.87
C SER D 417 -28.79 13.79 -57.40
N PHE D 418 -29.39 12.98 -56.53
CA PHE D 418 -29.18 13.15 -55.09
C PHE D 418 -27.71 13.01 -54.72
N ALA D 419 -26.97 12.18 -55.46
CA ALA D 419 -25.55 12.03 -55.22
C ALA D 419 -24.82 13.35 -55.45
N GLU D 420 -25.03 13.95 -56.62
CA GLU D 420 -24.44 15.27 -56.89
C GLU D 420 -24.92 16.31 -55.90
N LYS D 421 -26.16 16.20 -55.42
CA LYS D 421 -26.66 17.15 -54.43
C LYS D 421 -25.92 17.03 -53.11
N CYS D 422 -25.75 15.81 -52.60
CA CYS D 422 -25.09 15.60 -51.31
C CYS D 422 -23.58 15.69 -51.39
N LEU D 423 -23.02 15.73 -52.61
CA LEU D 423 -21.58 15.84 -52.78
C LEU D 423 -20.97 16.95 -51.92
N ASP D 424 -21.73 18.02 -51.67
CA ASP D 424 -21.22 19.12 -50.87
C ASP D 424 -20.89 18.67 -49.45
N PHE D 425 -21.88 18.14 -48.74
CA PHE D 425 -21.61 17.61 -47.40
C PHE D 425 -20.62 16.45 -47.46
N LEU D 426 -20.64 15.68 -48.54
CA LEU D 426 -19.75 14.52 -48.62
C LEU D 426 -18.28 14.95 -48.68
N VAL D 427 -17.98 16.02 -49.44
CA VAL D 427 -16.62 16.53 -49.45
C VAL D 427 -16.33 17.29 -48.16
N ASP D 428 -17.37 17.84 -47.53
CA ASP D 428 -17.20 18.45 -46.22
C ASP D 428 -16.74 17.44 -45.18
N MET D 429 -17.18 16.19 -45.29
CA MET D 429 -16.81 15.15 -44.32
C MET D 429 -15.31 14.88 -44.26
N PHE D 430 -14.51 15.43 -45.16
CA PHE D 430 -13.08 15.21 -45.09
C PHE D 430 -12.45 15.90 -43.88
N ASN D 431 -12.99 17.03 -43.44
CA ASN D 431 -12.42 17.80 -42.34
C ASN D 431 -12.93 17.31 -40.99
N ASP D 432 -13.46 16.10 -40.92
CA ASP D 432 -13.85 15.53 -39.64
C ASP D 432 -12.61 15.12 -38.86
N GLU D 433 -12.60 15.44 -37.58
CA GLU D 433 -11.41 15.35 -36.74
C GLU D 433 -10.83 13.95 -36.62
N ILE D 434 -11.63 12.91 -36.80
CA ILE D 434 -11.17 11.54 -36.54
C ILE D 434 -11.02 10.83 -37.88
N GLU D 435 -10.23 9.74 -37.87
CA GLU D 435 -9.71 9.19 -39.12
C GLU D 435 -10.62 8.13 -39.72
N GLU D 436 -11.41 7.44 -38.91
CA GLU D 436 -12.23 6.35 -39.45
C GLU D 436 -13.35 6.89 -40.33
N VAL D 437 -14.01 7.96 -39.90
CA VAL D 437 -15.00 8.60 -40.75
C VAL D 437 -14.34 9.09 -42.04
N ARG D 438 -13.10 9.60 -41.94
CA ARG D 438 -12.36 10.02 -43.13
C ARG D 438 -12.22 8.86 -44.10
N LEU D 439 -11.65 7.75 -43.64
CA LEU D 439 -11.43 6.58 -44.49
C LEU D 439 -12.73 6.09 -45.11
N GLN D 440 -13.79 6.01 -44.31
CA GLN D 440 -15.05 5.46 -44.79
C GLN D 440 -15.68 6.39 -45.82
N SER D 441 -15.74 7.69 -45.52
CA SER D 441 -16.26 8.65 -46.47
C SER D 441 -15.45 8.65 -47.76
N ILE D 442 -14.14 8.41 -47.67
CA ILE D 442 -13.32 8.35 -48.87
C ILE D 442 -13.75 7.17 -49.73
N HIS D 443 -13.83 5.99 -49.13
CA HIS D 443 -14.31 4.82 -49.87
C HIS D 443 -15.65 5.09 -50.52
N THR D 444 -16.60 5.66 -49.75
CA THR D 444 -17.95 5.87 -50.27
C THR D 444 -17.93 6.84 -51.45
N MET D 445 -17.26 7.99 -51.29
CA MET D 445 -17.16 8.96 -52.37
C MET D 445 -16.52 8.37 -53.61
N ARG D 446 -15.52 7.50 -53.46
CA ARG D 446 -14.94 6.87 -54.64
C ARG D 446 -15.93 5.91 -55.28
N LYS D 447 -16.80 5.30 -54.47
CA LYS D 447 -17.75 4.34 -55.02
C LYS D 447 -18.80 5.00 -55.92
N ILE D 448 -18.90 6.32 -55.89
CA ILE D 448 -19.87 7.05 -56.71
C ILE D 448 -19.19 7.96 -57.72
N SER D 449 -18.05 7.53 -58.26
CA SER D 449 -17.26 8.36 -59.17
C SER D 449 -18.09 8.88 -60.34
N ASN D 450 -18.66 7.98 -61.15
CA ASN D 450 -19.38 8.39 -62.34
C ASN D 450 -20.66 9.14 -62.02
N ASN D 451 -21.16 9.04 -60.78
CA ASN D 451 -22.43 9.64 -60.40
C ASN D 451 -22.25 11.04 -59.80
N ILE D 452 -21.05 11.61 -59.88
CA ILE D 452 -20.76 12.94 -59.38
C ILE D 452 -19.87 13.67 -60.39
N THR D 453 -19.77 14.98 -60.21
CA THR D 453 -18.86 15.81 -61.00
C THR D 453 -18.15 16.76 -60.05
N LEU D 454 -16.82 16.66 -60.01
CA LEU D 454 -16.04 17.49 -59.10
C LEU D 454 -15.90 18.91 -59.65
N ARG D 455 -15.84 19.88 -58.74
CA ARG D 455 -15.57 21.25 -59.12
C ARG D 455 -14.16 21.65 -58.69
N GLU D 456 -13.80 22.91 -58.96
CA GLU D 456 -12.46 23.39 -58.63
C GLU D 456 -12.23 23.37 -57.12
N ASP D 457 -13.17 23.93 -56.35
CA ASP D 457 -12.99 23.97 -54.91
C ASP D 457 -13.06 22.58 -54.31
N GLN D 458 -13.93 21.72 -54.87
CA GLN D 458 -13.99 20.33 -54.41
C GLN D 458 -12.67 19.61 -54.63
N LEU D 459 -12.10 19.74 -55.83
CA LEU D 459 -10.81 19.12 -56.10
C LEU D 459 -9.72 19.68 -55.18
N ASP D 460 -9.77 20.99 -54.92
CA ASP D 460 -8.79 21.58 -54.02
C ASP D 460 -8.91 20.99 -52.62
N THR D 461 -10.13 20.92 -52.09
CA THR D 461 -10.32 20.44 -50.73
C THR D 461 -9.98 18.96 -50.60
N VAL D 462 -10.22 18.18 -51.66
CA VAL D 462 -9.93 16.75 -51.57
C VAL D 462 -8.43 16.51 -51.69
N LEU D 463 -7.75 17.26 -52.57
CA LEU D 463 -6.32 17.07 -52.72
C LEU D 463 -5.52 17.68 -51.57
N ALA D 464 -6.10 18.64 -50.84
CA ALA D 464 -5.40 19.16 -49.67
C ALA D 464 -5.21 18.10 -48.60
N VAL D 465 -5.99 17.01 -48.67
CA VAL D 465 -5.94 15.99 -47.64
C VAL D 465 -4.67 15.14 -47.71
N LEU D 466 -4.04 15.06 -48.89
CA LEU D 466 -2.80 14.29 -49.05
C LEU D 466 -1.77 14.65 -48.00
N GLU D 467 -1.76 15.88 -47.49
CA GLU D 467 -0.80 16.32 -46.49
C GLU D 467 -1.00 15.65 -45.14
N ASP D 468 -1.97 14.75 -45.01
CA ASP D 468 -2.20 14.09 -43.74
C ASP D 468 -1.08 13.08 -43.45
N SER D 469 -0.94 12.74 -42.17
CA SER D 469 0.14 11.89 -41.70
C SER D 469 -0.19 10.40 -41.82
N SER D 470 -1.44 10.03 -41.52
CA SER D 470 -1.83 8.62 -41.53
C SER D 470 -1.72 8.03 -42.93
N ARG D 471 -0.79 7.08 -43.10
CA ARG D 471 -0.55 6.49 -44.41
C ARG D 471 -1.79 5.82 -44.99
N ASP D 472 -2.66 5.29 -44.12
CA ASP D 472 -3.87 4.64 -44.61
C ASP D 472 -4.76 5.63 -45.35
N ILE D 473 -4.94 6.83 -44.80
CA ILE D 473 -5.68 7.87 -45.49
C ILE D 473 -5.04 8.19 -46.83
N ARG D 474 -3.70 8.18 -46.88
CA ARG D 474 -3.00 8.50 -48.10
C ARG D 474 -3.25 7.45 -49.18
N GLU D 475 -3.16 6.17 -48.82
CA GLU D 475 -3.42 5.12 -49.80
C GLU D 475 -4.87 5.16 -50.27
N ALA D 476 -5.81 5.38 -49.34
CA ALA D 476 -7.20 5.49 -49.72
C ALA D 476 -7.43 6.66 -50.67
N LEU D 477 -6.75 7.79 -50.41
CA LEU D 477 -6.89 8.96 -51.27
C LEU D 477 -6.29 8.70 -52.64
N HIS D 478 -5.16 7.99 -52.68
CA HIS D 478 -4.57 7.58 -53.95
C HIS D 478 -5.55 6.76 -54.77
N GLU D 479 -6.17 5.76 -54.15
CA GLU D 479 -7.13 4.95 -54.89
C GLU D 479 -8.38 5.75 -55.24
N LEU D 480 -8.73 6.74 -54.43
CA LEU D 480 -9.83 7.63 -54.77
C LEU D 480 -9.54 8.37 -56.07
N LEU D 481 -8.34 8.91 -56.20
CA LEU D 481 -8.01 9.75 -57.35
C LEU D 481 -7.99 9.00 -58.67
N CYS D 482 -8.03 7.66 -58.65
CA CYS D 482 -7.94 6.90 -59.89
C CYS D 482 -9.18 6.98 -60.76
N CYS D 483 -10.32 7.39 -60.21
CA CYS D 483 -11.58 7.35 -60.96
C CYS D 483 -12.38 8.64 -60.89
N THR D 484 -11.82 9.72 -60.34
CA THR D 484 -12.54 10.97 -60.24
C THR D 484 -12.85 11.53 -61.62
N ASN D 485 -14.00 12.21 -61.73
CA ASN D 485 -14.44 12.81 -62.98
C ASN D 485 -14.03 14.28 -62.99
N VAL D 486 -12.79 14.55 -63.41
CA VAL D 486 -12.27 15.91 -63.49
C VAL D 486 -12.78 16.55 -64.77
N SER D 487 -13.07 17.86 -64.71
CA SER D 487 -13.67 18.57 -65.82
C SER D 487 -12.80 19.65 -66.43
N THR D 488 -11.71 20.06 -65.77
CA THR D 488 -10.89 21.17 -66.25
C THR D 488 -9.43 20.74 -66.34
N LYS D 489 -8.72 21.35 -67.29
CA LYS D 489 -7.33 20.97 -67.55
C LYS D 489 -6.42 21.38 -66.40
N GLU D 490 -6.63 22.59 -65.86
CA GLU D 490 -5.90 23.01 -64.68
C GLU D 490 -6.20 22.10 -63.50
N GLY D 491 -7.34 21.42 -63.51
CA GLY D 491 -7.60 20.42 -62.49
C GLY D 491 -6.62 19.26 -62.57
N ILE D 492 -6.36 18.76 -63.78
CA ILE D 492 -5.35 17.71 -63.95
C ILE D 492 -3.97 18.23 -63.59
N HIS D 493 -3.67 19.48 -63.98
CA HIS D 493 -2.41 20.10 -63.59
C HIS D 493 -2.24 20.07 -62.07
N LEU D 494 -3.24 20.56 -61.33
CA LEU D 494 -3.14 20.65 -59.88
C LEU D 494 -3.12 19.27 -59.24
N ALA D 495 -3.84 18.32 -59.82
CA ALA D 495 -3.80 16.95 -59.32
C ALA D 495 -2.40 16.37 -59.42
N LEU D 496 -1.77 16.50 -60.59
CA LEU D 496 -0.39 16.04 -60.72
C LEU D 496 0.54 16.79 -59.78
N VAL D 497 0.33 18.09 -59.63
CA VAL D 497 1.17 18.89 -58.73
C VAL D 497 1.09 18.36 -57.31
N GLU D 498 -0.12 18.11 -56.82
CA GLU D 498 -0.28 17.67 -55.44
C GLU D 498 0.20 16.24 -55.25
N LEU D 499 0.00 15.37 -56.25
CA LEU D 499 0.52 14.02 -56.14
C LEU D 499 2.05 14.01 -56.10
N LEU D 500 2.68 14.89 -56.88
CA LEU D 500 4.13 14.99 -56.83
C LEU D 500 4.61 15.56 -55.50
N LYS D 501 3.89 16.56 -54.97
CA LYS D 501 4.20 17.06 -53.64
C LYS D 501 4.13 15.94 -52.59
N ASN D 502 3.08 15.11 -52.68
CA ASN D 502 2.95 13.98 -51.77
C ASN D 502 4.13 13.02 -51.93
N LEU D 503 4.54 12.76 -53.17
CA LEU D 503 5.73 11.95 -53.40
C LEU D 503 6.95 12.53 -52.70
N THR D 504 7.19 13.84 -52.87
CA THR D 504 8.32 14.48 -52.21
C THR D 504 8.25 14.33 -50.70
N LYS D 505 7.12 14.66 -50.09
CA LYS D 505 6.99 14.56 -48.64
C LYS D 505 7.15 13.11 -48.17
N TYR D 506 6.33 12.20 -48.69
CA TYR D 506 6.40 10.79 -48.33
C TYR D 506 6.97 10.01 -49.51
N PRO D 507 8.23 9.59 -49.46
CA PRO D 507 8.79 8.84 -50.60
C PRO D 507 8.20 7.44 -50.74
N THR D 508 8.04 6.73 -49.62
CA THR D 508 7.66 5.32 -49.67
C THR D 508 6.35 5.09 -50.41
N ASP D 509 5.48 6.09 -50.50
CA ASP D 509 4.23 5.92 -51.23
C ASP D 509 4.42 5.74 -52.74
N ARG D 510 5.67 5.72 -53.21
CA ARG D 510 5.99 5.66 -54.64
C ARG D 510 5.12 4.68 -55.40
N ASP D 511 5.21 3.40 -55.04
CA ASP D 511 4.56 2.35 -55.82
C ASP D 511 3.06 2.59 -55.95
N SER D 512 2.47 3.30 -54.98
CA SER D 512 1.07 3.66 -55.09
C SER D 512 0.85 4.69 -56.19
N ILE D 513 1.51 5.85 -56.05
CA ILE D 513 1.24 7.00 -56.91
C ILE D 513 1.23 6.58 -58.38
N TRP D 514 2.30 5.92 -58.82
CA TRP D 514 2.43 5.53 -60.21
C TRP D 514 1.19 4.81 -60.71
N LYS D 515 0.75 3.78 -59.99
CA LYS D 515 -0.42 3.03 -60.42
C LYS D 515 -1.64 3.94 -60.55
N CYS D 516 -1.84 4.83 -59.59
CA CYS D 516 -2.94 5.78 -59.68
C CYS D 516 -2.80 6.64 -60.93
N LEU D 517 -1.59 7.09 -61.22
CA LEU D 517 -1.37 7.86 -62.44
C LEU D 517 -1.67 7.02 -63.68
N LYS D 518 -1.44 5.71 -63.60
CA LYS D 518 -1.79 4.83 -64.71
C LYS D 518 -3.25 4.98 -65.07
N PHE D 519 -4.10 5.24 -64.07
CA PHE D 519 -5.53 5.46 -64.35
C PHE D 519 -5.79 6.91 -64.73
N LEU D 520 -5.00 7.84 -64.20
CA LEU D 520 -5.25 9.26 -64.46
C LEU D 520 -5.17 9.58 -65.94
N GLY D 521 -4.12 9.10 -66.62
CA GLY D 521 -3.98 9.38 -68.04
C GLY D 521 -4.89 8.55 -68.90
N SER D 522 -5.36 7.42 -68.39
CA SER D 522 -6.21 6.54 -69.20
C SER D 522 -7.69 6.86 -69.07
N ARG D 523 -8.05 8.02 -68.52
CA ARG D 523 -9.46 8.39 -68.39
C ARG D 523 -9.82 9.76 -68.95
N HIS D 524 -8.95 10.77 -68.82
CA HIS D 524 -9.26 12.13 -69.24
C HIS D 524 -8.17 12.64 -70.16
N PRO D 525 -8.18 12.22 -71.43
CA PRO D 525 -7.13 12.69 -72.34
C PRO D 525 -7.32 14.12 -72.81
N THR D 526 -8.57 14.56 -72.96
CA THR D 526 -8.84 15.91 -73.44
C THR D 526 -8.43 16.98 -72.43
N LEU D 527 -8.26 16.61 -71.15
CA LEU D 527 -7.85 17.59 -70.15
C LEU D 527 -6.34 17.65 -70.01
N VAL D 528 -5.66 16.52 -70.28
CA VAL D 528 -4.21 16.49 -70.19
C VAL D 528 -3.55 16.88 -71.51
N LEU D 529 -4.33 16.92 -72.60
CA LEU D 529 -3.81 17.30 -73.93
C LEU D 529 -2.93 18.55 -73.94
N PRO D 530 -3.33 19.68 -73.34
CA PRO D 530 -2.46 20.87 -73.40
C PRO D 530 -1.30 20.83 -72.42
N LEU D 531 -1.31 19.91 -71.46
CA LEU D 531 -0.23 19.83 -70.49
C LEU D 531 1.04 19.20 -71.07
N VAL D 532 0.93 18.48 -72.19
CA VAL D 532 2.10 17.78 -72.75
C VAL D 532 3.25 18.74 -73.03
N PRO D 533 3.07 19.86 -73.75
CA PRO D 533 4.21 20.76 -73.98
C PRO D 533 4.79 21.33 -72.69
N GLU D 534 3.94 21.66 -71.71
CA GLU D 534 4.44 22.26 -70.48
C GLU D 534 5.06 21.21 -69.56
N LEU D 535 4.42 20.05 -69.42
CA LEU D 535 4.96 19.01 -68.55
C LEU D 535 6.27 18.46 -69.07
N LEU D 536 6.45 18.43 -70.39
CA LEU D 536 7.72 18.00 -70.96
C LEU D 536 8.80 19.06 -70.86
N SER D 537 8.42 20.25 -70.40
CA SER D 537 9.35 21.36 -70.19
C SER D 537 10.22 21.63 -71.41
N ALA D 545 16.06 21.25 -70.18
CA ALA D 545 17.03 20.25 -69.73
C ALA D 545 16.37 18.87 -69.60
N GLU D 546 17.16 17.82 -69.81
CA GLU D 546 16.66 16.46 -69.69
C GLU D 546 16.94 15.92 -68.29
N PRO D 547 15.90 15.72 -67.47
CA PRO D 547 16.12 15.13 -66.15
C PRO D 547 16.54 13.67 -66.26
N ASP D 548 17.21 13.19 -65.20
CA ASP D 548 17.70 11.83 -65.18
C ASP D 548 16.56 10.84 -65.02
N MET D 549 16.88 9.55 -65.19
CA MET D 549 15.89 8.49 -65.15
C MET D 549 15.58 7.99 -63.74
N ASP D 550 15.98 8.72 -62.70
CA ASP D 550 15.74 8.30 -61.33
C ASP D 550 14.96 9.32 -60.51
N ASP D 551 14.38 10.33 -61.14
CA ASP D 551 13.43 11.20 -60.45
C ASP D 551 12.08 10.52 -60.44
N PRO D 552 11.55 10.09 -59.28
CA PRO D 552 10.21 9.48 -59.28
C PRO D 552 9.15 10.38 -59.86
N ALA D 553 9.29 11.70 -59.70
CA ALA D 553 8.34 12.63 -60.29
C ALA D 553 8.44 12.63 -61.81
N TYR D 554 9.65 12.63 -62.35
CA TYR D 554 9.84 12.58 -63.79
C TYR D 554 9.24 11.30 -64.37
N ILE D 555 9.55 10.15 -63.78
CA ILE D 555 8.98 8.89 -64.24
C ILE D 555 7.46 8.92 -64.11
N ALA D 556 6.93 9.51 -63.04
CA ALA D 556 5.49 9.55 -62.84
C ALA D 556 4.80 10.34 -63.94
N VAL D 557 5.31 11.54 -64.23
CA VAL D 557 4.70 12.36 -65.27
C VAL D 557 4.89 11.70 -66.63
N LEU D 558 5.99 10.96 -66.81
CA LEU D 558 6.18 10.22 -68.05
C LEU D 558 5.09 9.18 -68.22
N VAL D 559 4.85 8.36 -67.20
CA VAL D 559 3.78 7.36 -67.27
C VAL D 559 2.44 8.05 -67.53
N LEU D 560 2.21 9.19 -66.88
CA LEU D 560 0.94 9.90 -67.08
C LEU D 560 0.75 10.29 -68.54
N ILE D 561 1.76 10.94 -69.12
CA ILE D 561 1.61 11.43 -70.49
C ILE D 561 1.62 10.27 -71.48
N PHE D 562 2.22 9.14 -71.11
CA PHE D 562 2.19 7.98 -71.99
C PHE D 562 0.81 7.33 -71.97
N ASN D 563 0.19 7.25 -70.79
CA ASN D 563 -1.22 6.84 -70.72
C ASN D 563 -2.10 7.78 -71.52
N ALA D 564 -1.78 9.08 -71.52
CA ALA D 564 -2.52 10.02 -72.36
C ALA D 564 -2.36 9.70 -73.83
N ALA D 565 -1.12 9.61 -74.31
CA ALA D 565 -0.82 9.35 -75.71
C ALA D 565 -1.36 8.01 -76.19
N LYS D 566 -1.47 7.01 -75.31
CA LYS D 566 -2.05 5.74 -75.72
C LYS D 566 -3.51 5.90 -76.15
N THR D 567 -4.22 6.84 -75.54
CA THR D 567 -5.62 7.07 -75.86
C THR D 567 -5.81 8.07 -77.00
N CYS D 568 -4.77 8.83 -77.35
CA CYS D 568 -4.80 9.73 -78.50
C CYS D 568 -3.42 9.70 -79.14
N PRO D 569 -3.28 9.03 -80.30
CA PRO D 569 -1.95 8.83 -80.89
C PRO D 569 -1.31 10.07 -81.49
N THR D 570 -1.85 11.27 -81.24
CA THR D 570 -1.23 12.47 -81.79
C THR D 570 -0.11 13.00 -80.89
N MET D 571 -0.17 12.70 -79.59
CA MET D 571 0.90 13.12 -78.69
C MET D 571 2.26 12.47 -78.96
N PRO D 572 2.36 11.22 -79.48
CA PRO D 572 3.70 10.70 -79.84
C PRO D 572 4.53 11.61 -80.73
N ALA D 573 3.86 12.44 -81.54
CA ALA D 573 4.60 13.37 -82.40
C ALA D 573 5.24 14.51 -81.60
N LEU D 574 4.69 14.84 -80.43
CA LEU D 574 5.28 15.80 -79.52
C LEU D 574 6.31 15.16 -78.60
N PHE D 575 6.30 13.85 -78.47
CA PHE D 575 7.30 13.15 -77.68
C PHE D 575 8.68 13.33 -78.28
N SER D 576 9.60 13.84 -77.48
CA SER D 576 10.96 14.07 -77.93
C SER D 576 11.69 12.74 -78.10
N ASP D 577 12.82 12.79 -78.81
CA ASP D 577 13.65 11.60 -78.96
C ASP D 577 14.12 11.07 -77.61
N HIS D 578 14.54 11.99 -76.72
CA HIS D 578 14.88 11.57 -75.36
C HIS D 578 13.65 11.06 -74.62
N THR D 579 12.49 11.66 -74.88
CA THR D 579 11.25 11.14 -74.31
C THR D 579 10.96 9.74 -74.83
N PHE D 580 11.31 9.46 -76.09
CA PHE D 580 11.10 8.13 -76.63
C PHE D 580 12.07 7.12 -76.04
N ARG D 581 13.31 7.52 -75.79
CA ARG D 581 14.23 6.64 -75.06
C ARG D 581 13.72 6.34 -73.67
N HIS D 582 13.22 7.36 -72.97
CA HIS D 582 12.64 7.15 -71.65
C HIS D 582 11.44 6.22 -71.71
N TYR D 583 10.60 6.38 -72.74
CA TYR D 583 9.45 5.50 -72.89
C TYR D 583 9.88 4.07 -73.13
N ALA D 584 10.91 3.86 -73.95
CA ALA D 584 11.42 2.51 -74.17
C ALA D 584 11.97 1.92 -72.89
N TYR D 585 12.64 2.73 -72.07
CA TYR D 585 13.17 2.24 -70.80
C TYR D 585 12.06 1.83 -69.85
N LEU D 586 11.08 2.71 -69.63
CA LEU D 586 9.94 2.34 -68.80
C LEU D 586 9.09 1.25 -69.42
N ARG D 587 9.24 1.00 -70.73
CA ARG D 587 8.47 -0.05 -71.38
C ARG D 587 9.07 -1.42 -71.14
N ASP D 588 10.36 -1.59 -71.42
CA ASP D 588 10.99 -2.88 -71.15
C ASP D 588 11.28 -3.07 -69.66
N SER D 589 11.10 -2.02 -68.85
CA SER D 589 11.29 -2.17 -67.41
C SER D 589 9.96 -2.24 -66.67
N LEU D 590 9.07 -1.27 -66.92
CA LEU D 590 7.84 -1.15 -66.16
C LEU D 590 6.60 -1.22 -67.05
N SER D 591 6.55 -2.21 -67.94
CA SER D 591 5.39 -2.37 -68.81
C SER D 591 4.09 -2.52 -68.02
N HIS D 592 4.15 -2.91 -66.75
CA HIS D 592 2.96 -3.00 -65.92
C HIS D 592 2.38 -1.65 -65.54
N LEU D 593 3.07 -0.55 -65.88
CA LEU D 593 2.54 0.79 -65.67
C LEU D 593 2.34 1.55 -66.98
N VAL D 594 3.37 1.62 -67.82
CA VAL D 594 3.27 2.29 -69.11
C VAL D 594 2.49 1.39 -70.06
N PRO D 595 1.61 1.92 -70.91
CA PRO D 595 0.86 1.07 -71.83
C PRO D 595 1.61 0.83 -73.13
N ALA D 596 0.98 0.07 -74.04
CA ALA D 596 1.57 -0.22 -75.35
C ALA D 596 0.99 0.73 -76.38
N LEU D 597 1.73 1.77 -76.72
CA LEU D 597 1.27 2.79 -77.64
C LEU D 597 1.14 2.24 -79.05
N ARG D 598 0.70 3.11 -79.97
CA ARG D 598 0.55 2.74 -81.37
C ARG D 598 1.87 2.31 -81.97
N ASP D 618 -8.29 -7.84 -80.36
CA ASP D 618 -6.90 -7.86 -79.91
C ASP D 618 -6.15 -9.05 -80.49
N PRO D 619 -5.11 -8.77 -81.27
CA PRO D 619 -4.33 -9.87 -81.87
C PRO D 619 -3.61 -10.73 -80.85
N SER D 620 -3.32 -10.21 -79.66
CA SER D 620 -2.62 -11.02 -78.66
C SER D 620 -3.52 -12.11 -78.10
N GLN D 621 -4.83 -11.88 -78.02
CA GLN D 621 -5.74 -12.91 -77.56
C GLN D 621 -5.76 -14.11 -78.50
N GLN D 622 -5.96 -13.86 -79.80
CA GLN D 622 -5.94 -14.95 -80.76
C GLN D 622 -4.55 -15.55 -80.88
N PHE D 623 -3.51 -14.74 -80.61
CA PHE D 623 -2.16 -15.29 -80.56
C PHE D 623 -2.02 -16.30 -79.42
N LEU D 624 -2.57 -15.98 -78.25
CA LEU D 624 -2.54 -16.92 -77.14
C LEU D 624 -3.37 -18.15 -77.45
N GLN D 625 -4.50 -17.95 -78.16
CA GLN D 625 -5.32 -19.10 -78.56
C GLN D 625 -4.55 -20.05 -79.48
N GLN D 626 -3.87 -19.49 -80.49
CA GLN D 626 -3.11 -20.36 -81.39
C GLN D 626 -1.92 -20.99 -80.67
N SER D 627 -1.31 -20.25 -79.72
CA SER D 627 -0.18 -20.81 -78.99
C SER D 627 -0.62 -21.93 -78.05
N LEU D 628 -1.85 -21.87 -77.55
CA LEU D 628 -2.34 -22.94 -76.70
C LEU D 628 -2.81 -24.13 -77.52
N GLU D 629 -3.32 -23.90 -78.72
CA GLU D 629 -3.73 -25.04 -79.55
C GLU D 629 -2.54 -25.71 -80.23
N ARG D 630 -1.41 -25.01 -80.40
CA ARG D 630 -0.24 -25.65 -80.99
C ARG D 630 0.30 -26.77 -80.10
N VAL D 631 0.17 -26.64 -78.78
CA VAL D 631 0.75 -27.64 -77.89
C VAL D 631 -0.07 -28.93 -77.88
N TYR D 632 -1.32 -28.89 -78.32
CA TYR D 632 -2.16 -30.09 -78.34
C TYR D 632 -1.77 -31.01 -79.50
N ALA D 642 8.54 -33.02 -78.88
CA ALA D 642 7.55 -32.28 -78.10
C ALA D 642 8.20 -31.23 -77.22
N GLN D 643 9.35 -31.58 -76.63
CA GLN D 643 10.01 -30.69 -75.67
C GLN D 643 10.34 -29.35 -76.30
N GLU D 644 10.73 -29.35 -77.58
CA GLU D 644 11.12 -28.09 -78.24
C GLU D 644 9.93 -27.17 -78.39
N LEU D 645 8.78 -27.70 -78.83
CA LEU D 645 7.59 -26.87 -78.95
C LEU D 645 7.11 -26.40 -77.59
N LEU D 646 7.26 -27.23 -76.55
CA LEU D 646 6.93 -26.78 -75.20
C LEU D 646 7.79 -25.59 -74.80
N GLU D 647 9.10 -25.67 -75.02
CA GLU D 647 9.99 -24.56 -74.66
C GLU D 647 9.64 -23.30 -75.45
N PHE D 648 9.42 -23.46 -76.75
CA PHE D 648 9.09 -22.30 -77.58
C PHE D 648 7.79 -21.64 -77.12
N THR D 649 6.76 -22.45 -76.85
CA THR D 649 5.51 -21.90 -76.38
C THR D 649 5.66 -21.25 -75.01
N ILE D 650 6.48 -21.84 -74.14
CA ILE D 650 6.68 -21.29 -72.79
C ILE D 650 7.31 -19.90 -72.89
N ARG D 651 8.38 -19.78 -73.67
CA ARG D 651 9.01 -18.47 -73.81
C ARG D 651 8.10 -17.48 -74.54
N ASP D 652 7.24 -17.98 -75.43
CA ASP D 652 6.27 -17.08 -76.08
C ASP D 652 5.26 -16.55 -75.07
N LEU D 653 4.74 -17.43 -74.20
CA LEU D 653 3.83 -16.99 -73.14
C LEU D 653 4.51 -16.00 -72.22
N GLN D 654 5.78 -16.22 -71.86
CA GLN D 654 6.48 -15.28 -70.99
C GLN D 654 6.66 -13.92 -71.68
N ARG D 655 7.06 -13.94 -72.95
CA ARG D 655 7.24 -12.69 -73.68
C ARG D 655 5.93 -11.93 -73.82
N LEU D 656 4.83 -12.64 -74.07
CA LEU D 656 3.55 -11.94 -74.23
C LEU D 656 3.03 -11.44 -72.88
N GLY D 657 3.29 -12.19 -71.81
CA GLY D 657 2.91 -11.73 -70.49
C GLY D 657 3.63 -10.46 -70.08
N GLU D 658 4.93 -10.37 -70.42
CA GLU D 658 5.63 -9.12 -70.18
C GLU D 658 5.27 -8.06 -71.22
N LEU D 659 4.71 -8.45 -72.36
CA LEU D 659 4.21 -7.49 -73.33
C LEU D 659 2.90 -6.85 -72.90
N GLN D 660 1.89 -7.66 -72.59
CA GLN D 660 0.58 -7.17 -72.18
C GLN D 660 0.27 -7.69 -70.78
N SER D 661 0.25 -6.77 -69.82
CA SER D 661 0.02 -7.16 -68.43
C SER D 661 -1.45 -7.48 -68.19
N GLU D 662 -2.34 -6.93 -69.03
CA GLU D 662 -3.77 -7.25 -68.92
C GLU D 662 -4.02 -8.74 -69.09
N LEU D 663 -3.22 -9.41 -69.93
CA LEU D 663 -3.36 -10.84 -70.16
C LEU D 663 -2.26 -11.63 -69.48
N ALA D 664 -1.39 -10.97 -68.72
CA ALA D 664 -0.26 -11.66 -68.09
C ALA D 664 -0.71 -12.74 -67.12
N GLY D 665 -1.92 -12.63 -66.60
CA GLY D 665 -2.45 -13.65 -65.70
C GLY D 665 -2.49 -15.02 -66.32
N VAL D 666 -3.31 -15.19 -67.36
CA VAL D 666 -3.36 -16.47 -68.05
C VAL D 666 -2.02 -16.78 -68.70
N ALA D 667 -1.24 -15.75 -69.01
CA ALA D 667 0.09 -15.96 -69.58
C ALA D 667 0.94 -16.79 -68.63
N ASP D 668 1.15 -16.30 -67.40
CA ASP D 668 1.94 -17.06 -66.44
C ASP D 668 1.24 -18.33 -66.00
N PHE D 669 -0.10 -18.33 -65.97
CA PHE D 669 -0.84 -19.56 -65.67
C PHE D 669 -0.45 -20.67 -66.64
N SER D 670 -0.67 -20.46 -67.93
CA SER D 670 -0.33 -21.48 -68.93
C SER D 670 1.19 -21.68 -69.00
N ALA D 671 1.97 -20.66 -68.65
CA ALA D 671 3.42 -20.83 -68.65
C ALA D 671 3.86 -21.84 -67.59
N THR D 672 3.37 -21.70 -66.37
CA THR D 672 3.75 -22.67 -65.33
C THR D 672 3.10 -24.03 -65.58
N TYR D 673 1.92 -24.04 -66.21
CA TYR D 673 1.33 -25.32 -66.58
C TYR D 673 2.20 -26.08 -67.58
N LEU D 674 2.65 -25.37 -68.63
CA LEU D 674 3.53 -26.00 -69.61
C LEU D 674 4.89 -26.32 -69.01
N ARG D 675 5.33 -25.52 -68.04
CA ARG D 675 6.57 -25.83 -67.32
C ARG D 675 6.44 -27.15 -66.58
N CYS D 676 5.32 -27.35 -65.88
CA CYS D 676 5.06 -28.61 -65.21
C CYS D 676 5.00 -29.76 -66.22
N GLN D 677 4.31 -29.55 -67.35
CA GLN D 677 4.22 -30.57 -68.38
C GLN D 677 5.60 -30.96 -68.89
N LEU D 678 6.47 -29.97 -69.13
CA LEU D 678 7.80 -30.25 -69.65
C LEU D 678 8.64 -31.00 -68.62
N LEU D 679 8.66 -30.53 -67.37
CA LEU D 679 9.46 -31.18 -66.35
C LEU D 679 8.93 -32.58 -66.03
N LEU D 680 7.66 -32.83 -66.29
CA LEU D 680 7.11 -34.17 -66.06
C LEU D 680 7.43 -35.09 -67.22
N ILE D 681 7.30 -34.61 -68.46
CA ILE D 681 7.55 -35.45 -69.62
C ILE D 681 9.03 -35.78 -69.73
N LYS D 682 9.91 -34.82 -69.43
CA LYS D 682 11.33 -35.13 -69.42
C LYS D 682 11.69 -36.12 -68.31
N ALA D 683 10.85 -36.24 -67.28
CA ALA D 683 11.10 -37.15 -66.18
C ALA D 683 10.09 -38.30 -66.19
N SER D 704 14.79 -36.53 -59.26
CA SER D 704 14.09 -36.68 -57.99
C SER D 704 13.50 -35.35 -57.53
N ALA D 705 14.28 -34.27 -57.70
CA ALA D 705 13.80 -32.95 -57.32
C ALA D 705 12.83 -32.37 -58.33
N ALA D 706 12.79 -32.92 -59.55
CA ALA D 706 11.85 -32.44 -60.55
C ALA D 706 10.42 -32.72 -60.12
N ALA D 707 10.21 -33.83 -59.41
CA ALA D 707 8.89 -34.11 -58.84
C ALA D 707 8.50 -33.05 -57.82
N LYS D 708 9.45 -32.64 -56.97
CA LYS D 708 9.18 -31.58 -56.01
C LYS D 708 8.86 -30.28 -56.72
N GLN D 709 9.56 -30.00 -57.82
CA GLN D 709 9.27 -28.80 -58.60
C GLN D 709 7.88 -28.85 -59.20
N ILE D 710 7.48 -30.01 -59.73
CA ILE D 710 6.10 -30.20 -60.20
C ILE D 710 5.12 -29.89 -59.08
N MET D 711 5.38 -30.44 -57.89
CA MET D 711 4.49 -30.23 -56.76
C MET D 711 4.37 -28.75 -56.42
N GLU D 712 5.48 -28.03 -56.41
CA GLU D 712 5.44 -26.61 -56.05
C GLU D 712 4.75 -25.78 -57.11
N GLU D 713 4.96 -26.11 -58.39
CA GLU D 713 4.26 -25.36 -59.45
C GLU D 713 2.76 -25.61 -59.39
N THR D 714 2.35 -26.85 -59.10
CA THR D 714 0.94 -27.12 -58.92
C THR D 714 0.39 -26.39 -57.71
N TYR D 715 1.16 -26.34 -56.62
CA TYR D 715 0.76 -25.58 -55.45
C TYR D 715 0.52 -24.12 -55.79
N LYS D 716 1.45 -23.51 -56.53
CA LYS D 716 1.32 -22.11 -56.90
C LYS D 716 0.13 -21.89 -57.80
N MET D 717 -0.10 -22.79 -58.77
CA MET D 717 -1.25 -22.64 -59.65
C MET D 717 -2.56 -22.79 -58.88
N GLU D 718 -2.55 -23.63 -57.84
CA GLU D 718 -3.75 -23.79 -57.01
C GLU D 718 -4.02 -22.55 -56.18
N PHE D 719 -3.10 -22.20 -55.29
CA PHE D 719 -3.37 -21.27 -54.20
C PHE D 719 -3.08 -19.82 -54.53
N MET D 720 -1.90 -19.52 -55.05
CA MET D 720 -1.52 -18.12 -55.28
C MET D 720 -2.38 -17.44 -56.34
N TYR D 721 -3.19 -18.19 -57.07
CA TYR D 721 -3.94 -17.61 -58.17
C TYR D 721 -5.41 -17.43 -57.80
N SER D 722 -6.13 -16.68 -58.64
CA SER D 722 -7.51 -16.28 -58.38
C SER D 722 -8.36 -16.60 -59.60
N GLY D 723 -9.57 -17.11 -59.35
CA GLY D 723 -10.51 -17.38 -60.41
C GLY D 723 -10.43 -18.76 -61.03
N VAL D 724 -10.08 -19.77 -60.24
CA VAL D 724 -10.01 -21.13 -60.77
C VAL D 724 -11.39 -21.77 -60.73
N GLU D 725 -11.69 -22.59 -61.72
CA GLU D 725 -12.94 -23.33 -61.80
C GLU D 725 -12.68 -24.81 -61.55
N ASN D 726 -13.77 -25.57 -61.44
CA ASN D 726 -13.66 -26.99 -61.09
C ASN D 726 -12.82 -27.74 -62.11
N LYS D 727 -12.88 -27.34 -63.39
CA LYS D 727 -12.08 -28.00 -64.41
C LYS D 727 -10.59 -27.88 -64.10
N GLN D 728 -10.13 -26.66 -63.81
CA GLN D 728 -8.74 -26.45 -63.43
C GLN D 728 -8.37 -27.25 -62.19
N VAL D 729 -9.28 -27.39 -61.24
CA VAL D 729 -9.01 -28.18 -60.04
C VAL D 729 -8.81 -29.65 -60.42
N VAL D 730 -9.66 -30.16 -61.30
CA VAL D 730 -9.48 -31.52 -61.81
C VAL D 730 -8.09 -31.67 -62.43
N ILE D 731 -7.70 -30.74 -63.29
CA ILE D 731 -6.43 -30.85 -63.98
C ILE D 731 -5.26 -30.84 -62.99
N ILE D 732 -5.28 -29.91 -62.04
CA ILE D 732 -4.14 -29.77 -61.14
C ILE D 732 -4.07 -30.93 -60.16
N HIS D 733 -5.23 -31.45 -59.74
CA HIS D 733 -5.21 -32.64 -58.89
C HIS D 733 -4.72 -33.85 -59.65
N HIS D 734 -5.01 -33.93 -60.95
CA HIS D 734 -4.45 -34.98 -61.78
C HIS D 734 -2.93 -34.85 -61.88
N MET D 735 -2.43 -33.62 -62.03
CA MET D 735 -0.98 -33.41 -62.01
C MET D 735 -0.38 -33.80 -60.67
N ARG D 736 -1.10 -33.54 -59.58
CA ARG D 736 -0.60 -33.93 -58.25
C ARG D 736 -0.55 -35.45 -58.13
N LEU D 737 -1.56 -36.14 -58.65
CA LEU D 737 -1.53 -37.59 -58.66
C LEU D 737 -0.34 -38.11 -59.46
N GLN D 738 -0.09 -37.52 -60.62
CA GLN D 738 1.10 -37.90 -61.41
C GLN D 738 2.36 -37.68 -60.60
N ALA D 739 2.47 -36.54 -59.92
CA ALA D 739 3.67 -36.22 -59.16
C ALA D 739 3.90 -37.21 -58.04
N LYS D 740 2.84 -37.57 -57.32
CA LYS D 740 3.01 -38.54 -56.23
C LYS D 740 3.32 -39.94 -56.76
N ALA D 741 2.68 -40.34 -57.86
CA ALA D 741 2.96 -41.64 -58.43
C ALA D 741 4.40 -41.73 -58.92
N LEU D 742 4.94 -40.61 -59.43
CA LEU D 742 6.30 -40.63 -59.94
C LEU D 742 7.33 -40.48 -58.84
N GLN D 743 6.99 -39.78 -57.75
CA GLN D 743 7.91 -39.73 -56.61
C GLN D 743 7.90 -41.04 -55.85
N LEU D 744 6.85 -41.86 -56.04
CA LEU D 744 6.89 -43.22 -55.51
C LEU D 744 8.12 -43.97 -55.99
N ILE D 745 8.48 -43.81 -57.26
CA ILE D 745 9.69 -44.42 -57.79
C ILE D 745 10.71 -43.35 -58.15
N GLU D 762 1.92 -47.46 -50.24
CA GLU D 762 0.82 -47.76 -49.34
C GLU D 762 -0.19 -46.61 -49.29
N LYS D 763 0.30 -45.41 -49.02
CA LYS D 763 -0.59 -44.25 -48.92
C LYS D 763 -1.20 -43.90 -50.27
N PHE D 764 -0.55 -44.31 -51.36
CA PHE D 764 -1.03 -43.96 -52.70
C PHE D 764 -2.45 -44.45 -52.93
N LEU D 765 -2.77 -45.66 -52.47
CA LEU D 765 -4.11 -46.20 -52.70
C LEU D 765 -5.16 -45.41 -51.92
N GLN D 766 -4.86 -45.06 -50.67
CA GLN D 766 -5.82 -44.28 -49.89
C GLN D 766 -6.01 -42.89 -50.51
N GLU D 767 -4.93 -42.29 -51.02
CA GLU D 767 -5.05 -40.97 -51.60
C GLU D 767 -5.80 -41.00 -52.93
N VAL D 768 -5.62 -42.04 -53.75
CA VAL D 768 -6.38 -42.11 -54.99
C VAL D 768 -7.84 -42.46 -54.69
N ASP D 769 -8.09 -43.19 -53.60
CA ASP D 769 -9.46 -43.38 -53.14
C ASP D 769 -10.10 -42.05 -52.76
N PHE D 770 -9.38 -41.22 -52.00
CA PHE D 770 -9.88 -39.90 -51.65
C PHE D 770 -10.14 -39.07 -52.91
N PHE D 771 -9.23 -39.13 -53.87
CA PHE D 771 -9.43 -38.44 -55.15
C PHE D 771 -10.71 -38.90 -55.82
N GLN D 772 -10.93 -40.21 -55.88
CA GLN D 772 -12.15 -40.75 -56.49
C GLN D 772 -13.40 -40.30 -55.74
N ARG D 773 -13.32 -40.20 -54.42
CA ARG D 773 -14.49 -39.83 -53.62
C ARG D 773 -14.83 -38.36 -53.81
N TYR D 774 -13.82 -37.49 -53.85
CA TYR D 774 -14.08 -36.07 -54.02
C TYR D 774 -14.30 -35.70 -55.48
N PHE D 775 -13.96 -36.58 -56.41
CA PHE D 775 -14.08 -36.29 -57.83
C PHE D 775 -15.00 -37.30 -58.52
N ILE D 776 -16.18 -37.54 -57.94
CA ILE D 776 -17.11 -38.49 -58.56
C ILE D 776 -17.66 -37.95 -59.87
N ALA D 777 -17.61 -36.62 -60.06
CA ALA D 777 -18.21 -36.01 -61.24
C ALA D 777 -17.25 -35.91 -62.41
N ASP D 778 -15.95 -35.81 -62.16
CA ASP D 778 -14.98 -35.59 -63.22
C ASP D 778 -14.55 -36.85 -63.94
N LEU D 779 -14.92 -38.02 -63.42
CA LEU D 779 -14.48 -39.29 -64.01
C LEU D 779 -14.88 -39.45 -65.47
N PRO D 780 -16.10 -39.09 -65.92
CA PRO D 780 -16.39 -39.15 -67.35
C PRO D 780 -15.68 -38.06 -68.15
N HIS D 781 -14.99 -37.15 -67.45
CA HIS D 781 -14.26 -36.06 -68.09
C HIS D 781 -12.75 -36.25 -68.07
N LEU D 782 -12.24 -37.24 -67.34
CA LEU D 782 -10.81 -37.52 -67.27
C LEU D 782 -10.43 -38.76 -68.09
N GLN D 783 -11.12 -38.98 -69.20
CA GLN D 783 -10.85 -40.16 -70.02
C GLN D 783 -9.39 -40.21 -70.44
N ASP D 784 -8.83 -41.42 -70.45
CA ASP D 784 -7.43 -41.68 -70.82
C ASP D 784 -6.46 -40.87 -69.97
N SER D 785 -6.64 -40.86 -68.66
CA SER D 785 -5.75 -40.15 -67.75
C SER D 785 -4.77 -41.12 -67.10
N PHE D 786 -3.81 -40.55 -66.38
CA PHE D 786 -2.81 -41.35 -65.68
C PHE D 786 -3.42 -42.05 -64.46
N PHE D 818 -1.73 -36.63 -71.68
CA PHE D 818 -1.97 -35.19 -71.69
C PHE D 818 -3.43 -34.89 -71.36
N LEU D 819 -3.67 -33.79 -70.65
CA LEU D 819 -5.01 -33.38 -70.26
C LEU D 819 -5.17 -31.89 -70.54
N HIS D 820 -6.23 -31.54 -71.28
CA HIS D 820 -6.44 -30.15 -71.70
C HIS D 820 -6.67 -29.24 -70.50
N LEU D 821 -6.05 -28.06 -70.56
CA LEU D 821 -6.23 -27.03 -69.54
C LEU D 821 -6.93 -25.82 -70.15
N PRO D 822 -8.21 -25.59 -69.86
CA PRO D 822 -8.86 -24.37 -70.35
C PRO D 822 -8.35 -23.14 -69.63
N LEU D 823 -8.17 -22.05 -70.38
CA LEU D 823 -7.70 -20.79 -69.82
C LEU D 823 -8.87 -19.90 -69.46
N PRO D 824 -9.26 -19.82 -68.19
CA PRO D 824 -10.45 -19.04 -67.83
C PRO D 824 -10.20 -17.55 -67.80
N GLU D 825 -11.19 -16.78 -67.37
CA GLU D 825 -11.07 -15.33 -67.28
C GLU D 825 -11.16 -14.87 -65.83
N ILE D 827 -8.59 -13.27 -64.44
CA ILE D 827 -7.37 -13.94 -64.01
C ILE D 827 -6.32 -12.89 -63.64
N HIS D 828 -5.73 -13.03 -62.46
CA HIS D 828 -4.73 -12.08 -61.97
C HIS D 828 -3.79 -12.79 -61.02
N LYS D 829 -2.48 -12.63 -61.24
CA LYS D 829 -1.48 -13.21 -60.36
C LYS D 829 -1.25 -12.29 -59.16
N ALA D 830 -1.51 -12.80 -57.96
CA ALA D 830 -1.29 -12.02 -56.76
C ALA D 830 0.20 -11.89 -56.47
N SER D 831 0.57 -10.84 -55.73
CA SER D 831 1.97 -10.58 -55.42
C SER D 831 2.06 -9.75 -54.15
N ALA D 832 3.29 -9.53 -53.70
CA ALA D 832 3.55 -8.78 -52.48
C ALA D 832 4.71 -7.83 -52.72
N THR D 833 4.56 -6.61 -52.21
CA THR D 833 5.52 -5.53 -52.44
C THR D 833 5.98 -5.00 -51.09
N ILE D 834 7.05 -5.59 -50.54
CA ILE D 834 7.60 -5.09 -49.29
C ILE D 834 8.18 -3.71 -49.53
N ILE D 835 7.70 -2.73 -48.77
CA ILE D 835 8.11 -1.35 -48.98
C ILE D 835 8.87 -0.82 -47.77
N GLU D 836 8.22 -0.75 -46.61
CA GLU D 836 8.85 -0.15 -45.45
C GLU D 836 9.28 -1.22 -44.47
N PRO D 837 10.56 -1.27 -44.07
CA PRO D 837 11.58 -0.35 -44.56
C PRO D 837 12.31 -0.91 -45.78
N ALA D 838 13.20 -0.10 -46.38
CA ALA D 838 13.87 -0.51 -47.60
C ALA D 838 15.08 -1.39 -47.33
N GLY D 839 15.75 -1.20 -46.19
CA GLY D 839 16.94 -1.96 -45.86
C GLY D 839 18.20 -1.50 -46.56
N GLU D 840 18.09 -0.85 -47.72
CA GLU D 840 19.24 -0.29 -48.42
C GLU D 840 19.92 0.82 -47.65
N SER D 841 19.26 1.37 -46.63
CA SER D 841 19.86 2.43 -45.82
C SER D 841 21.05 1.90 -45.04
N ASP D 842 22.21 2.52 -45.25
CA ASP D 842 23.40 2.14 -44.51
C ASP D 842 23.20 2.31 -43.01
N ASN D 843 22.32 3.21 -42.61
CA ASN D 843 21.97 3.39 -41.20
C ASN D 843 21.22 2.16 -40.71
N PRO D 844 21.81 1.34 -39.85
CA PRO D 844 21.14 0.13 -39.38
C PRO D 844 20.20 0.44 -38.21
N LEU D 845 19.65 -0.63 -37.65
CA LEU D 845 18.79 -0.52 -36.47
C LEU D 845 19.60 -0.95 -35.25
N ARG D 846 19.60 -0.10 -34.23
CA ARG D 846 20.45 -0.29 -33.06
C ARG D 846 19.74 -1.10 -32.00
N PHE D 847 20.52 -1.88 -31.25
CA PHE D 847 19.94 -2.63 -30.14
C PHE D 847 21.01 -2.85 -29.08
N THR D 848 20.56 -3.27 -27.90
CA THR D 848 21.43 -3.37 -26.74
C THR D 848 21.75 -4.83 -26.41
N SER D 849 22.52 -5.05 -25.35
CA SER D 849 23.12 -6.36 -25.07
C SER D 849 22.05 -7.30 -24.49
N GLY D 850 21.11 -7.67 -25.34
CA GLY D 850 20.09 -8.66 -25.02
C GLY D 850 18.79 -8.00 -24.64
N LEU D 851 17.90 -7.86 -25.63
CA LEU D 851 16.64 -7.13 -25.49
C LEU D 851 15.89 -7.24 -26.81
N VAL D 852 14.63 -6.84 -26.83
CA VAL D 852 13.85 -6.84 -28.04
C VAL D 852 14.33 -5.72 -28.96
N VAL D 853 13.88 -5.76 -30.22
CA VAL D 853 13.91 -4.58 -31.07
C VAL D 853 12.75 -4.69 -32.05
N ALA D 854 12.07 -3.57 -32.31
CA ALA D 854 10.87 -3.58 -33.13
C ALA D 854 11.23 -3.32 -34.58
N LEU D 855 10.49 -3.97 -35.49
CA LEU D 855 10.66 -3.77 -36.92
C LEU D 855 9.29 -3.62 -37.53
N ASP D 856 9.01 -2.44 -38.09
CA ASP D 856 7.71 -2.16 -38.69
C ASP D 856 7.73 -2.59 -40.15
N VAL D 857 6.91 -3.59 -40.47
CA VAL D 857 6.76 -4.06 -41.84
C VAL D 857 5.53 -3.39 -42.42
N ASP D 858 5.70 -2.77 -43.59
CA ASP D 858 4.63 -2.06 -44.28
C ASP D 858 4.69 -2.49 -45.74
N ALA D 859 3.75 -3.34 -46.15
CA ALA D 859 3.77 -3.93 -47.48
C ALA D 859 2.36 -4.01 -48.04
N THR D 860 2.23 -3.71 -49.32
CA THR D 860 0.94 -3.82 -49.99
C THR D 860 0.82 -5.16 -50.72
N LEU D 861 -0.40 -5.66 -50.78
CA LEU D 861 -0.74 -6.88 -51.51
C LEU D 861 -1.81 -6.54 -52.54
N GLU D 862 -1.78 -7.24 -53.67
CA GLU D 862 -2.69 -6.94 -54.77
C GLU D 862 -3.39 -8.21 -55.23
N HIS D 863 -4.71 -8.17 -55.26
CA HIS D 863 -5.55 -9.27 -55.75
C HIS D 863 -5.22 -10.58 -55.04
N VAL D 864 -5.13 -10.50 -53.72
CA VAL D 864 -4.96 -11.68 -52.88
C VAL D 864 -6.33 -12.13 -52.38
N GLN D 865 -6.52 -13.44 -52.34
CA GLN D 865 -7.81 -14.02 -51.96
C GLN D 865 -7.85 -14.15 -50.44
N ASP D 866 -8.46 -13.15 -49.79
CA ASP D 866 -8.68 -13.17 -48.34
C ASP D 866 -7.36 -13.32 -47.60
N PRO D 867 -6.52 -12.29 -47.58
CA PRO D 867 -5.17 -12.44 -46.99
C PRO D 867 -5.17 -12.66 -45.49
N GLN D 868 -6.30 -12.42 -44.81
CA GLN D 868 -6.33 -12.53 -43.35
C GLN D 868 -5.88 -13.90 -42.87
N ASN D 869 -6.06 -14.94 -43.69
CA ASN D 869 -5.70 -16.30 -43.32
C ASN D 869 -4.39 -16.75 -43.95
N THR D 870 -4.26 -16.58 -45.26
CA THR D 870 -3.22 -17.29 -46.00
C THR D 870 -1.90 -16.54 -46.10
N VAL D 871 -1.66 -15.55 -45.24
CA VAL D 871 -0.42 -14.78 -45.30
C VAL D 871 0.29 -14.85 -43.96
N LYS D 872 1.61 -14.99 -44.00
CA LYS D 872 2.46 -15.00 -42.82
C LYS D 872 3.74 -14.23 -43.13
N VAL D 873 4.48 -13.83 -42.10
CA VAL D 873 5.79 -13.23 -42.28
C VAL D 873 6.84 -14.14 -41.69
N GLN D 874 7.92 -14.34 -42.43
CA GLN D 874 8.97 -15.27 -42.05
C GLN D 874 10.26 -14.52 -41.78
N VAL D 875 10.89 -14.83 -40.64
CA VAL D 875 12.12 -14.19 -40.20
C VAL D 875 13.20 -15.27 -40.14
N LEU D 876 14.32 -15.00 -40.79
CA LEU D 876 15.48 -15.90 -40.85
C LEU D 876 16.68 -15.21 -40.23
N TYR D 877 17.21 -15.80 -39.17
CA TYR D 877 18.52 -15.42 -38.68
C TYR D 877 19.59 -16.22 -39.43
N PRO D 878 20.76 -15.63 -39.65
CA PRO D 878 21.80 -16.32 -40.44
C PRO D 878 22.20 -17.68 -39.89
N ASP D 879 21.81 -18.02 -38.66
CA ASP D 879 22.16 -19.32 -38.09
C ASP D 879 21.42 -20.46 -38.80
N GLY D 880 20.12 -20.31 -39.03
CA GLY D 880 19.32 -21.35 -39.65
C GLY D 880 17.94 -21.54 -39.04
N GLN D 881 17.60 -20.89 -37.94
CA GLN D 881 16.26 -21.00 -37.39
C GLN D 881 15.27 -20.25 -38.27
N ALA D 882 14.00 -20.30 -37.89
CA ALA D 882 12.94 -19.67 -38.67
C ALA D 882 11.79 -19.31 -37.74
N GLN D 883 11.41 -18.04 -37.70
CA GLN D 883 10.24 -17.60 -36.97
C GLN D 883 9.13 -17.32 -37.97
N MET D 884 7.98 -17.96 -37.77
CA MET D 884 6.82 -17.78 -38.65
C MET D 884 5.75 -17.01 -37.86
N ILE D 885 5.71 -15.69 -38.06
CA ILE D 885 4.78 -14.83 -37.37
C ILE D 885 3.50 -14.76 -38.19
N HIS D 886 2.47 -15.37 -37.68
CA HIS D 886 1.13 -15.16 -38.21
C HIS D 886 0.68 -13.76 -37.83
N PRO D 887 0.15 -12.96 -38.76
CA PRO D 887 -0.32 -11.62 -38.41
C PRO D 887 -1.76 -11.63 -37.94
N LYS D 888 -2.05 -10.71 -37.01
CA LYS D 888 -3.37 -10.61 -36.42
C LYS D 888 -4.37 -10.12 -37.47
N PRO D 889 -5.68 -10.27 -37.19
CA PRO D 889 -6.68 -9.82 -38.17
C PRO D 889 -6.64 -8.31 -38.42
N ALA D 890 -6.69 -7.51 -37.36
CA ALA D 890 -6.88 -6.07 -37.53
C ALA D 890 -5.63 -5.33 -37.97
N ASP D 891 -4.62 -6.02 -38.48
CA ASP D 891 -3.47 -5.33 -39.03
C ASP D 891 -3.42 -5.38 -40.55
N PHE D 892 -4.38 -6.03 -41.19
CA PHE D 892 -4.51 -6.01 -42.64
C PHE D 892 -5.52 -4.92 -43.02
N ARG D 893 -5.03 -3.75 -43.37
CA ARG D 893 -5.93 -2.67 -43.76
C ARG D 893 -6.53 -2.94 -45.13
N ASN D 894 -7.62 -2.23 -45.42
CA ASN D 894 -8.38 -2.41 -46.66
C ASN D 894 -8.58 -1.05 -47.31
N PRO D 895 -7.71 -0.66 -48.25
CA PRO D 895 -7.84 0.64 -48.90
C PRO D 895 -8.69 0.67 -50.17
N GLY D 896 -8.95 -0.46 -50.81
CA GLY D 896 -9.68 -0.48 -52.05
C GLY D 896 -9.82 -1.84 -52.67
N PRO D 897 -10.47 -1.91 -53.84
CA PRO D 897 -10.74 -3.21 -54.46
C PRO D 897 -9.46 -3.88 -54.91
N GLY D 898 -9.33 -5.17 -54.58
CA GLY D 898 -8.18 -5.96 -54.99
C GLY D 898 -6.86 -5.56 -54.38
N ARG D 899 -6.81 -4.46 -53.63
CA ARG D 899 -5.60 -4.01 -52.98
C ARG D 899 -5.80 -4.03 -51.47
N HIS D 900 -4.84 -4.61 -50.77
CA HIS D 900 -4.87 -4.66 -49.32
C HIS D 900 -3.52 -4.15 -48.80
N ARG D 901 -3.54 -3.64 -47.57
CA ARG D 901 -2.33 -3.12 -46.96
C ARG D 901 -2.06 -3.89 -45.67
N LEU D 902 -0.78 -4.23 -45.45
CA LEU D 902 -0.36 -4.97 -44.27
C LEU D 902 0.70 -4.13 -43.57
N ILE D 903 0.34 -3.58 -42.42
CA ILE D 903 1.28 -2.93 -41.52
C ILE D 903 1.30 -3.72 -40.22
N THR D 904 2.48 -4.11 -39.79
CA THR D 904 2.59 -4.97 -38.62
C THR D 904 3.94 -4.74 -37.95
N GLN D 905 4.07 -5.29 -36.76
CA GLN D 905 5.29 -5.23 -35.98
C GLN D 905 5.90 -6.62 -35.90
N VAL D 906 7.21 -6.71 -36.03
CA VAL D 906 7.95 -7.97 -35.95
C VAL D 906 9.06 -7.77 -34.94
N TYR D 907 9.22 -8.74 -34.04
CA TYR D 907 10.12 -8.59 -32.90
C TYR D 907 11.41 -9.33 -33.18
N LEU D 908 12.49 -8.57 -33.36
CA LEU D 908 13.79 -9.13 -33.66
C LEU D 908 14.63 -9.16 -32.39
N SER D 909 15.09 -10.35 -32.04
CA SER D 909 16.14 -10.56 -31.06
C SER D 909 16.50 -12.03 -31.05
N HIS D 910 17.43 -12.38 -30.16
CA HIS D 910 17.94 -13.74 -30.06
C HIS D 910 18.81 -13.78 -28.81
N THR D 911 19.55 -14.88 -28.67
CA THR D 911 20.62 -14.91 -27.70
C THR D 911 21.63 -13.80 -28.02
N ALA D 912 22.54 -13.58 -27.08
CA ALA D 912 23.50 -12.49 -27.19
C ALA D 912 24.15 -12.43 -28.57
N TRP D 913 24.22 -11.23 -29.13
CA TRP D 913 24.82 -10.99 -30.44
C TRP D 913 26.11 -10.20 -30.28
N THR D 914 27.13 -10.58 -31.04
CA THR D 914 28.43 -9.93 -30.90
C THR D 914 28.57 -8.74 -31.85
N GLU D 915 28.42 -8.98 -33.14
CA GLU D 915 28.67 -7.96 -34.16
C GLU D 915 27.40 -7.67 -34.94
N ALA D 916 27.35 -6.47 -35.51
CA ALA D 916 26.27 -6.10 -36.41
C ALA D 916 26.18 -7.10 -37.56
N CYS D 917 24.95 -7.46 -37.91
CA CYS D 917 24.76 -8.48 -38.94
C CYS D 917 23.50 -8.15 -39.72
N GLN D 918 23.10 -9.10 -40.57
CA GLN D 918 21.90 -8.98 -41.39
C GLN D 918 20.88 -10.03 -40.95
N VAL D 919 19.60 -9.70 -41.10
CA VAL D 919 18.51 -10.64 -40.88
C VAL D 919 17.60 -10.60 -42.08
N GLU D 920 16.81 -11.66 -42.26
CA GLU D 920 15.95 -11.79 -43.43
C GLU D 920 14.50 -11.75 -43.00
N VAL D 921 13.71 -10.89 -43.65
CA VAL D 921 12.27 -10.82 -43.44
C VAL D 921 11.60 -10.90 -44.80
N ARG D 922 10.65 -11.84 -44.94
CA ARG D 922 9.97 -12.01 -46.20
C ARG D 922 8.53 -12.45 -45.93
N LEU D 923 7.76 -12.57 -47.00
CA LEU D 923 6.37 -12.98 -46.90
C LEU D 923 6.25 -14.47 -47.21
N LEU D 924 5.10 -15.03 -46.86
CA LEU D 924 4.81 -16.43 -47.17
C LEU D 924 3.32 -16.61 -47.31
N LEU D 925 2.90 -17.43 -48.27
CA LEU D 925 1.51 -17.81 -48.43
C LEU D 925 1.33 -19.19 -47.81
N ALA D 926 0.52 -19.27 -46.75
CA ALA D 926 0.28 -20.51 -46.05
C ALA D 926 -1.00 -21.15 -46.56
N TYR D 927 -0.93 -22.44 -46.85
CA TYR D 927 -2.05 -23.17 -47.44
C TYR D 927 -2.31 -24.44 -46.65
N ASN D 928 -3.59 -24.83 -46.63
CA ASN D 928 -4.05 -26.06 -46.00
C ASN D 928 -4.88 -26.83 -47.01
N SER D 929 -4.42 -28.02 -47.37
CA SER D 929 -5.10 -28.84 -48.37
C SER D 929 -6.12 -29.78 -47.70
N GLU D 953 -0.98 -26.41 -44.47
CA GLU D 953 0.05 -27.41 -44.21
C GLU D 953 1.37 -27.05 -44.87
N GLY D 954 1.35 -26.06 -45.78
CA GLY D 954 2.55 -25.71 -46.51
C GLY D 954 2.71 -24.21 -46.68
N THR D 955 3.91 -23.83 -47.09
CA THR D 955 4.29 -22.43 -47.24
C THR D 955 4.89 -22.19 -48.62
N ILE D 956 4.47 -21.10 -49.25
CA ILE D 956 4.94 -20.72 -50.58
C ILE D 956 5.59 -19.34 -50.51
N PRO D 957 6.88 -19.21 -50.85
CA PRO D 957 7.50 -17.88 -50.88
C PRO D 957 7.16 -17.14 -52.17
N PHE D 958 6.62 -15.92 -52.05
CA PHE D 958 6.18 -15.18 -53.22
C PHE D 958 6.52 -13.70 -53.18
N SER D 959 7.37 -13.27 -52.26
CA SER D 959 7.85 -11.89 -52.23
C SER D 959 9.36 -11.87 -52.21
N LYS D 960 9.93 -10.82 -52.78
CA LYS D 960 11.38 -10.70 -52.72
C LYS D 960 11.82 -10.35 -51.31
N PRO D 961 12.66 -11.19 -50.70
CA PRO D 961 13.03 -10.98 -49.30
C PRO D 961 13.77 -9.67 -49.08
N VAL D 962 13.70 -9.19 -47.84
CA VAL D 962 14.33 -7.94 -47.43
C VAL D 962 15.31 -8.24 -46.32
N LYS D 963 16.56 -7.83 -46.50
CA LYS D 963 17.59 -8.01 -45.49
C LYS D 963 17.75 -6.69 -44.72
N VAL D 964 17.65 -6.78 -43.40
CA VAL D 964 17.74 -5.61 -42.52
C VAL D 964 18.99 -5.73 -41.67
N TYR D 965 19.71 -4.63 -41.52
CA TYR D 965 20.98 -4.62 -40.81
C TYR D 965 20.77 -4.18 -39.37
N ILE D 966 21.24 -4.99 -38.43
CA ILE D 966 21.06 -4.76 -37.01
C ILE D 966 22.44 -4.59 -36.38
N MET D 967 22.56 -3.61 -35.49
CA MET D 967 23.85 -3.22 -34.94
C MET D 967 23.81 -3.16 -33.43
N PRO D 968 24.80 -3.74 -32.74
CA PRO D 968 24.75 -3.84 -31.29
C PRO D 968 25.43 -2.68 -30.57
N LYS D 969 24.98 -2.46 -29.34
CA LYS D 969 25.60 -1.51 -28.42
C LYS D 969 25.27 -1.90 -27.00
N PRO D 970 26.19 -2.53 -26.27
CA PRO D 970 25.90 -3.00 -24.92
C PRO D 970 25.42 -1.88 -24.01
N ALA D 971 24.49 -2.23 -23.13
CA ALA D 971 23.76 -1.24 -22.35
C ALA D 971 24.68 -0.52 -21.37
N ARG D 972 24.15 0.53 -20.76
CA ARG D 972 24.93 1.42 -19.91
C ARG D 972 25.06 0.87 -18.49
ZN ZN E . 4.71 22.21 25.49
ZN ZN F . 2.85 21.27 28.61
#